data_6RRE
#
_entry.id   6RRE
#
_cell.length_a   63.570
_cell.length_b   141.643
_cell.length_c   234.298
_cell.angle_alpha   90.000
_cell.angle_beta   92.750
_cell.angle_gamma   90.000
#
_symmetry.space_group_name_H-M   'P 1 21 1'
#
loop_
_entity.id
_entity.type
_entity.pdbx_description
1 polymer 'Adenosine monophosphate-protein hydrolase SidD'
2 non-polymer 'MAGNESIUM ION'
3 water water
#
_entity_poly.entity_id   1
_entity_poly.type   'polypeptide(L)'
_entity_poly.pdbx_seq_one_letter_code
;MRSIITQICNGVLHGQSYQSGSNDLDKGNSEIFASSLFVHLNEQGKEIIKHKDSDDKIVIGYTKDGMAFQIVVDGFYGCE
RQAVFSFIDNYVLPLIDNFSLDLTRYPDSKKVTESLIHTIYSLRSKHAPLAEFTMSLCVTYQKDEQLFCAGFGIGDTGIA
IKRNEGTIEQLVCHTEVDGFKDAFDNYSSANIDLVIERNSVFNTKVMPGDELVGYTYVPPMLEMTEKEFEVETVDGKKIN
KRIVRHLNLDPGNFDDKDPLFSQLLQVVKSKQKQLVEQAKETGQIQRFGDDFTVGRLVIPDQLLINQLRIHALSIGVSDG
LLSYIKNENENKGFLGIYGFFTGADKNIEKATLYKNLIAKYQNNHFISLIILSALVSDSKTPLMTQYLVGYLDFPSKALL
ANKITELLLKELENPDMREILGSRLATDVIEELETKIIRYIHNPAGSDIHSTLNLWTADKIKAATNSSLTI
;
_entity_poly.pdbx_strand_id   A,B,C,D,E,F
#
loop_
_chem_comp.id
_chem_comp.type
_chem_comp.name
_chem_comp.formula
MG non-polymer 'MAGNESIUM ION' 'Mg 2'
#
# COMPACT_ATOMS: atom_id res chain seq x y z
N MET A 1 -6.33 -28.12 -11.94
CA MET A 1 -7.63 -27.55 -11.61
C MET A 1 -8.54 -27.49 -12.84
N ARG A 2 -8.78 -28.64 -13.48
CA ARG A 2 -9.61 -28.67 -14.66
C ARG A 2 -9.97 -30.11 -14.98
N SER A 3 -11.02 -30.27 -15.78
CA SER A 3 -11.40 -31.55 -16.37
C SER A 3 -11.63 -31.32 -17.86
N ILE A 4 -10.88 -32.06 -18.68
CA ILE A 4 -10.76 -31.81 -20.12
C ILE A 4 -11.17 -33.03 -20.93
N ILE A 5 -10.66 -34.20 -20.53
CA ILE A 5 -10.80 -35.43 -21.33
C ILE A 5 -12.28 -35.71 -21.62
N THR A 6 -12.52 -36.54 -22.65
CA THR A 6 -13.89 -36.94 -22.99
C THR A 6 -14.13 -38.45 -23.02
N GLN A 7 -13.26 -39.22 -23.65
CA GLN A 7 -13.40 -40.67 -23.69
C GLN A 7 -12.06 -41.34 -23.42
N ILE A 8 -12.08 -42.39 -22.59
CA ILE A 8 -10.86 -43.10 -22.20
C ILE A 8 -11.09 -44.60 -22.19
N CYS A 9 -10.02 -45.34 -22.49
CA CYS A 9 -9.96 -46.79 -22.37
C CYS A 9 -8.91 -47.10 -21.31
N ASN A 10 -9.34 -47.51 -20.13
CA ASN A 10 -8.43 -47.71 -19.02
C ASN A 10 -7.94 -49.16 -19.05
N GLY A 11 -7.30 -49.61 -17.98
CA GLY A 11 -6.85 -50.99 -17.89
C GLY A 11 -7.93 -52.04 -17.77
N VAL A 12 -8.88 -52.05 -18.70
CA VAL A 12 -10.04 -52.91 -18.61
C VAL A 12 -10.68 -53.01 -19.98
N LEU A 13 -11.23 -54.18 -20.27
CA LEU A 13 -12.06 -54.43 -21.45
C LEU A 13 -13.05 -55.51 -21.05
N HIS A 14 -14.18 -55.56 -21.74
CA HIS A 14 -15.17 -56.56 -21.44
C HIS A 14 -14.83 -57.84 -22.20
N GLY A 15 -15.76 -58.79 -22.24
CA GLY A 15 -15.48 -60.04 -22.93
C GLY A 15 -15.15 -59.85 -24.40
N GLN A 16 -13.88 -60.02 -24.75
CA GLN A 16 -13.35 -60.08 -26.10
C GLN A 16 -13.45 -58.74 -26.84
N SER A 17 -14.05 -57.71 -26.25
CA SER A 17 -14.22 -56.44 -26.94
C SER A 17 -14.64 -55.37 -25.95
N TYR A 18 -14.45 -54.13 -26.36
CA TYR A 18 -14.87 -52.92 -25.64
C TYR A 18 -14.97 -51.84 -26.70
N GLN A 19 -16.13 -51.23 -26.89
CA GLN A 19 -16.16 -50.22 -27.95
C GLN A 19 -15.97 -48.77 -27.50
N SER A 20 -16.93 -48.15 -26.84
CA SER A 20 -16.86 -46.69 -26.75
C SER A 20 -17.92 -46.18 -25.80
N GLY A 21 -18.07 -44.85 -25.75
CA GLY A 21 -19.09 -44.19 -24.96
C GLY A 21 -19.87 -43.19 -25.79
N SER A 22 -19.32 -42.84 -26.96
CA SER A 22 -19.86 -41.83 -27.87
C SER A 22 -20.30 -40.57 -27.10
N ASN A 23 -19.33 -39.95 -26.43
CA ASN A 23 -19.54 -38.70 -25.70
C ASN A 23 -20.24 -37.63 -26.53
N ASP A 24 -21.42 -37.20 -26.08
CA ASP A 24 -22.16 -36.12 -26.73
C ASP A 24 -21.26 -34.92 -26.97
N LEU A 25 -20.37 -34.62 -26.01
CA LEU A 25 -19.52 -33.43 -26.08
C LEU A 25 -18.74 -33.36 -27.39
N ASP A 26 -18.42 -34.51 -27.99
CA ASP A 26 -17.75 -34.54 -29.28
C ASP A 26 -18.73 -34.65 -30.43
N LYS A 27 -20.02 -34.72 -30.16
CA LYS A 27 -21.06 -34.77 -31.18
C LYS A 27 -20.80 -35.92 -32.16
N GLY A 28 -20.54 -37.09 -31.61
CA GLY A 28 -20.37 -38.29 -32.41
C GLY A 28 -19.02 -38.41 -33.09
N ASN A 29 -18.01 -37.68 -32.61
CA ASN A 29 -16.67 -37.71 -33.20
C ASN A 29 -15.62 -38.39 -32.33
N SER A 30 -15.96 -38.86 -31.14
CA SER A 30 -15.01 -39.52 -30.24
C SER A 30 -15.37 -40.99 -30.15
N GLU A 31 -14.61 -41.84 -30.84
CA GLU A 31 -14.80 -43.28 -30.79
C GLU A 31 -13.45 -43.97 -30.66
N ILE A 32 -13.43 -45.09 -29.92
CA ILE A 32 -12.26 -45.96 -29.77
C ILE A 32 -12.75 -47.40 -29.85
N PHE A 33 -11.80 -48.33 -29.86
CA PHE A 33 -12.13 -49.74 -29.93
C PHE A 33 -10.95 -50.54 -29.39
N ALA A 34 -11.25 -51.66 -28.75
CA ALA A 34 -10.24 -52.51 -28.11
C ALA A 34 -10.65 -53.97 -28.21
N SER A 35 -9.68 -54.84 -28.50
CA SER A 35 -9.91 -56.28 -28.53
C SER A 35 -8.58 -57.00 -28.31
N SER A 36 -8.68 -58.30 -28.02
CA SER A 36 -7.52 -59.16 -27.80
C SER A 36 -7.29 -60.03 -29.03
N LEU A 37 -6.03 -60.22 -29.41
CA LEU A 37 -5.69 -60.74 -30.72
C LEU A 37 -4.78 -61.96 -30.65
N PHE A 38 -4.97 -62.82 -29.64
CA PHE A 38 -4.19 -64.06 -29.58
C PHE A 38 -4.74 -65.10 -30.54
N LYS A 52 -6.85 -61.80 -23.00
CA LYS A 52 -7.84 -62.02 -21.95
C LYS A 52 -7.97 -60.77 -21.06
N ASP A 53 -6.95 -59.91 -21.13
CA ASP A 53 -6.94 -58.65 -20.40
C ASP A 53 -6.24 -57.61 -21.27
N SER A 54 -6.60 -56.35 -21.07
CA SER A 54 -6.01 -55.26 -21.86
C SER A 54 -4.85 -54.61 -21.12
N ASP A 55 -3.81 -54.28 -21.86
CA ASP A 55 -2.68 -53.53 -21.31
C ASP A 55 -2.51 -52.15 -21.90
N ASP A 56 -3.15 -51.87 -23.04
CA ASP A 56 -3.02 -50.58 -23.71
C ASP A 56 -3.98 -49.56 -23.11
N LYS A 57 -3.78 -48.30 -23.49
CA LYS A 57 -4.65 -47.23 -23.03
C LYS A 57 -4.66 -46.12 -24.07
N ILE A 58 -5.86 -45.67 -24.44
CA ILE A 58 -6.04 -44.61 -25.42
C ILE A 58 -6.85 -43.50 -24.78
N VAL A 59 -6.44 -42.25 -25.02
CA VAL A 59 -7.08 -41.07 -24.44
C VAL A 59 -7.32 -40.06 -25.55
N ILE A 60 -8.56 -39.59 -25.66
CA ILE A 60 -8.96 -38.57 -26.63
C ILE A 60 -9.67 -37.46 -25.86
N GLY A 61 -9.29 -36.23 -26.11
CA GLY A 61 -9.88 -35.11 -25.38
C GLY A 61 -9.64 -33.79 -26.06
N TYR A 62 -9.96 -32.72 -25.32
CA TYR A 62 -9.94 -31.36 -25.84
C TYR A 62 -9.41 -30.42 -24.78
N THR A 63 -8.61 -29.45 -25.21
CA THR A 63 -7.95 -28.53 -24.27
C THR A 63 -8.97 -27.60 -23.62
N LYS A 64 -8.49 -26.85 -22.64
CA LYS A 64 -9.30 -25.79 -22.05
C LYS A 64 -9.60 -24.71 -23.09
N ASP A 65 -8.67 -24.47 -24.01
CA ASP A 65 -8.93 -23.65 -25.19
C ASP A 65 -9.64 -24.43 -26.29
N GLY A 66 -9.96 -25.70 -26.05
CA GLY A 66 -10.75 -26.47 -26.98
C GLY A 66 -10.00 -27.14 -28.11
N MET A 67 -8.70 -27.37 -27.97
CA MET A 67 -7.95 -27.97 -29.05
C MET A 67 -8.00 -29.50 -28.93
N ALA A 68 -8.06 -30.16 -30.08
CA ALA A 68 -8.24 -31.61 -30.12
C ALA A 68 -6.91 -32.32 -29.91
N PHE A 69 -6.99 -33.53 -29.34
CA PHE A 69 -5.81 -34.36 -29.18
C PHE A 69 -6.22 -35.82 -28.98
N GLN A 70 -5.23 -36.70 -29.16
CA GLN A 70 -5.39 -38.13 -28.95
C GLN A 70 -4.07 -38.71 -28.47
N ILE A 71 -4.12 -39.51 -27.42
CA ILE A 71 -2.96 -40.19 -26.87
C ILE A 71 -3.18 -41.69 -26.98
N VAL A 72 -2.14 -42.42 -27.39
CA VAL A 72 -2.20 -43.87 -27.57
C VAL A 72 -1.02 -44.48 -26.81
N VAL A 73 -1.30 -45.44 -25.92
CA VAL A 73 -0.30 -46.08 -25.07
C VAL A 73 -0.45 -47.59 -25.20
N ASP A 74 0.68 -48.29 -25.27
CA ASP A 74 0.72 -49.74 -25.16
C ASP A 74 1.83 -50.11 -24.18
N GLY A 75 1.48 -50.81 -23.10
CA GLY A 75 2.43 -51.18 -22.08
C GLY A 75 3.20 -52.45 -22.43
N PHE A 76 4.02 -52.89 -21.48
CA PHE A 76 4.84 -54.08 -21.65
C PHE A 76 4.40 -55.23 -20.76
N TYR A 77 4.38 -55.02 -19.44
CA TYR A 77 4.11 -56.06 -18.47
C TYR A 77 2.72 -55.87 -17.87
N GLY A 78 1.90 -56.91 -17.93
CA GLY A 78 0.63 -56.86 -17.25
C GLY A 78 0.73 -56.81 -15.73
N CYS A 79 1.94 -56.90 -15.19
CA CYS A 79 2.14 -56.88 -13.75
C CYS A 79 2.02 -55.47 -13.17
N GLU A 80 2.70 -54.48 -13.77
CA GLU A 80 2.59 -53.14 -13.21
C GLU A 80 1.29 -52.51 -13.68
N ARG A 81 1.21 -52.20 -14.97
CA ARG A 81 -0.05 -52.08 -15.70
C ARG A 81 -1.00 -51.02 -15.14
N GLN A 82 -0.64 -50.39 -14.02
CA GLN A 82 -1.56 -49.42 -13.44
C GLN A 82 -0.89 -48.09 -13.13
N ALA A 83 0.34 -48.12 -12.61
CA ALA A 83 1.12 -46.90 -12.46
C ALA A 83 1.44 -46.29 -13.81
N VAL A 84 1.46 -47.10 -14.87
CA VAL A 84 1.57 -46.58 -16.23
C VAL A 84 0.40 -45.64 -16.50
N PHE A 85 -0.81 -46.05 -16.11
CA PHE A 85 -2.00 -45.25 -16.37
C PHE A 85 -2.05 -44.05 -15.42
N SER A 86 -1.85 -44.30 -14.12
CA SER A 86 -1.81 -43.21 -13.15
C SER A 86 -0.67 -42.23 -13.45
N PHE A 87 0.33 -42.65 -14.23
CA PHE A 87 1.36 -41.70 -14.66
C PHE A 87 0.80 -40.74 -15.70
N ILE A 88 -0.02 -41.25 -16.62
CA ILE A 88 -0.59 -40.42 -17.67
C ILE A 88 -1.64 -39.49 -17.07
N ASP A 89 -2.53 -40.03 -16.22
CA ASP A 89 -3.65 -39.28 -15.68
C ASP A 89 -3.22 -38.19 -14.70
N ASN A 90 -2.09 -38.38 -14.02
CA ASN A 90 -1.67 -37.41 -13.00
C ASN A 90 -0.67 -36.39 -13.50
N TYR A 91 0.19 -36.74 -14.45
CA TYR A 91 1.27 -35.85 -14.84
C TYR A 91 1.33 -35.57 -16.34
N VAL A 92 1.03 -36.55 -17.19
CA VAL A 92 1.15 -36.34 -18.63
C VAL A 92 0.00 -35.48 -19.15
N LEU A 93 -1.21 -35.68 -18.61
CA LEU A 93 -2.35 -34.92 -19.12
C LEU A 93 -2.19 -33.40 -18.96
N PRO A 94 -1.77 -32.87 -17.80
CA PRO A 94 -1.58 -31.41 -17.71
C PRO A 94 -0.48 -30.88 -18.63
N LEU A 95 0.29 -31.77 -19.27
CA LEU A 95 1.34 -31.34 -20.19
C LEU A 95 0.80 -31.04 -21.59
N ILE A 96 -0.42 -31.46 -21.90
CA ILE A 96 -0.96 -31.25 -23.25
C ILE A 96 -1.22 -29.77 -23.49
N ASP A 97 -1.77 -29.06 -22.49
CA ASP A 97 -2.02 -27.63 -22.66
C ASP A 97 -0.71 -26.89 -22.91
N ASN A 98 0.34 -27.22 -22.16
CA ASN A 98 1.64 -26.61 -22.41
C ASN A 98 2.20 -27.00 -23.77
N PHE A 99 1.72 -28.10 -24.36
CA PHE A 99 2.19 -28.50 -25.68
C PHE A 99 1.54 -27.65 -26.76
N SER A 100 0.20 -27.62 -26.79
CA SER A 100 -0.50 -26.86 -27.81
C SER A 100 -0.20 -25.38 -27.72
N LEU A 101 0.02 -24.86 -26.52
CA LEU A 101 0.37 -23.46 -26.35
C LEU A 101 1.75 -23.16 -26.94
N ASP A 102 2.76 -23.95 -26.55
CA ASP A 102 4.08 -23.76 -27.12
C ASP A 102 4.07 -24.01 -28.62
N LEU A 103 3.14 -24.83 -29.10
CA LEU A 103 2.95 -24.96 -30.54
C LEU A 103 2.39 -23.68 -31.13
N THR A 104 1.50 -23.00 -30.40
CA THR A 104 0.96 -21.73 -30.88
C THR A 104 1.99 -20.60 -30.71
N ARG A 105 2.63 -20.53 -29.54
CA ARG A 105 3.58 -19.45 -29.28
C ARG A 105 4.86 -19.64 -30.09
N TYR A 106 5.50 -20.79 -29.94
CA TYR A 106 6.79 -20.99 -30.58
C TYR A 106 6.61 -21.70 -31.91
N PRO A 107 7.24 -21.23 -32.98
CA PRO A 107 6.99 -21.80 -34.30
C PRO A 107 7.71 -23.12 -34.50
N ASP A 108 8.87 -23.25 -33.86
CA ASP A 108 9.72 -24.42 -34.05
C ASP A 108 9.06 -25.64 -33.41
N SER A 109 8.49 -26.51 -34.25
CA SER A 109 7.84 -27.72 -33.76
C SER A 109 8.83 -28.69 -33.11
N LYS A 110 10.05 -28.78 -33.64
CA LYS A 110 10.97 -29.81 -33.17
C LYS A 110 11.48 -29.53 -31.75
N LYS A 111 11.68 -28.26 -31.39
CA LYS A 111 12.34 -27.94 -30.13
C LYS A 111 11.52 -28.39 -28.93
N VAL A 112 10.26 -27.96 -28.83
CA VAL A 112 9.47 -28.25 -27.64
C VAL A 112 9.15 -29.73 -27.56
N THR A 113 8.99 -30.41 -28.71
CA THR A 113 8.68 -31.83 -28.69
C THR A 113 9.77 -32.64 -28.00
N GLU A 114 11.04 -32.37 -28.32
CA GLU A 114 12.12 -33.05 -27.63
C GLU A 114 12.12 -32.69 -26.15
N SER A 115 11.91 -31.42 -25.82
CA SER A 115 11.83 -31.01 -24.42
C SER A 115 10.67 -31.70 -23.73
N LEU A 116 9.55 -31.86 -24.46
CA LEU A 116 8.42 -32.59 -23.90
C LEU A 116 8.81 -34.03 -23.59
N ILE A 117 9.47 -34.69 -24.56
CA ILE A 117 9.95 -36.05 -24.32
C ILE A 117 10.97 -36.04 -23.19
N HIS A 118 11.85 -35.04 -23.18
CA HIS A 118 12.80 -34.89 -22.09
C HIS A 118 12.07 -34.70 -20.76
N THR A 119 11.06 -33.82 -20.73
CA THR A 119 10.28 -33.64 -19.51
C THR A 119 9.52 -34.92 -19.16
N ILE A 120 9.10 -35.69 -20.17
CA ILE A 120 8.46 -36.97 -19.89
C ILE A 120 9.48 -37.95 -19.30
N TYR A 121 10.68 -38.02 -19.89
CA TYR A 121 11.68 -38.95 -19.41
C TYR A 121 12.13 -38.60 -18.00
N SER A 122 12.43 -37.32 -17.75
CA SER A 122 12.83 -36.91 -16.40
C SER A 122 11.70 -37.16 -15.40
N LEU A 123 10.45 -36.95 -15.82
CA LEU A 123 9.32 -37.19 -14.93
C LEU A 123 9.07 -38.67 -14.73
N ARG A 124 9.20 -39.46 -15.80
CA ARG A 124 8.95 -40.89 -15.68
C ARG A 124 10.00 -41.58 -14.80
N SER A 125 11.17 -40.96 -14.63
CA SER A 125 12.23 -41.55 -13.82
C SER A 125 11.94 -41.36 -12.33
N LYS A 126 11.72 -40.12 -11.91
CA LYS A 126 11.59 -39.80 -10.48
C LYS A 126 10.19 -40.01 -9.94
N HIS A 127 9.25 -40.54 -10.73
CA HIS A 127 7.90 -40.78 -10.26
C HIS A 127 7.44 -42.22 -10.43
N ALA A 128 7.81 -42.87 -11.54
CA ALA A 128 7.48 -44.28 -11.76
C ALA A 128 8.41 -44.86 -12.81
N PRO A 129 9.70 -45.07 -12.48
CA PRO A 129 10.63 -45.59 -13.49
C PRO A 129 10.35 -47.03 -13.86
N LEU A 130 9.50 -47.73 -13.10
CA LEU A 130 9.15 -49.11 -13.38
C LEU A 130 8.27 -49.22 -14.61
N ALA A 131 7.71 -48.12 -15.08
CA ALA A 131 6.78 -48.13 -16.20
C ALA A 131 7.55 -48.23 -17.51
N GLU A 132 7.20 -49.23 -18.32
CA GLU A 132 7.76 -49.39 -19.65
C GLU A 132 6.63 -49.55 -20.65
N PHE A 133 6.55 -48.63 -21.61
CA PHE A 133 5.44 -48.60 -22.56
C PHE A 133 5.91 -47.92 -23.84
N THR A 134 5.06 -48.00 -24.87
CA THR A 134 5.25 -47.29 -26.12
C THR A 134 4.07 -46.34 -26.30
N MET A 135 4.38 -45.06 -26.53
CA MET A 135 3.35 -44.03 -26.59
C MET A 135 3.42 -43.26 -27.90
N SER A 136 2.26 -42.76 -28.33
CA SER A 136 2.13 -41.88 -29.47
C SER A 136 0.99 -40.93 -29.22
N LEU A 137 1.11 -39.70 -29.72
CA LEU A 137 0.10 -38.69 -29.47
C LEU A 137 0.13 -37.64 -30.57
N CYS A 138 -1.01 -37.00 -30.76
CA CYS A 138 -1.15 -35.86 -31.65
C CYS A 138 -2.02 -34.83 -30.95
N VAL A 139 -1.73 -33.56 -31.19
CA VAL A 139 -2.46 -32.45 -30.57
C VAL A 139 -2.68 -31.39 -31.63
N THR A 140 -3.85 -30.76 -31.62
CA THR A 140 -4.16 -29.71 -32.58
C THR A 140 -3.85 -28.35 -31.97
N TYR A 141 -3.49 -27.40 -32.83
CA TYR A 141 -3.28 -26.03 -32.40
C TYR A 141 -3.56 -25.08 -33.54
N GLN A 142 -4.01 -23.87 -33.19
CA GLN A 142 -4.45 -22.87 -34.15
C GLN A 142 -3.62 -21.61 -33.95
N LYS A 143 -2.62 -21.41 -34.79
CA LYS A 143 -1.83 -20.19 -34.75
C LYS A 143 -2.36 -19.15 -35.73
N ASP A 144 -2.74 -19.60 -36.93
CA ASP A 144 -3.32 -18.76 -37.97
C ASP A 144 -4.77 -19.18 -38.17
N GLU A 145 -5.42 -18.64 -39.20
CA GLU A 145 -6.78 -19.06 -39.52
C GLU A 145 -6.88 -20.56 -39.72
N GLN A 146 -5.83 -21.20 -40.23
CA GLN A 146 -5.84 -22.64 -40.44
C GLN A 146 -5.43 -23.38 -39.18
N LEU A 147 -5.80 -24.66 -39.13
CA LEU A 147 -5.56 -25.52 -37.98
C LEU A 147 -4.30 -26.33 -38.22
N PHE A 148 -3.50 -26.50 -37.17
CA PHE A 148 -2.30 -27.33 -37.23
C PHE A 148 -2.31 -28.37 -36.13
N CYS A 149 -1.77 -29.54 -36.44
CA CYS A 149 -1.60 -30.62 -35.50
C CYS A 149 -0.16 -31.10 -35.55
N ALA A 150 0.40 -31.40 -34.37
CA ALA A 150 1.80 -31.80 -34.28
C ALA A 150 1.94 -32.76 -33.12
N GLY A 151 2.74 -33.80 -33.32
CA GLY A 151 2.98 -34.78 -32.29
C GLY A 151 4.14 -35.68 -32.66
N PHE A 152 4.27 -36.78 -31.91
CA PHE A 152 5.32 -37.76 -32.13
C PHE A 152 4.74 -39.14 -31.89
N GLY A 153 5.64 -40.12 -31.77
CA GLY A 153 5.28 -41.47 -31.40
C GLY A 153 6.48 -42.39 -31.44
N ILE A 154 6.74 -43.06 -30.33
CA ILE A 154 7.90 -43.92 -30.16
C ILE A 154 7.40 -45.32 -29.82
N GLY A 155 7.65 -46.29 -30.71
CA GLY A 155 7.36 -47.66 -30.36
C GLY A 155 6.52 -48.34 -31.39
N ASP A 156 5.82 -49.39 -30.95
CA ASP A 156 4.98 -50.21 -31.80
C ASP A 156 3.62 -49.59 -32.07
N THR A 157 3.46 -48.30 -31.75
CA THR A 157 2.20 -47.60 -31.93
C THR A 157 2.22 -46.87 -33.27
N GLY A 158 1.14 -46.16 -33.56
CA GLY A 158 1.05 -45.44 -34.81
C GLY A 158 -0.22 -44.62 -34.98
N ILE A 159 -0.12 -43.51 -35.72
CA ILE A 159 -1.25 -42.64 -35.99
C ILE A 159 -1.37 -42.48 -37.50
N ALA A 160 -2.61 -42.49 -37.99
CA ALA A 160 -2.88 -42.27 -39.41
C ALA A 160 -3.96 -41.20 -39.54
N ILE A 161 -4.08 -40.64 -40.73
CA ILE A 161 -5.04 -39.58 -40.99
C ILE A 161 -5.68 -39.81 -42.35
N LYS A 162 -6.94 -39.42 -42.48
CA LYS A 162 -7.68 -39.47 -43.74
C LYS A 162 -8.19 -38.08 -44.04
N ARG A 163 -7.87 -37.56 -45.21
CA ARG A 163 -8.18 -36.18 -45.54
C ARG A 163 -9.57 -36.09 -46.17
N ASN A 164 -9.91 -34.92 -46.70
CA ASN A 164 -11.19 -34.66 -47.33
C ASN A 164 -11.29 -35.17 -48.77
N GLU A 165 -10.23 -35.74 -49.32
CA GLU A 165 -10.21 -36.19 -50.70
C GLU A 165 -10.15 -37.70 -50.86
N GLY A 166 -10.10 -38.46 -49.77
CA GLY A 166 -10.03 -39.91 -49.86
C GLY A 166 -8.58 -40.35 -49.94
N THR A 167 -7.72 -39.63 -49.23
CA THR A 167 -6.31 -39.97 -49.10
C THR A 167 -6.03 -40.43 -47.68
N ILE A 168 -5.37 -41.57 -47.53
CA ILE A 168 -4.98 -42.09 -46.23
C ILE A 168 -3.52 -41.69 -46.10
N GLU A 169 -3.30 -40.49 -45.55
CA GLU A 169 -1.96 -40.00 -45.29
C GLU A 169 -1.49 -40.54 -43.96
N GLN A 170 -0.21 -40.93 -43.89
CA GLN A 170 0.32 -41.56 -42.70
C GLN A 170 1.08 -40.55 -41.86
N LEU A 171 0.53 -40.24 -40.70
CA LEU A 171 1.22 -39.56 -39.61
C LEU A 171 2.06 -40.59 -38.87
N VAL A 172 2.39 -40.31 -37.61
CA VAL A 172 3.41 -41.03 -36.85
C VAL A 172 3.40 -42.53 -37.14
N CYS A 173 4.57 -43.06 -37.49
CA CYS A 173 4.69 -44.40 -38.03
C CYS A 173 5.18 -45.37 -36.97
N HIS A 174 5.14 -46.66 -37.32
CA HIS A 174 5.59 -47.73 -36.45
C HIS A 174 7.10 -47.89 -36.62
N THR A 175 7.87 -47.41 -35.66
CA THR A 175 9.32 -47.46 -35.74
C THR A 175 9.84 -48.81 -35.23
N GLU A 176 10.65 -49.47 -36.05
CA GLU A 176 11.27 -50.75 -35.72
C GLU A 176 12.77 -50.60 -35.87
N VAL A 177 13.51 -50.77 -34.78
CA VAL A 177 14.97 -50.66 -34.82
C VAL A 177 15.47 -52.09 -35.02
N ASP A 178 15.63 -52.48 -36.29
CA ASP A 178 16.24 -53.76 -36.69
C ASP A 178 15.71 -54.93 -35.87
N GLY A 179 14.44 -54.88 -35.48
CA GLY A 179 13.87 -55.88 -34.61
C GLY A 179 13.86 -55.49 -33.15
N PHE A 180 14.12 -54.22 -32.83
CA PHE A 180 14.06 -53.70 -31.48
C PHE A 180 13.06 -52.56 -31.46
N LYS A 181 12.21 -52.53 -30.44
CA LYS A 181 11.13 -51.55 -30.36
C LYS A 181 11.59 -50.45 -29.41
N ASP A 182 12.08 -49.35 -29.98
CA ASP A 182 12.46 -48.21 -29.15
C ASP A 182 11.24 -47.74 -28.38
N ALA A 183 11.40 -47.58 -27.07
CA ALA A 183 10.25 -47.34 -26.21
C ALA A 183 10.66 -46.42 -25.07
N PHE A 184 9.74 -46.23 -24.13
CA PHE A 184 9.97 -45.43 -22.93
C PHE A 184 10.53 -46.29 -21.78
N ASP A 185 11.58 -47.05 -22.04
CA ASP A 185 12.19 -47.87 -21.00
C ASP A 185 13.40 -47.15 -20.40
N ASN A 186 13.84 -47.64 -19.24
CA ASN A 186 15.04 -47.10 -18.62
C ASN A 186 16.26 -47.36 -19.50
N TYR A 187 16.23 -48.45 -20.26
CA TYR A 187 17.35 -48.82 -21.10
C TYR A 187 17.65 -47.75 -22.15
N SER A 188 16.62 -47.15 -22.72
CA SER A 188 16.81 -46.07 -23.68
C SER A 188 16.97 -44.71 -23.03
N SER A 189 16.83 -44.61 -21.70
CA SER A 189 16.85 -43.31 -21.02
C SER A 189 18.22 -42.65 -21.05
N ALA A 190 19.24 -43.32 -21.58
CA ALA A 190 20.56 -42.73 -21.75
C ALA A 190 20.89 -42.44 -23.21
N ASN A 191 20.23 -43.13 -24.14
CA ASN A 191 20.37 -42.89 -25.56
C ASN A 191 19.22 -42.04 -26.10
N ILE A 192 18.73 -41.11 -25.28
CA ILE A 192 17.52 -40.34 -25.59
C ILE A 192 17.60 -39.68 -26.96
N ASP A 193 18.64 -38.87 -27.19
CA ASP A 193 18.74 -38.10 -28.42
C ASP A 193 18.75 -39.00 -29.65
N LEU A 194 19.21 -40.24 -29.51
CA LEU A 194 19.16 -41.18 -30.64
C LEU A 194 17.73 -41.61 -30.93
N VAL A 195 16.89 -41.71 -29.90
CA VAL A 195 15.51 -42.16 -30.08
C VAL A 195 14.73 -41.21 -30.98
N ILE A 196 15.02 -39.91 -30.92
CA ILE A 196 14.23 -38.94 -31.68
C ILE A 196 14.58 -39.02 -33.17
N GLU A 197 15.87 -39.09 -33.49
CA GLU A 197 16.29 -39.05 -34.90
C GLU A 197 15.74 -40.23 -35.69
N ARG A 198 15.52 -41.36 -35.02
CA ARG A 198 15.02 -42.58 -35.64
C ARG A 198 13.52 -42.78 -35.47
N ASN A 199 12.86 -42.04 -34.57
CA ASN A 199 11.43 -42.12 -34.41
C ASN A 199 10.74 -40.95 -35.10
N SER A 200 9.41 -40.97 -35.09
CA SER A 200 8.60 -40.08 -35.91
C SER A 200 8.07 -38.93 -35.07
N VAL A 201 8.35 -37.69 -35.53
CA VAL A 201 7.72 -36.49 -35.03
C VAL A 201 7.15 -35.76 -36.25
N PHE A 202 6.10 -34.97 -36.04
CA PHE A 202 5.43 -34.37 -37.19
C PHE A 202 4.83 -33.03 -36.80
N ASN A 203 4.40 -32.31 -37.84
CA ASN A 203 3.58 -31.11 -37.72
C ASN A 203 2.97 -30.91 -39.10
N THR A 204 1.65 -31.00 -39.20
CA THR A 204 1.02 -31.04 -40.51
C THR A 204 -0.25 -30.21 -40.50
N LYS A 205 -0.56 -29.63 -41.65
CA LYS A 205 -1.77 -28.84 -41.82
C LYS A 205 -2.98 -29.76 -41.85
N VAL A 206 -4.07 -29.32 -41.23
CA VAL A 206 -5.28 -30.13 -41.14
C VAL A 206 -6.49 -29.26 -41.46
N MET A 207 -7.49 -29.86 -42.10
CA MET A 207 -8.76 -29.23 -42.43
C MET A 207 -9.88 -29.93 -41.67
N PRO A 208 -10.99 -29.24 -41.38
CA PRO A 208 -12.08 -29.92 -40.68
C PRO A 208 -12.60 -31.10 -41.48
N GLY A 209 -13.00 -32.15 -40.77
CA GLY A 209 -13.43 -33.38 -41.40
C GLY A 209 -12.33 -34.39 -41.63
N ASP A 210 -11.07 -34.00 -41.46
CA ASP A 210 -9.98 -34.96 -41.58
C ASP A 210 -10.07 -35.97 -40.46
N GLU A 211 -9.81 -37.23 -40.80
CA GLU A 211 -10.06 -38.34 -39.88
C GLU A 211 -8.76 -38.80 -39.26
N LEU A 212 -8.58 -38.52 -37.97
CA LEU A 212 -7.41 -38.95 -37.21
C LEU A 212 -7.68 -40.32 -36.61
N VAL A 213 -6.81 -41.28 -36.91
CA VAL A 213 -6.95 -42.66 -36.46
C VAL A 213 -5.66 -43.07 -35.76
N GLY A 214 -5.79 -43.59 -34.54
CA GLY A 214 -4.66 -44.11 -33.80
C GLY A 214 -4.83 -45.58 -33.52
N TYR A 215 -3.74 -46.32 -33.65
CA TYR A 215 -3.73 -47.77 -33.54
C TYR A 215 -2.54 -48.22 -32.70
N THR A 216 -2.62 -49.44 -32.17
CA THR A 216 -1.56 -50.01 -31.36
C THR A 216 -0.88 -51.21 -32.01
N TYR A 217 -1.63 -52.21 -32.46
CA TYR A 217 -1.03 -53.37 -33.08
C TYR A 217 -1.87 -53.88 -34.23
N VAL A 218 -1.20 -54.36 -35.27
CA VAL A 218 -1.84 -54.97 -36.43
C VAL A 218 -1.02 -56.17 -36.86
N PRO A 219 -1.68 -57.22 -37.35
CA PRO A 219 -0.95 -58.32 -37.99
C PRO A 219 -0.09 -57.77 -39.11
N PRO A 220 1.18 -58.18 -39.19
CA PRO A 220 2.12 -57.52 -40.13
C PRO A 220 1.72 -57.65 -41.59
N MET A 221 0.71 -58.45 -41.92
CA MET A 221 0.25 -58.57 -43.29
C MET A 221 -0.31 -57.26 -43.85
N LEU A 222 -0.78 -56.37 -42.98
CA LEU A 222 -1.35 -55.10 -43.41
C LEU A 222 -0.37 -53.94 -43.38
N GLU A 223 0.79 -54.10 -42.74
CA GLU A 223 1.78 -53.03 -42.69
C GLU A 223 2.69 -53.10 -43.90
N MET A 224 2.95 -51.93 -44.49
CA MET A 224 3.88 -51.81 -45.61
C MET A 224 5.07 -50.93 -45.18
N THR A 225 6.25 -51.34 -45.59
CA THR A 225 7.46 -50.63 -45.21
C THR A 225 7.58 -49.33 -45.98
N GLU A 226 7.70 -48.21 -45.27
CA GLU A 226 7.84 -46.90 -45.89
C GLU A 226 9.30 -46.46 -45.98
N LYS A 227 10.03 -46.49 -44.86
CA LYS A 227 11.40 -46.02 -44.83
C LYS A 227 12.31 -46.99 -44.10
N GLU A 228 13.47 -47.24 -44.68
CA GLU A 228 14.54 -48.01 -44.03
C GLU A 228 15.84 -47.24 -44.15
N PHE A 229 16.50 -47.01 -43.02
CA PHE A 229 17.81 -46.35 -43.04
C PHE A 229 18.62 -46.83 -41.84
N GLU A 230 19.77 -46.20 -41.62
CA GLU A 230 20.77 -46.71 -40.68
C GLU A 230 21.32 -45.56 -39.84
N VAL A 231 21.81 -45.92 -38.65
CA VAL A 231 22.47 -44.98 -37.74
C VAL A 231 23.69 -45.69 -37.15
N GLU A 232 24.73 -44.92 -36.85
CA GLU A 232 25.90 -45.45 -36.16
C GLU A 232 26.14 -44.71 -34.84
N ILE A 243 20.01 -50.82 -38.30
CA ILE A 243 19.06 -50.54 -39.38
C ILE A 243 17.70 -50.27 -38.74
N VAL A 244 16.93 -49.35 -39.31
CA VAL A 244 15.63 -48.99 -38.78
C VAL A 244 14.60 -49.14 -39.89
N ARG A 245 13.37 -49.48 -39.49
CA ARG A 245 12.25 -49.62 -40.42
C ARG A 245 11.13 -48.67 -39.95
N HIS A 246 10.85 -47.66 -40.76
CA HIS A 246 9.68 -46.81 -40.58
C HIS A 246 8.62 -47.33 -41.54
N LEU A 247 7.51 -47.81 -41.00
CA LEU A 247 6.51 -48.51 -41.79
C LEU A 247 5.13 -47.96 -41.49
N ASN A 248 4.34 -47.81 -42.55
CA ASN A 248 3.03 -47.20 -42.51
C ASN A 248 1.97 -48.30 -42.63
N LEU A 249 0.72 -47.88 -42.71
CA LEU A 249 -0.38 -48.81 -42.93
C LEU A 249 -0.68 -48.79 -44.43
N ASP A 250 -0.72 -49.96 -45.03
CA ASP A 250 -0.92 -50.07 -46.48
C ASP A 250 -2.31 -49.58 -46.85
N PRO A 251 -2.44 -48.50 -47.60
CA PRO A 251 -3.76 -47.95 -47.94
C PRO A 251 -4.40 -48.57 -49.18
N GLY A 252 -3.72 -49.47 -49.88
CA GLY A 252 -4.28 -50.00 -51.12
C GLY A 252 -5.54 -50.81 -50.90
N ASN A 253 -5.68 -51.45 -49.74
CA ASN A 253 -6.86 -52.23 -49.39
C ASN A 253 -7.92 -51.40 -48.68
N PHE A 254 -7.83 -50.07 -48.74
CA PHE A 254 -8.81 -49.17 -48.15
C PHE A 254 -9.50 -48.35 -49.23
N ASP A 255 -10.73 -47.92 -48.94
CA ASP A 255 -11.54 -47.15 -49.87
C ASP A 255 -11.63 -45.70 -49.42
N ASP A 256 -12.11 -44.85 -50.34
CA ASP A 256 -12.19 -43.41 -50.13
C ASP A 256 -13.58 -42.95 -49.73
N LYS A 257 -14.60 -43.81 -49.82
CA LYS A 257 -15.96 -43.41 -49.51
C LYS A 257 -16.26 -43.61 -48.03
N ASP A 258 -15.88 -44.76 -47.47
CA ASP A 258 -16.19 -45.07 -46.08
C ASP A 258 -15.14 -44.46 -45.15
N PRO A 259 -15.50 -44.19 -43.89
CA PRO A 259 -14.51 -43.71 -42.93
C PRO A 259 -13.42 -44.75 -42.69
N LEU A 260 -12.31 -44.28 -42.12
CA LEU A 260 -11.16 -45.16 -41.91
C LEU A 260 -11.42 -46.16 -40.78
N PHE A 261 -11.81 -45.65 -39.61
CA PHE A 261 -11.94 -46.51 -38.43
C PHE A 261 -12.91 -47.65 -38.67
N SER A 262 -14.09 -47.34 -39.21
CA SER A 262 -15.06 -48.40 -39.46
C SER A 262 -14.57 -49.37 -40.52
N GLN A 263 -13.79 -48.88 -41.49
CA GLN A 263 -13.24 -49.75 -42.53
C GLN A 263 -12.09 -50.59 -42.00
N LEU A 264 -11.35 -50.09 -40.99
CA LEU A 264 -10.19 -50.82 -40.50
C LEU A 264 -10.59 -52.15 -39.86
N LEU A 265 -11.63 -52.13 -39.03
CA LEU A 265 -12.09 -53.36 -38.38
C LEU A 265 -12.76 -54.32 -39.37
N GLN A 266 -13.16 -53.85 -40.55
CA GLN A 266 -13.77 -54.74 -41.52
C GLN A 266 -12.74 -55.68 -42.15
N VAL A 267 -11.47 -55.33 -42.08
CA VAL A 267 -10.41 -56.13 -42.70
C VAL A 267 -9.67 -56.98 -41.67
N VAL A 268 -9.45 -56.45 -40.46
CA VAL A 268 -8.70 -57.21 -39.47
C VAL A 268 -9.45 -58.47 -39.06
N LYS A 269 -10.75 -58.34 -38.78
CA LYS A 269 -11.57 -59.53 -38.53
C LYS A 269 -11.62 -60.42 -39.75
N SER A 270 -11.63 -59.83 -40.95
CA SER A 270 -11.62 -60.61 -42.18
C SER A 270 -10.28 -61.33 -42.35
N LYS A 271 -9.19 -60.70 -41.92
CA LYS A 271 -7.90 -61.36 -41.95
C LYS A 271 -7.69 -62.24 -40.73
N GLN A 272 -8.36 -61.93 -39.61
CA GLN A 272 -8.23 -62.74 -38.41
C GLN A 272 -8.76 -64.15 -38.66
N LYS A 273 -9.99 -64.25 -39.18
CA LYS A 273 -10.53 -65.56 -39.52
C LYS A 273 -9.64 -66.26 -40.54
N GLN A 274 -9.01 -65.50 -41.44
CA GLN A 274 -8.06 -66.08 -42.37
C GLN A 274 -6.76 -66.49 -41.69
N LEU A 275 -6.38 -65.78 -40.62
CA LEU A 275 -5.16 -66.14 -39.89
C LEU A 275 -5.36 -67.33 -38.97
N VAL A 276 -6.52 -67.40 -38.29
CA VAL A 276 -6.78 -68.54 -37.41
C VAL A 276 -6.96 -69.80 -38.22
N GLU A 277 -7.59 -69.69 -39.40
CA GLU A 277 -7.67 -70.83 -40.31
C GLU A 277 -6.28 -71.30 -40.72
N GLN A 278 -5.32 -70.38 -40.83
CA GLN A 278 -3.92 -70.76 -41.01
C GLN A 278 -3.36 -71.45 -39.78
N ALA A 279 -3.92 -71.16 -38.60
CA ALA A 279 -3.43 -71.71 -37.34
C ALA A 279 -3.98 -73.10 -37.04
N LYS A 280 -4.88 -73.62 -37.86
CA LYS A 280 -5.40 -74.96 -37.62
C LYS A 280 -4.46 -76.03 -38.20
N GLU A 281 -3.84 -75.75 -39.34
CA GLU A 281 -3.01 -76.74 -40.06
C GLU A 281 -1.64 -76.99 -39.42
N THR A 282 -1.39 -76.56 -38.18
CA THR A 282 -0.08 -76.63 -37.55
C THR A 282 -0.13 -77.47 -36.27
N GLY A 283 -0.75 -78.64 -36.33
CA GLY A 283 -0.88 -79.48 -35.15
C GLY A 283 -1.82 -78.85 -34.14
N GLN A 284 -1.27 -78.35 -33.03
CA GLN A 284 -2.06 -77.61 -32.06
C GLN A 284 -1.46 -76.21 -31.87
N ILE A 285 -1.95 -75.52 -30.83
CA ILE A 285 -1.96 -74.07 -30.77
C ILE A 285 -0.59 -73.46 -31.07
N GLN A 286 -0.61 -72.38 -31.85
CA GLN A 286 0.51 -71.49 -32.09
C GLN A 286 0.24 -70.17 -31.38
N ARG A 287 1.25 -69.30 -31.35
CA ARG A 287 1.19 -68.11 -30.52
C ARG A 287 1.65 -66.88 -31.29
N PHE A 288 0.78 -65.88 -31.36
CA PHE A 288 1.07 -64.56 -31.90
C PHE A 288 -0.05 -63.63 -31.44
N GLY A 289 0.14 -62.34 -31.67
CA GLY A 289 -0.97 -61.47 -31.31
C GLY A 289 -0.62 -60.55 -30.15
N ASP A 290 -1.10 -59.31 -30.23
CA ASP A 290 -0.91 -58.33 -29.17
C ASP A 290 -2.27 -57.74 -28.81
N ASP A 291 -2.27 -56.77 -27.89
CA ASP A 291 -3.49 -56.08 -27.53
C ASP A 291 -3.82 -55.10 -28.63
N PHE A 292 -5.02 -55.21 -29.20
CA PHE A 292 -5.43 -54.36 -30.30
C PHE A 292 -6.40 -53.31 -29.77
N THR A 293 -5.90 -52.09 -29.62
CA THR A 293 -6.71 -50.95 -29.19
C THR A 293 -6.52 -49.85 -30.23
N VAL A 294 -7.62 -49.28 -30.71
CA VAL A 294 -7.60 -48.31 -31.79
C VAL A 294 -8.47 -47.13 -31.39
N GLY A 295 -8.00 -45.93 -31.69
CA GLY A 295 -8.73 -44.71 -31.38
C GLY A 295 -9.00 -43.90 -32.63
N ARG A 296 -10.16 -43.28 -32.69
CA ARG A 296 -10.59 -42.50 -33.83
C ARG A 296 -10.88 -41.07 -33.37
N LEU A 297 -10.35 -40.10 -34.11
CA LEU A 297 -10.58 -38.70 -33.79
C LEU A 297 -10.87 -37.95 -35.08
N VAL A 298 -11.84 -37.04 -35.02
CA VAL A 298 -12.20 -36.21 -36.15
C VAL A 298 -11.88 -34.76 -35.77
N ILE A 299 -11.17 -34.06 -36.63
CA ILE A 299 -10.76 -32.69 -36.33
C ILE A 299 -12.00 -31.81 -36.27
N PRO A 300 -12.22 -31.08 -35.19
CA PRO A 300 -13.45 -30.29 -35.06
C PRO A 300 -13.40 -28.98 -35.85
N ASP A 301 -14.59 -28.43 -36.06
CA ASP A 301 -14.76 -27.16 -36.76
C ASP A 301 -14.59 -25.98 -35.80
N GLN A 302 -14.56 -24.78 -36.38
CA GLN A 302 -14.41 -23.57 -35.56
C GLN A 302 -15.60 -23.35 -34.64
N LEU A 303 -16.76 -23.90 -34.97
CA LEU A 303 -17.93 -23.77 -34.10
C LEU A 303 -17.82 -24.70 -32.91
N LEU A 304 -17.43 -25.95 -33.16
CA LEU A 304 -17.36 -26.93 -32.08
C LEU A 304 -16.32 -26.52 -31.05
N ILE A 305 -15.22 -25.90 -31.50
CA ILE A 305 -14.17 -25.45 -30.58
C ILE A 305 -14.75 -24.52 -29.53
N ASN A 306 -15.54 -23.54 -29.97
CA ASN A 306 -16.10 -22.55 -29.06
C ASN A 306 -16.96 -23.20 -27.98
N GLN A 307 -17.94 -24.00 -28.39
CA GLN A 307 -18.77 -24.71 -27.43
C GLN A 307 -17.98 -25.75 -26.63
N LEU A 308 -16.84 -26.21 -27.14
CA LEU A 308 -15.89 -26.92 -26.29
C LEU A 308 -15.22 -25.96 -25.32
N ARG A 309 -14.74 -24.82 -25.82
CA ARG A 309 -14.23 -23.77 -24.94
C ARG A 309 -15.28 -23.39 -23.91
N ILE A 310 -16.56 -23.43 -24.30
CA ILE A 310 -17.65 -23.21 -23.35
C ILE A 310 -17.63 -24.28 -22.27
N HIS A 311 -17.56 -25.56 -22.68
CA HIS A 311 -17.64 -26.65 -21.71
C HIS A 311 -16.43 -26.68 -20.78
N ALA A 312 -15.29 -26.15 -21.22
CA ALA A 312 -14.11 -26.11 -20.35
C ALA A 312 -14.39 -25.28 -19.10
N LEU A 313 -15.08 -24.15 -19.27
CA LEU A 313 -15.39 -23.30 -18.13
C LEU A 313 -16.44 -23.95 -17.22
N SER A 314 -17.54 -24.43 -17.81
CA SER A 314 -18.66 -24.94 -17.02
C SER A 314 -18.22 -26.06 -16.07
N ILE A 315 -17.28 -26.89 -16.50
CA ILE A 315 -16.78 -27.96 -15.63
C ILE A 315 -15.87 -27.40 -14.54
N GLY A 316 -14.97 -26.48 -14.92
CA GLY A 316 -14.00 -25.98 -13.96
C GLY A 316 -14.59 -25.07 -12.89
N VAL A 317 -15.67 -24.35 -13.22
CA VAL A 317 -16.19 -23.35 -12.29
C VAL A 317 -16.90 -23.99 -11.11
N SER A 318 -17.49 -25.18 -11.30
CA SER A 318 -18.36 -25.74 -10.26
C SER A 318 -17.57 -26.15 -9.02
N ASP A 319 -16.63 -27.09 -9.19
CA ASP A 319 -16.09 -27.85 -8.07
C ASP A 319 -15.31 -27.02 -7.06
N GLY A 320 -14.77 -25.88 -7.46
CA GLY A 320 -13.88 -25.13 -6.58
C GLY A 320 -14.46 -24.71 -5.24
N LEU A 321 -15.54 -23.94 -5.26
CA LEU A 321 -16.10 -23.40 -4.03
C LEU A 321 -16.96 -24.39 -3.28
N LEU A 322 -16.93 -25.68 -3.65
CA LEU A 322 -17.81 -26.68 -3.05
C LEU A 322 -17.12 -27.40 -1.91
N SER A 323 -15.79 -27.38 -1.86
CA SER A 323 -15.02 -27.94 -0.77
C SER A 323 -14.50 -26.87 0.18
N TYR A 324 -14.34 -25.65 -0.31
CA TYR A 324 -13.96 -24.53 0.54
C TYR A 324 -15.06 -24.24 1.57
N ILE A 325 -16.30 -24.08 1.10
CA ILE A 325 -17.41 -23.85 2.01
C ILE A 325 -17.73 -25.12 2.78
N LYS A 326 -17.45 -26.29 2.21
CA LYS A 326 -17.67 -27.55 2.92
C LYS A 326 -16.84 -27.64 4.20
N ASN A 327 -15.76 -26.86 4.30
CA ASN A 327 -14.97 -26.80 5.51
C ASN A 327 -14.48 -25.38 5.76
N ASN A 347 -22.99 -17.82 1.77
CA ASN A 347 -23.81 -17.68 0.56
C ASN A 347 -23.52 -18.83 -0.40
N ILE A 348 -23.86 -20.05 0.02
CA ILE A 348 -23.62 -21.23 -0.78
C ILE A 348 -24.89 -21.78 -1.43
N GLU A 349 -26.07 -21.52 -0.85
CA GLU A 349 -27.30 -22.17 -1.32
C GLU A 349 -27.55 -21.92 -2.81
N LYS A 350 -27.07 -20.80 -3.34
CA LYS A 350 -27.26 -20.50 -4.75
C LYS A 350 -26.41 -21.43 -5.62
N ALA A 351 -25.10 -21.50 -5.34
CA ALA A 351 -24.20 -22.22 -6.23
C ALA A 351 -24.52 -23.71 -6.27
N THR A 352 -24.96 -24.30 -5.15
CA THR A 352 -25.39 -25.69 -5.18
C THR A 352 -26.57 -25.86 -6.13
N LEU A 353 -27.50 -24.90 -6.12
CA LEU A 353 -28.57 -24.90 -7.11
C LEU A 353 -28.04 -24.48 -8.48
N TYR A 354 -26.98 -23.69 -8.51
CA TYR A 354 -26.36 -23.33 -9.78
C TYR A 354 -25.66 -24.54 -10.38
N LYS A 355 -25.02 -25.35 -9.53
CA LYS A 355 -24.35 -26.56 -10.01
C LYS A 355 -25.35 -27.49 -10.65
N ASN A 356 -26.52 -27.65 -10.01
CA ASN A 356 -27.55 -28.49 -10.60
C ASN A 356 -28.11 -27.84 -11.87
N LEU A 357 -28.24 -26.52 -11.87
CA LEU A 357 -28.74 -25.82 -13.04
C LEU A 357 -27.82 -25.98 -14.24
N ILE A 358 -26.51 -25.84 -14.03
CA ILE A 358 -25.58 -26.12 -15.13
C ILE A 358 -25.60 -27.63 -15.42
N ALA A 359 -25.79 -28.46 -14.40
CA ALA A 359 -25.85 -29.90 -14.61
C ALA A 359 -27.09 -30.32 -15.38
N LYS A 360 -28.07 -29.42 -15.52
CA LYS A 360 -29.27 -29.68 -16.30
C LYS A 360 -29.16 -29.15 -17.73
N TYR A 361 -28.50 -28.01 -17.91
CA TYR A 361 -28.46 -27.34 -19.21
C TYR A 361 -27.06 -27.26 -19.80
N GLN A 362 -26.12 -28.07 -19.27
CA GLN A 362 -24.76 -28.08 -19.82
C GLN A 362 -24.71 -28.71 -21.21
N ASN A 363 -25.70 -29.55 -21.54
CA ASN A 363 -25.70 -30.19 -22.85
C ASN A 363 -25.97 -29.19 -23.96
N ASN A 364 -26.77 -28.16 -23.68
CA ASN A 364 -26.93 -27.04 -24.60
C ASN A 364 -25.88 -25.98 -24.28
N HIS A 365 -25.06 -25.63 -25.26
CA HIS A 365 -23.88 -24.81 -25.01
C HIS A 365 -24.21 -23.32 -24.91
N PHE A 366 -25.39 -22.92 -25.36
CA PHE A 366 -25.71 -21.50 -25.39
C PHE A 366 -26.19 -21.02 -24.03
N ILE A 367 -27.20 -21.70 -23.48
CA ILE A 367 -27.67 -21.34 -22.15
C ILE A 367 -26.55 -21.47 -21.13
N SER A 368 -25.82 -22.59 -21.20
CA SER A 368 -24.68 -22.81 -20.30
C SER A 368 -23.71 -21.64 -20.28
N LEU A 369 -23.63 -20.89 -21.38
CA LEU A 369 -22.79 -19.69 -21.40
C LEU A 369 -23.44 -18.55 -20.64
N ILE A 370 -24.71 -18.26 -20.95
CA ILE A 370 -25.36 -17.05 -20.42
C ILE A 370 -25.57 -17.16 -18.91
N ILE A 371 -25.76 -18.37 -18.39
CA ILE A 371 -25.85 -18.55 -16.93
C ILE A 371 -24.62 -17.99 -16.24
N LEU A 372 -23.45 -18.16 -16.85
CA LEU A 372 -22.21 -17.64 -16.27
C LEU A 372 -22.21 -16.12 -16.21
N SER A 373 -22.72 -15.46 -17.25
CA SER A 373 -22.72 -13.99 -17.28
C SER A 373 -23.48 -13.39 -16.10
N ALA A 374 -24.45 -14.11 -15.54
CA ALA A 374 -25.17 -13.59 -14.38
C ALA A 374 -24.32 -13.66 -13.12
N LEU A 375 -23.51 -14.71 -12.96
CA LEU A 375 -22.73 -14.85 -11.74
C LEU A 375 -21.72 -13.73 -11.56
N VAL A 376 -21.11 -13.27 -12.66
CA VAL A 376 -20.12 -12.20 -12.55
C VAL A 376 -20.80 -10.87 -12.28
N SER A 377 -22.00 -10.66 -12.82
CA SER A 377 -22.69 -9.39 -12.65
C SER A 377 -23.26 -9.22 -11.24
N ASP A 378 -23.46 -10.31 -10.50
CA ASP A 378 -24.05 -10.22 -9.17
C ASP A 378 -23.02 -9.61 -8.22
N SER A 379 -23.17 -8.32 -7.93
CA SER A 379 -22.30 -7.66 -6.95
C SER A 379 -22.63 -8.07 -5.52
N LYS A 380 -23.78 -8.71 -5.29
CA LYS A 380 -24.15 -9.19 -3.97
C LYS A 380 -23.58 -10.56 -3.67
N THR A 381 -22.92 -11.19 -4.65
CA THR A 381 -22.18 -12.43 -4.46
C THR A 381 -20.72 -12.20 -4.86
N PRO A 382 -20.01 -11.30 -4.17
CA PRO A 382 -18.64 -11.00 -4.59
C PRO A 382 -17.66 -12.12 -4.29
N LEU A 383 -17.73 -12.73 -3.11
CA LEU A 383 -16.79 -13.79 -2.76
C LEU A 383 -16.95 -14.99 -3.69
N MET A 384 -18.19 -15.38 -3.96
CA MET A 384 -18.43 -16.47 -4.91
C MET A 384 -18.00 -16.07 -6.32
N THR A 385 -18.11 -14.78 -6.66
CA THR A 385 -17.59 -14.32 -7.95
C THR A 385 -16.07 -14.20 -7.92
N GLN A 386 -15.51 -13.52 -6.92
CA GLN A 386 -14.07 -13.30 -6.88
C GLN A 386 -13.28 -14.57 -6.62
N TYR A 387 -13.87 -15.57 -5.97
CA TYR A 387 -13.10 -16.79 -5.69
C TYR A 387 -12.81 -17.59 -6.95
N LEU A 388 -13.70 -17.56 -7.93
CA LEU A 388 -13.53 -18.42 -9.10
C LEU A 388 -12.27 -18.07 -9.87
N VAL A 389 -11.98 -16.79 -10.04
CA VAL A 389 -10.79 -16.39 -10.79
C VAL A 389 -9.53 -16.86 -10.07
N GLY A 390 -9.55 -16.86 -8.73
CA GLY A 390 -8.44 -17.40 -7.99
C GLY A 390 -8.30 -18.91 -8.18
N TYR A 391 -9.44 -19.60 -8.22
CA TYR A 391 -9.43 -21.02 -8.59
C TYR A 391 -9.01 -21.22 -10.04
N LEU A 392 -9.32 -20.26 -10.91
CA LEU A 392 -9.01 -20.33 -12.33
C LEU A 392 -7.75 -19.56 -12.72
N ASP A 393 -7.03 -18.99 -11.76
CA ASP A 393 -5.81 -18.21 -12.01
C ASP A 393 -6.08 -17.07 -12.99
N PHE A 394 -7.17 -16.35 -12.78
CA PHE A 394 -7.30 -15.20 -13.65
C PHE A 394 -6.90 -13.95 -12.89
N PRO A 395 -6.05 -13.10 -13.48
CA PRO A 395 -5.57 -11.95 -12.71
C PRO A 395 -6.68 -10.94 -12.46
N SER A 396 -7.52 -10.70 -13.47
CA SER A 396 -8.59 -9.72 -13.37
C SER A 396 -9.90 -10.38 -13.74
N LYS A 397 -10.94 -10.11 -12.95
CA LYS A 397 -12.28 -10.60 -13.24
C LYS A 397 -12.77 -10.11 -14.60
N ALA A 398 -12.45 -8.87 -14.94
CA ALA A 398 -12.99 -8.26 -16.16
C ALA A 398 -12.49 -8.97 -17.43
N LEU A 399 -11.22 -9.37 -17.46
CA LEU A 399 -10.71 -10.08 -18.64
C LEU A 399 -11.52 -11.34 -18.90
N LEU A 400 -12.02 -11.99 -17.85
CA LEU A 400 -12.95 -13.10 -18.01
C LEU A 400 -14.27 -12.63 -18.62
N ALA A 401 -14.79 -11.49 -18.14
CA ALA A 401 -16.07 -11.00 -18.63
C ALA A 401 -16.03 -10.70 -20.12
N ASN A 402 -14.88 -10.29 -20.65
CA ASN A 402 -14.74 -10.13 -22.09
C ASN A 402 -14.80 -11.49 -22.77
N LYS A 403 -14.12 -12.49 -22.19
CA LYS A 403 -14.12 -13.84 -22.74
C LYS A 403 -15.53 -14.41 -22.87
N ILE A 404 -16.43 -14.07 -21.95
CA ILE A 404 -17.82 -14.52 -22.04
C ILE A 404 -18.48 -13.98 -23.31
N THR A 405 -18.42 -12.67 -23.51
CA THR A 405 -19.15 -12.05 -24.63
C THR A 405 -18.61 -12.50 -25.98
N GLU A 406 -17.29 -12.64 -26.12
CA GLU A 406 -16.71 -13.04 -27.39
C GLU A 406 -17.24 -14.40 -27.85
N LEU A 407 -17.25 -15.38 -26.94
CA LEU A 407 -17.80 -16.68 -27.29
C LEU A 407 -19.32 -16.63 -27.40
N LEU A 408 -19.95 -15.67 -26.73
CA LEU A 408 -21.41 -15.56 -26.80
C LEU A 408 -21.86 -15.11 -28.18
N LEU A 409 -21.25 -14.05 -28.71
CA LEU A 409 -21.69 -13.47 -29.98
C LEU A 409 -21.40 -14.41 -31.16
N LYS A 410 -20.29 -15.13 -31.11
CA LYS A 410 -19.97 -16.06 -32.19
C LYS A 410 -20.95 -17.23 -32.25
N GLU A 411 -21.57 -17.58 -31.12
CA GLU A 411 -22.62 -18.60 -31.15
C GLU A 411 -23.85 -18.12 -31.90
N LEU A 412 -24.00 -16.82 -32.09
CA LEU A 412 -25.06 -16.32 -32.98
C LEU A 412 -24.74 -16.67 -34.42
N GLU A 413 -23.46 -16.81 -34.78
CA GLU A 413 -23.13 -17.28 -36.12
C GLU A 413 -23.41 -18.76 -36.30
N ASN A 414 -23.69 -19.49 -35.23
CA ASN A 414 -24.16 -20.87 -35.35
C ASN A 414 -25.52 -20.81 -36.01
N PRO A 415 -25.75 -21.51 -37.13
CA PRO A 415 -27.05 -21.43 -37.80
C PRO A 415 -28.23 -21.82 -36.93
N ASP A 416 -28.01 -22.47 -35.79
CA ASP A 416 -29.14 -22.85 -34.93
C ASP A 416 -29.72 -21.65 -34.21
N MET A 417 -28.89 -20.69 -33.82
CA MET A 417 -29.40 -19.53 -33.08
C MET A 417 -30.07 -18.53 -34.00
N ARG A 418 -29.58 -18.38 -35.24
CA ARG A 418 -30.30 -17.54 -36.20
C ARG A 418 -31.71 -18.06 -36.43
N GLU A 419 -31.90 -19.38 -36.35
CA GLU A 419 -33.24 -19.96 -36.39
C GLU A 419 -34.02 -19.60 -35.14
N ILE A 420 -33.34 -19.55 -34.00
CA ILE A 420 -34.00 -19.28 -32.73
C ILE A 420 -34.05 -17.79 -32.41
N LEU A 421 -33.07 -17.02 -32.89
CA LEU A 421 -33.01 -15.57 -32.69
C LEU A 421 -33.17 -14.93 -34.06
N GLY A 422 -34.36 -14.40 -34.33
CA GLY A 422 -34.61 -13.76 -35.60
C GLY A 422 -35.06 -12.31 -35.53
N SER A 423 -34.23 -11.41 -36.06
CA SER A 423 -34.50 -9.97 -36.05
C SER A 423 -34.85 -9.47 -34.65
N ARG A 424 -34.08 -9.89 -33.65
CA ARG A 424 -34.45 -9.66 -32.27
C ARG A 424 -33.45 -8.78 -31.52
N LEU A 425 -32.64 -7.99 -32.23
CA LEU A 425 -31.63 -7.12 -31.60
C LEU A 425 -30.95 -7.78 -30.41
N ALA A 426 -30.20 -8.86 -30.68
CA ALA A 426 -29.73 -9.74 -29.61
C ALA A 426 -28.92 -8.98 -28.56
N THR A 427 -28.31 -7.85 -28.94
CA THR A 427 -27.48 -7.10 -28.00
C THR A 427 -28.21 -6.78 -26.70
N ASP A 428 -29.49 -6.44 -26.80
CA ASP A 428 -30.30 -6.20 -25.60
C ASP A 428 -30.74 -7.49 -24.92
N VAL A 429 -31.09 -8.52 -25.70
CA VAL A 429 -31.71 -9.72 -25.13
C VAL A 429 -30.77 -10.38 -24.11
N ILE A 430 -29.46 -10.38 -24.38
CA ILE A 430 -28.52 -10.95 -23.43
C ILE A 430 -28.61 -10.19 -22.11
N GLU A 431 -28.63 -8.85 -22.17
CA GLU A 431 -28.85 -8.04 -20.97
C GLU A 431 -30.19 -8.38 -20.33
N GLU A 432 -31.24 -8.52 -21.15
CA GLU A 432 -32.52 -9.00 -20.65
C GLU A 432 -32.37 -10.36 -19.99
N LEU A 433 -31.71 -11.29 -20.68
CA LEU A 433 -31.50 -12.62 -20.13
C LEU A 433 -30.68 -12.56 -18.85
N GLU A 434 -29.72 -11.63 -18.81
CA GLU A 434 -28.94 -11.43 -17.59
C GLU A 434 -29.87 -11.08 -16.43
N THR A 435 -30.85 -10.20 -16.69
CA THR A 435 -31.85 -9.87 -15.68
C THR A 435 -32.75 -11.07 -15.36
N LYS A 436 -33.00 -11.93 -16.35
CA LYS A 436 -33.89 -13.07 -16.15
C LYS A 436 -33.36 -14.04 -15.09
N ILE A 437 -32.08 -14.38 -15.15
CA ILE A 437 -31.48 -15.39 -14.29
C ILE A 437 -31.40 -14.95 -12.83
N ILE A 438 -31.25 -13.66 -12.55
CA ILE A 438 -31.11 -13.19 -11.17
C ILE A 438 -32.32 -13.56 -10.32
N ARG A 439 -33.42 -13.98 -10.93
CA ARG A 439 -34.55 -14.50 -10.15
C ARG A 439 -34.16 -15.85 -9.58
N TYR A 440 -33.67 -15.86 -8.34
CA TYR A 440 -33.27 -17.09 -7.67
C TYR A 440 -34.47 -17.87 -7.13
N ILE A 441 -35.55 -17.18 -6.80
CA ILE A 441 -36.69 -17.85 -6.17
C ILE A 441 -37.88 -17.84 -7.13
N ASP A 448 -40.68 -19.98 -12.37
CA ASP A 448 -40.46 -21.16 -13.18
C ASP A 448 -39.97 -20.76 -14.57
N ILE A 449 -38.65 -20.55 -14.67
CA ILE A 449 -38.02 -20.10 -15.91
C ILE A 449 -37.77 -21.23 -16.91
N HIS A 450 -37.76 -22.49 -16.47
CA HIS A 450 -37.35 -23.58 -17.34
C HIS A 450 -38.20 -23.64 -18.60
N SER A 451 -39.52 -23.55 -18.46
CA SER A 451 -40.39 -23.48 -19.63
C SER A 451 -40.12 -22.20 -20.43
N THR A 452 -39.93 -21.08 -19.72
CA THR A 452 -39.53 -19.85 -20.39
C THR A 452 -38.16 -20.00 -21.03
N LEU A 453 -37.28 -20.78 -20.39
CA LEU A 453 -35.97 -21.08 -20.94
C LEU A 453 -36.05 -22.11 -22.06
N ASN A 454 -37.05 -23.00 -21.99
CA ASN A 454 -37.20 -24.05 -22.99
C ASN A 454 -37.46 -23.50 -24.39
N LEU A 455 -37.71 -22.20 -24.51
CA LEU A 455 -37.83 -21.59 -25.82
C LEU A 455 -36.53 -21.68 -26.60
N TRP A 456 -35.39 -21.71 -25.90
CA TRP A 456 -34.10 -21.63 -26.55
C TRP A 456 -33.42 -22.98 -26.74
N THR A 457 -33.90 -24.03 -26.07
CA THR A 457 -33.41 -25.39 -26.29
C THR A 457 -34.31 -26.19 -27.23
N ALA A 458 -35.30 -25.54 -27.84
CA ALA A 458 -36.22 -26.22 -28.75
C ALA A 458 -35.52 -26.57 -30.05
N ASP A 459 -34.86 -27.72 -30.09
CA ASP A 459 -34.06 -28.13 -31.24
C ASP A 459 -34.76 -29.20 -32.06
N MET B 1 -0.44 20.25 21.36
CA MET B 1 0.52 19.16 21.41
C MET B 1 1.95 19.68 21.54
N ARG B 2 2.08 21.00 21.66
CA ARG B 2 3.37 21.65 21.76
C ARG B 2 3.65 22.05 23.21
N SER B 3 4.81 22.66 23.42
CA SER B 3 5.31 22.98 24.76
C SER B 3 4.80 24.35 25.22
N ILE B 4 5.03 24.66 26.49
CA ILE B 4 4.24 25.71 27.13
C ILE B 4 5.04 26.70 27.98
N ILE B 5 4.29 27.57 28.66
CA ILE B 5 4.71 28.75 29.40
C ILE B 5 5.30 28.43 30.77
N THR B 6 5.71 29.47 31.51
CA THR B 6 6.20 29.28 32.87
C THR B 6 5.52 30.18 33.90
N GLN B 7 5.06 31.37 33.50
CA GLN B 7 4.37 32.25 34.43
C GLN B 7 3.09 32.84 33.85
N ILE B 8 2.02 32.85 34.66
CA ILE B 8 0.76 33.48 34.32
C ILE B 8 0.20 34.13 35.58
N CYS B 9 -0.50 35.25 35.40
CA CYS B 9 -1.27 35.87 36.46
C CYS B 9 -2.71 35.79 35.97
N ASN B 10 -3.47 34.82 36.48
CA ASN B 10 -4.82 34.56 35.98
C ASN B 10 -5.78 35.31 36.89
N GLY B 11 -6.08 36.56 36.51
CA GLY B 11 -7.07 37.39 37.17
C GLY B 11 -7.05 37.38 38.68
N VAL B 12 -6.03 36.79 39.29
CA VAL B 12 -6.00 36.54 40.71
C VAL B 12 -4.83 37.27 41.34
N LEU B 13 -5.03 37.70 42.58
CA LEU B 13 -3.95 38.21 43.41
C LEU B 13 -4.31 37.87 44.85
N HIS B 14 -3.28 37.77 45.69
CA HIS B 14 -3.49 37.51 47.10
C HIS B 14 -3.82 38.83 47.78
N GLY B 15 -3.80 38.86 49.11
CA GLY B 15 -4.12 40.08 49.81
C GLY B 15 -3.21 41.23 49.43
N GLN B 16 -3.75 42.18 48.66
CA GLN B 16 -3.14 43.46 48.33
C GLN B 16 -1.93 43.34 47.41
N SER B 17 -1.49 42.13 47.08
CA SER B 17 -0.30 41.95 46.26
C SER B 17 -0.25 40.50 45.78
N TYR B 18 0.59 40.26 44.77
CA TYR B 18 0.83 38.91 44.26
C TYR B 18 2.16 38.88 43.56
N GLN B 19 3.10 38.07 44.05
CA GLN B 19 4.33 37.84 43.33
C GLN B 19 4.23 36.51 42.60
N SER B 20 5.36 36.00 42.11
CA SER B 20 5.33 34.93 41.12
C SER B 20 5.91 33.61 41.61
N GLY B 21 7.21 33.61 41.94
CA GLY B 21 7.89 32.37 42.24
C GLY B 21 8.79 32.05 41.06
N SER B 22 10.09 32.15 41.25
CA SER B 22 11.02 32.01 40.15
C SER B 22 11.03 30.57 39.65
N ASN B 23 10.26 30.30 38.59
CA ASN B 23 10.30 29.00 37.92
C ASN B 23 11.73 28.66 37.51
N ASP B 24 12.24 27.54 38.04
CA ASP B 24 13.59 27.09 37.68
C ASP B 24 13.80 27.11 36.18
N LEU B 25 12.78 26.72 35.41
CA LEU B 25 12.93 26.59 33.96
C LEU B 25 13.46 27.87 33.32
N ASP B 26 13.14 29.04 33.87
CA ASP B 26 13.69 30.28 33.36
C ASP B 26 14.95 30.70 34.10
N LYS B 27 15.34 29.95 35.12
CA LYS B 27 16.59 30.19 35.85
C LYS B 27 16.69 31.63 36.35
N GLY B 28 15.63 32.07 37.00
CA GLY B 28 15.59 33.38 37.63
C GLY B 28 15.36 34.55 36.71
N ASN B 29 14.85 34.32 35.51
CA ASN B 29 14.54 35.40 34.57
C ASN B 29 13.04 35.62 34.36
N SER B 30 12.19 34.81 35.00
CA SER B 30 10.74 34.93 34.87
C SER B 30 10.14 35.41 36.19
N GLU B 31 9.77 36.69 36.23
CA GLU B 31 9.06 37.24 37.38
C GLU B 31 7.93 38.13 36.89
N ILE B 32 6.81 38.12 37.62
CA ILE B 32 5.69 39.01 37.38
C ILE B 32 5.22 39.52 38.73
N PHE B 33 4.33 40.51 38.69
CA PHE B 33 3.86 41.14 39.91
C PHE B 33 2.52 41.80 39.62
N ALA B 34 1.64 41.79 40.63
CA ALA B 34 0.30 42.33 40.47
C ALA B 34 -0.15 42.96 41.78
N SER B 35 -0.77 44.13 41.68
CA SER B 35 -1.35 44.80 42.84
C SER B 35 -2.41 45.79 42.35
N SER B 36 -3.22 46.27 43.28
CA SER B 36 -4.28 47.23 42.99
C SER B 36 -3.85 48.62 43.43
N LEU B 37 -4.24 49.62 42.65
CA LEU B 37 -3.87 51.01 42.90
C LEU B 37 -5.05 51.87 43.31
N PHE B 38 -6.17 51.25 43.67
CA PHE B 38 -7.42 51.97 43.88
C PHE B 38 -7.35 52.83 45.14
N VAL B 39 -8.35 53.70 45.29
CA VAL B 39 -8.59 54.46 46.51
C VAL B 39 -10.08 54.79 46.56
N HIS B 40 -10.71 54.54 47.69
CA HIS B 40 -12.15 54.73 47.80
C HIS B 40 -12.56 54.91 49.27
N HIS B 51 -7.50 44.05 47.85
CA HIS B 51 -8.92 44.38 47.70
C HIS B 51 -9.52 43.77 46.44
N LYS B 52 -10.13 44.62 45.62
CA LYS B 52 -10.79 44.16 44.40
C LYS B 52 -9.85 43.36 43.53
N ASP B 53 -10.25 42.13 43.20
CA ASP B 53 -9.47 41.26 42.35
C ASP B 53 -9.15 41.96 41.03
N SER B 54 -8.04 41.57 40.41
CA SER B 54 -7.59 42.20 39.18
C SER B 54 -8.12 41.43 37.97
N ASP B 55 -8.34 42.18 36.88
CA ASP B 55 -8.82 41.61 35.63
C ASP B 55 -7.73 41.48 34.58
N ASP B 56 -6.53 42.00 34.84
CA ASP B 56 -5.47 41.92 33.86
C ASP B 56 -4.88 40.52 33.83
N LYS B 57 -4.09 40.25 32.81
CA LYS B 57 -3.45 38.94 32.68
C LYS B 57 -2.13 39.09 31.94
N ILE B 58 -1.09 38.49 32.49
CA ILE B 58 0.25 38.51 31.93
C ILE B 58 0.69 37.07 31.73
N VAL B 59 1.33 36.80 30.59
CA VAL B 59 1.77 35.45 30.24
C VAL B 59 3.21 35.52 29.80
N ILE B 60 4.06 34.70 30.42
CA ILE B 60 5.48 34.60 30.09
C ILE B 60 5.78 33.13 29.85
N GLY B 61 6.44 32.83 28.74
CA GLY B 61 6.74 31.45 28.44
C GLY B 61 7.80 31.32 27.37
N TYR B 62 7.96 30.10 26.88
CA TYR B 62 9.00 29.78 25.90
C TYR B 62 8.44 28.80 24.88
N THR B 63 8.79 29.02 23.62
CA THR B 63 8.27 28.20 22.54
C THR B 63 8.90 26.80 22.58
N LYS B 64 8.38 25.92 21.73
CA LYS B 64 9.03 24.62 21.56
C LYS B 64 10.42 24.78 20.97
N ASP B 65 10.63 25.81 20.14
CA ASP B 65 11.96 26.14 19.65
C ASP B 65 12.77 26.95 20.66
N GLY B 66 12.21 27.24 21.83
CA GLY B 66 12.96 27.89 22.89
C GLY B 66 13.02 29.39 22.78
N MET B 67 12.11 30.02 22.05
CA MET B 67 12.11 31.46 21.90
C MET B 67 11.27 32.11 22.99
N ALA B 68 11.73 33.26 23.46
CA ALA B 68 11.09 33.96 24.56
C ALA B 68 9.92 34.81 24.07
N PHE B 69 8.95 35.03 24.96
CA PHE B 69 7.84 35.91 24.65
C PHE B 69 7.19 36.37 25.95
N GLN B 70 6.40 37.45 25.83
CA GLN B 70 5.62 37.96 26.95
C GLN B 70 4.36 38.59 26.40
N ILE B 71 3.21 38.26 26.98
CA ILE B 71 1.92 38.80 26.60
C ILE B 71 1.35 39.57 27.79
N VAL B 72 0.76 40.73 27.49
CA VAL B 72 0.19 41.61 28.52
C VAL B 72 -1.25 41.94 28.14
N VAL B 73 -2.19 41.70 29.05
CA VAL B 73 -3.61 41.92 28.82
C VAL B 73 -4.16 42.74 29.98
N ASP B 74 -4.99 43.74 29.66
CA ASP B 74 -5.77 44.48 30.66
C ASP B 74 -7.20 44.58 30.14
N GLY B 75 -8.15 44.04 30.91
CA GLY B 75 -9.55 44.05 30.52
C GLY B 75 -10.27 45.33 30.90
N PHE B 76 -11.57 45.34 30.64
CA PHE B 76 -12.44 46.48 30.94
C PHE B 76 -13.41 46.18 32.06
N TYR B 77 -14.23 45.14 31.90
CA TYR B 77 -15.31 44.84 32.84
C TYR B 77 -14.95 43.60 33.65
N GLY B 78 -14.99 43.73 34.97
CA GLY B 78 -14.78 42.59 35.85
C GLY B 78 -15.87 41.54 35.81
N CYS B 79 -16.95 41.78 35.08
CA CYS B 79 -18.06 40.82 35.06
C CYS B 79 -17.75 39.60 34.19
N GLU B 80 -17.24 39.82 32.97
CA GLU B 80 -16.97 38.65 32.13
C GLU B 80 -15.64 38.02 32.58
N ARG B 81 -14.53 38.71 32.32
CA ARG B 81 -13.28 38.56 33.05
C ARG B 81 -12.73 37.13 33.07
N GLN B 82 -13.43 36.18 32.49
CA GLN B 82 -12.99 34.80 32.55
C GLN B 82 -12.96 34.17 31.17
N ALA B 83 -13.96 34.46 30.32
CA ALA B 83 -13.88 34.08 28.93
C ALA B 83 -12.74 34.82 28.23
N VAL B 84 -12.38 36.00 28.74
CA VAL B 84 -11.18 36.70 28.27
C VAL B 84 -9.96 35.82 28.49
N PHE B 85 -9.86 35.23 29.68
CA PHE B 85 -8.71 34.39 30.01
C PHE B 85 -8.79 33.07 29.28
N SER B 86 -9.96 32.41 29.32
CA SER B 86 -10.14 31.18 28.56
C SER B 86 -9.96 31.43 27.07
N PHE B 87 -10.07 32.69 26.62
CA PHE B 87 -9.76 33.03 25.24
C PHE B 87 -8.25 33.00 25.01
N ILE B 88 -7.47 33.48 25.98
CA ILE B 88 -6.02 33.57 25.81
C ILE B 88 -5.39 32.18 25.79
N ASP B 89 -5.75 31.33 26.77
CA ASP B 89 -5.12 30.01 26.87
C ASP B 89 -5.55 29.09 25.75
N ASN B 90 -6.74 29.30 25.18
CA ASN B 90 -7.30 28.40 24.18
C ASN B 90 -7.07 28.88 22.75
N TYR B 91 -6.95 30.18 22.50
CA TYR B 91 -6.93 30.67 21.13
C TYR B 91 -5.67 31.44 20.75
N VAL B 92 -5.20 32.35 21.60
CA VAL B 92 -4.04 33.16 21.23
C VAL B 92 -2.73 32.41 21.44
N LEU B 93 -2.64 31.61 22.51
CA LEU B 93 -1.36 30.95 22.81
C LEU B 93 -0.86 30.04 21.70
N PRO B 94 -1.67 29.16 21.09
CA PRO B 94 -1.12 28.33 19.99
C PRO B 94 -0.66 29.16 18.79
N LEU B 95 -0.93 30.46 18.77
CA LEU B 95 -0.51 31.34 17.69
C LEU B 95 0.91 31.86 17.87
N ILE B 96 1.48 31.77 19.07
CA ILE B 96 2.81 32.33 19.31
C ILE B 96 3.87 31.55 18.54
N ASP B 97 3.75 30.22 18.50
CA ASP B 97 4.72 29.41 17.77
C ASP B 97 4.74 29.78 16.30
N ASN B 98 3.56 29.90 15.68
CA ASN B 98 3.50 30.33 14.28
C ASN B 98 3.97 31.77 14.09
N PHE B 99 3.97 32.60 15.14
CA PHE B 99 4.39 33.98 14.95
C PHE B 99 5.90 34.06 14.83
N SER B 100 6.63 33.48 15.80
CA SER B 100 8.09 33.55 15.76
C SER B 100 8.64 32.84 14.53
N LEU B 101 7.98 31.77 14.08
CA LEU B 101 8.39 31.10 12.85
C LEU B 101 8.15 31.98 11.64
N ASP B 102 6.92 32.51 11.49
CA ASP B 102 6.65 33.42 10.39
C ASP B 102 7.51 34.68 10.49
N LEU B 103 7.91 35.07 11.70
CA LEU B 103 8.89 36.13 11.84
C LEU B 103 10.25 35.67 11.34
N THR B 104 10.61 34.41 11.60
CA THR B 104 11.87 33.86 11.08
C THR B 104 11.76 33.56 9.60
N ARG B 105 10.67 32.93 9.18
CA ARG B 105 10.50 32.56 7.78
C ARG B 105 10.19 33.78 6.92
N TYR B 106 9.18 34.56 7.30
CA TYR B 106 8.86 35.71 6.45
C TYR B 106 9.56 36.97 6.96
N PRO B 107 10.17 37.75 6.06
CA PRO B 107 11.03 38.86 6.50
C PRO B 107 10.31 40.11 6.98
N ASP B 108 9.16 40.47 6.37
CA ASP B 108 8.50 41.72 6.71
C ASP B 108 7.88 41.60 8.11
N SER B 109 8.51 42.25 9.09
CA SER B 109 7.98 42.21 10.45
C SER B 109 6.63 42.90 10.54
N LYS B 110 6.45 44.00 9.81
CA LYS B 110 5.21 44.77 9.91
C LYS B 110 4.05 44.02 9.25
N LYS B 111 4.32 43.36 8.12
CA LYS B 111 3.23 42.72 7.35
C LYS B 111 2.62 41.57 8.14
N VAL B 112 3.45 40.62 8.58
CA VAL B 112 2.92 39.43 9.24
C VAL B 112 2.31 39.79 10.59
N THR B 113 2.86 40.81 11.27
CA THR B 113 2.29 41.25 12.53
C THR B 113 0.84 41.70 12.35
N GLU B 114 0.57 42.46 11.29
CA GLU B 114 -0.79 42.90 11.01
C GLU B 114 -1.73 41.71 10.76
N SER B 115 -1.26 40.71 10.01
CA SER B 115 -2.09 39.53 9.78
C SER B 115 -2.44 38.85 11.09
N LEU B 116 -1.49 38.81 12.03
CA LEU B 116 -1.78 38.28 13.35
C LEU B 116 -2.83 39.13 14.06
N ILE B 117 -2.67 40.46 14.00
CA ILE B 117 -3.62 41.36 14.63
C ILE B 117 -5.00 41.17 14.02
N HIS B 118 -5.06 41.09 12.68
CA HIS B 118 -6.32 40.77 12.00
C HIS B 118 -6.82 39.39 12.41
N THR B 119 -5.92 38.40 12.43
CA THR B 119 -6.32 37.05 12.81
C THR B 119 -6.81 36.99 14.24
N ILE B 120 -6.25 37.81 15.14
CA ILE B 120 -6.75 37.85 16.50
C ILE B 120 -8.14 38.47 16.54
N TYR B 121 -8.35 39.57 15.81
CA TYR B 121 -9.67 40.19 15.79
C TYR B 121 -10.70 39.24 15.20
N SER B 122 -10.35 38.55 14.12
CA SER B 122 -11.23 37.55 13.54
C SER B 122 -11.53 36.42 14.52
N LEU B 123 -10.55 36.08 15.36
CA LEU B 123 -10.76 34.99 16.32
C LEU B 123 -11.69 35.41 17.46
N ARG B 124 -11.52 36.63 17.98
CA ARG B 124 -12.35 37.08 19.07
C ARG B 124 -13.81 37.26 18.67
N SER B 125 -14.09 37.34 17.36
CA SER B 125 -15.46 37.58 16.91
C SER B 125 -16.31 36.31 17.04
N LYS B 126 -15.89 35.23 16.39
CA LYS B 126 -16.69 34.02 16.33
C LYS B 126 -16.47 33.11 17.54
N HIS B 127 -15.67 33.53 18.53
CA HIS B 127 -15.43 32.69 19.69
C HIS B 127 -15.76 33.37 21.01
N ALA B 128 -15.51 34.68 21.15
CA ALA B 128 -15.87 35.38 22.37
C ALA B 128 -16.01 36.88 22.12
N PRO B 129 -17.06 37.32 21.40
CA PRO B 129 -17.21 38.74 21.12
C PRO B 129 -17.53 39.56 22.36
N LEU B 130 -17.89 38.91 23.46
CA LEU B 130 -18.18 39.59 24.72
C LEU B 130 -16.90 40.09 25.37
N ALA B 131 -15.75 39.60 24.93
CA ALA B 131 -14.47 39.93 25.55
C ALA B 131 -14.01 41.31 25.08
N GLU B 132 -13.73 42.18 26.05
CA GLU B 132 -13.19 43.52 25.77
C GLU B 132 -11.96 43.73 26.64
N PHE B 133 -10.81 43.95 26.00
CA PHE B 133 -9.54 44.03 26.72
C PHE B 133 -8.55 44.87 25.92
N THR B 134 -7.43 45.18 26.57
CA THR B 134 -6.29 45.83 25.94
C THR B 134 -5.10 44.88 26.02
N MET B 135 -4.47 44.58 24.88
CA MET B 135 -3.41 43.60 24.82
C MET B 135 -2.14 44.16 24.20
N SER B 136 -1.00 43.61 24.63
CA SER B 136 0.31 43.86 24.05
C SER B 136 1.15 42.61 24.24
N LEU B 137 2.02 42.33 23.26
CA LEU B 137 2.84 41.14 23.34
C LEU B 137 4.10 41.34 22.51
N CYS B 138 5.16 40.62 22.91
CA CYS B 138 6.40 40.56 22.18
C CYS B 138 6.88 39.12 22.17
N VAL B 139 7.53 38.72 21.08
CA VAL B 139 8.03 37.35 20.92
C VAL B 139 9.40 37.42 20.27
N THR B 140 10.29 36.51 20.65
CA THR B 140 11.62 36.46 20.09
C THR B 140 11.66 35.50 18.90
N TYR B 141 12.57 35.80 17.97
CA TYR B 141 12.81 34.95 16.82
C TYR B 141 14.25 35.11 16.38
N GLN B 142 14.78 34.09 15.72
CA GLN B 142 16.21 34.02 15.39
C GLN B 142 16.31 34.02 13.87
N LYS B 143 16.68 35.18 13.32
CA LYS B 143 16.86 35.34 11.88
C LYS B 143 18.30 35.11 11.47
N ASP B 144 19.25 35.69 12.19
CA ASP B 144 20.68 35.51 12.00
C ASP B 144 21.25 34.89 13.29
N GLU B 145 22.59 34.85 13.38
CA GLU B 145 23.23 34.36 14.60
C GLU B 145 22.69 35.09 15.83
N GLN B 146 22.33 36.36 15.68
CA GLN B 146 21.79 37.17 16.77
C GLN B 146 20.27 36.99 16.86
N LEU B 147 19.74 37.34 18.04
CA LEU B 147 18.33 37.15 18.36
C LEU B 147 17.53 38.42 18.11
N PHE B 148 16.32 38.26 17.60
CA PHE B 148 15.40 39.38 17.38
C PHE B 148 14.08 39.13 18.09
N CYS B 149 13.48 40.21 18.59
CA CYS B 149 12.16 40.16 19.21
C CYS B 149 11.29 41.22 18.56
N ALA B 150 10.03 40.87 18.31
CA ALA B 150 9.12 41.76 17.61
C ALA B 150 7.71 41.51 18.09
N GLY B 151 6.95 42.59 18.25
CA GLY B 151 5.58 42.52 18.70
C GLY B 151 4.88 43.83 18.46
N PHE B 152 3.72 43.99 19.09
CA PHE B 152 2.93 45.20 18.98
C PHE B 152 2.31 45.49 20.34
N GLY B 153 1.37 46.43 20.37
CA GLY B 153 0.62 46.73 21.56
C GLY B 153 -0.47 47.76 21.32
N ILE B 154 -1.70 47.41 21.66
CA ILE B 154 -2.86 48.26 21.42
C ILE B 154 -3.49 48.54 22.78
N GLY B 155 -3.45 49.79 23.23
CA GLY B 155 -4.19 50.12 24.43
C GLY B 155 -3.33 50.80 25.46
N ASP B 156 -3.78 50.71 26.70
CA ASP B 156 -3.17 51.33 27.87
C ASP B 156 -1.98 50.56 28.41
N THR B 157 -1.45 49.62 27.63
CA THR B 157 -0.34 48.76 28.05
C THR B 157 1.00 49.34 27.61
N GLY B 158 2.07 48.62 27.91
CA GLY B 158 3.40 49.07 27.54
C GLY B 158 4.50 48.07 27.88
N ILE B 159 5.55 48.05 27.06
CA ILE B 159 6.71 47.20 27.27
C ILE B 159 7.96 48.07 27.24
N ALA B 160 8.91 47.78 28.12
CA ALA B 160 10.17 48.52 28.16
C ALA B 160 11.33 47.53 28.15
N ILE B 161 12.51 48.03 27.79
CA ILE B 161 13.70 47.19 27.66
C ILE B 161 14.93 47.90 28.20
N LYS B 162 15.88 47.12 28.73
CA LYS B 162 17.17 47.59 29.20
C LYS B 162 18.25 46.80 28.47
N ARG B 163 19.16 47.51 27.79
CA ARG B 163 20.12 46.91 26.86
C ARG B 163 21.46 46.51 27.48
N ASN B 164 21.51 46.15 28.76
CA ASN B 164 22.74 45.70 29.41
C ASN B 164 23.83 46.79 29.48
N GLU B 165 23.55 47.95 28.92
CA GLU B 165 24.49 49.06 28.86
C GLU B 165 24.04 50.24 29.69
N GLY B 166 22.87 50.15 30.32
CA GLY B 166 22.32 51.24 31.08
C GLY B 166 21.47 52.17 30.26
N THR B 167 20.80 51.65 29.24
CA THR B 167 19.84 52.40 28.45
C THR B 167 18.46 51.82 28.69
N ILE B 168 17.50 52.67 29.04
CA ILE B 168 16.12 52.24 29.22
C ILE B 168 15.42 52.65 27.94
N GLU B 169 15.46 51.75 26.96
CA GLU B 169 14.78 51.96 25.68
C GLU B 169 13.34 51.50 25.82
N GLN B 170 12.44 52.25 25.20
CA GLN B 170 11.00 52.00 25.34
C GLN B 170 10.52 51.21 24.14
N LEU B 171 10.11 49.97 24.38
CA LEU B 171 9.35 49.18 23.42
C LEU B 171 7.90 49.65 23.48
N VAL B 172 6.96 48.81 23.04
CA VAL B 172 5.58 49.23 22.77
C VAL B 172 5.06 50.22 23.81
N CYS B 173 4.52 51.34 23.31
CA CYS B 173 4.19 52.47 24.16
C CYS B 173 2.69 52.51 24.44
N HIS B 174 2.31 53.39 25.35
CA HIS B 174 0.93 53.57 25.76
C HIS B 174 0.27 54.52 24.76
N THR B 175 -0.56 53.97 23.89
CA THR B 175 -1.22 54.79 22.87
C THR B 175 -2.47 55.44 23.46
N GLU B 176 -2.54 56.77 23.35
CA GLU B 176 -3.67 57.53 23.87
C GLU B 176 -4.24 58.39 22.75
N VAL B 177 -5.49 58.11 22.38
CA VAL B 177 -6.18 58.89 21.36
C VAL B 177 -7.00 59.91 22.16
N ASP B 178 -6.40 61.07 22.42
CA ASP B 178 -7.05 62.21 23.08
C ASP B 178 -7.92 61.80 24.25
N GLY B 179 -7.49 60.77 24.99
CA GLY B 179 -8.28 60.22 26.06
C GLY B 179 -9.08 58.99 25.72
N PHE B 180 -8.81 58.34 24.59
CA PHE B 180 -9.47 57.10 24.22
C PHE B 180 -8.41 56.01 24.04
N LYS B 181 -8.68 54.85 24.61
CA LYS B 181 -7.76 53.71 24.58
C LYS B 181 -8.27 52.71 23.55
N ASP B 182 -7.65 52.72 22.37
CA ASP B 182 -7.99 51.74 21.35
C ASP B 182 -7.75 50.34 21.90
N ALA B 183 -8.72 49.45 21.71
CA ALA B 183 -8.68 48.15 22.38
C ALA B 183 -9.24 47.09 21.44
N PHE B 184 -9.35 45.87 21.97
CA PHE B 184 -9.91 44.75 21.23
C PHE B 184 -11.41 44.64 21.43
N ASP B 185 -12.09 45.76 21.24
CA ASP B 185 -13.54 45.84 21.40
C ASP B 185 -14.24 45.69 20.06
N ASN B 186 -15.56 45.45 20.13
CA ASN B 186 -16.35 45.37 18.91
C ASN B 186 -16.40 46.70 18.19
N TYR B 187 -16.30 47.80 18.93
CA TYR B 187 -16.39 49.13 18.32
C TYR B 187 -15.25 49.37 17.34
N SER B 188 -14.03 48.97 17.68
CA SER B 188 -12.90 49.13 16.78
C SER B 188 -12.78 48.01 15.76
N SER B 189 -13.63 46.98 15.85
CA SER B 189 -13.51 45.79 15.00
C SER B 189 -13.86 46.04 13.54
N ALA B 190 -14.28 47.26 13.17
CA ALA B 190 -14.55 47.60 11.78
C ALA B 190 -13.54 48.55 11.18
N ASN B 191 -12.84 49.34 12.00
CA ASN B 191 -11.77 50.23 11.57
C ASN B 191 -10.41 49.59 11.83
N ILE B 192 -10.35 48.27 11.62
CA ILE B 192 -9.20 47.46 12.04
C ILE B 192 -7.89 48.08 11.57
N ASP B 193 -7.74 48.26 10.25
CA ASP B 193 -6.48 48.71 9.69
C ASP B 193 -6.03 50.06 10.24
N LEU B 194 -6.98 50.91 10.64
CA LEU B 194 -6.61 52.23 11.16
C LEU B 194 -5.99 52.16 12.54
N VAL B 195 -6.41 51.20 13.37
CA VAL B 195 -5.88 51.10 14.73
C VAL B 195 -4.38 50.83 14.73
N ILE B 196 -3.88 50.12 13.71
CA ILE B 196 -2.46 49.73 13.72
C ILE B 196 -1.57 50.94 13.48
N GLU B 197 -1.90 51.79 12.50
CA GLU B 197 -1.03 52.91 12.16
C GLU B 197 -0.90 53.89 13.32
N ARG B 198 -1.91 53.96 14.18
CA ARG B 198 -1.89 54.88 15.32
C ARG B 198 -1.44 54.21 16.62
N ASN B 199 -1.40 52.89 16.67
CA ASN B 199 -0.84 52.17 17.81
C ASN B 199 0.58 51.73 17.49
N SER B 200 1.24 51.14 18.47
CA SER B 200 2.69 50.91 18.40
C SER B 200 2.98 49.48 17.99
N VAL B 201 3.74 49.34 16.90
CA VAL B 201 4.33 48.08 16.47
C VAL B 201 5.82 48.32 16.32
N PHE B 202 6.62 47.28 16.51
CA PHE B 202 8.06 47.45 16.54
C PHE B 202 8.75 46.19 16.02
N ASN B 203 10.06 46.33 15.81
CA ASN B 203 10.95 45.21 15.56
C ASN B 203 12.36 45.72 15.82
N THR B 204 13.02 45.18 16.84
CA THR B 204 14.30 45.72 17.27
C THR B 204 15.22 44.58 17.68
N LYS B 205 16.52 44.79 17.47
CA LYS B 205 17.52 43.79 17.81
C LYS B 205 17.72 43.71 19.32
N VAL B 206 17.91 42.49 19.82
CA VAL B 206 18.08 42.25 21.25
C VAL B 206 19.24 41.29 21.45
N MET B 207 19.97 41.47 22.53
CA MET B 207 21.09 40.63 22.93
C MET B 207 20.79 39.94 24.26
N PRO B 208 21.45 38.81 24.54
CA PRO B 208 21.21 38.13 25.81
C PRO B 208 21.51 39.03 27.00
N GLY B 209 20.70 38.88 28.05
CA GLY B 209 20.80 39.73 29.22
C GLY B 209 19.95 40.98 29.15
N ASP B 210 19.40 41.30 27.98
CA ASP B 210 18.52 42.46 27.87
C ASP B 210 17.26 42.21 28.68
N GLU B 211 16.79 43.24 29.36
CA GLU B 211 15.71 43.11 30.33
C GLU B 211 14.41 43.60 29.69
N LEU B 212 13.52 42.67 29.37
CA LEU B 212 12.21 43.00 28.82
C LEU B 212 11.25 43.17 29.99
N VAL B 213 10.60 44.33 30.07
CA VAL B 213 9.67 44.63 31.15
C VAL B 213 8.35 45.02 30.49
N GLY B 214 7.28 44.34 30.86
CA GLY B 214 5.95 44.66 30.38
C GLY B 214 5.07 45.03 31.55
N TYR B 215 4.27 46.08 31.37
CA TYR B 215 3.45 46.64 32.42
C TYR B 215 2.07 46.95 31.86
N THR B 216 1.10 47.14 32.76
CA THR B 216 -0.27 47.44 32.38
C THR B 216 -0.69 48.87 32.73
N TYR B 217 -0.45 49.32 33.96
CA TYR B 217 -0.84 50.68 34.33
C TYR B 217 0.22 51.30 35.23
N VAL B 218 0.41 52.60 35.05
CA VAL B 218 1.33 53.40 35.87
C VAL B 218 0.70 54.76 36.11
N PRO B 219 0.93 55.33 37.30
CA PRO B 219 0.50 56.71 37.53
C PRO B 219 1.10 57.64 36.48
N PRO B 220 0.29 58.53 35.90
CA PRO B 220 0.77 59.29 34.74
C PRO B 220 1.94 60.22 35.04
N MET B 221 2.29 60.40 36.31
CA MET B 221 3.44 61.21 36.67
C MET B 221 4.75 60.58 36.18
N LEU B 222 4.76 59.28 35.95
CA LEU B 222 5.94 58.57 35.45
C LEU B 222 5.93 58.42 33.94
N GLU B 223 4.80 58.67 33.29
CA GLU B 223 4.70 58.58 31.84
C GLU B 223 5.11 59.94 31.25
N MET B 224 5.96 59.91 30.22
CA MET B 224 6.33 61.11 29.51
C MET B 224 5.91 61.00 28.04
N THR B 225 5.35 62.08 27.51
CA THR B 225 4.90 62.08 26.13
C THR B 225 6.11 62.20 25.21
N GLU B 226 6.28 61.22 24.32
CA GLU B 226 7.37 61.25 23.36
C GLU B 226 6.90 61.72 21.98
N LYS B 227 5.82 61.15 21.46
CA LYS B 227 5.35 61.48 20.12
C LYS B 227 3.86 61.76 20.15
N GLU B 228 3.46 62.84 19.49
CA GLU B 228 2.06 63.18 19.28
C GLU B 228 1.86 63.52 17.81
N PHE B 229 0.86 62.91 17.17
CA PHE B 229 0.55 63.25 15.79
C PHE B 229 -0.95 63.06 15.55
N GLU B 230 -1.34 63.15 14.28
CA GLU B 230 -2.75 63.25 13.90
C GLU B 230 -3.00 62.38 12.67
N VAL B 231 -4.27 62.02 12.46
CA VAL B 231 -4.67 61.30 11.27
C VAL B 231 -5.86 62.00 10.63
N GLU B 232 -6.98 62.04 11.35
CA GLU B 232 -8.17 62.82 10.97
C GLU B 232 -8.57 62.69 9.51
N THR B 233 -8.97 61.50 9.07
CA THR B 233 -9.53 61.35 7.73
C THR B 233 -10.87 62.08 7.64
N VAL B 234 -11.21 62.53 6.44
CA VAL B 234 -12.45 63.26 6.18
C VAL B 234 -12.56 64.49 7.07
N ARG B 242 -7.96 63.36 14.50
CA ARG B 242 -7.68 62.54 15.66
C ARG B 242 -6.26 62.75 16.18
N ILE B 243 -6.12 63.63 17.18
CA ILE B 243 -4.82 63.80 17.81
C ILE B 243 -4.45 62.52 18.54
N VAL B 244 -3.18 62.14 18.46
CA VAL B 244 -2.70 60.91 19.05
C VAL B 244 -1.56 61.25 20.02
N ARG B 245 -1.47 60.48 21.11
CA ARG B 245 -0.39 60.63 22.08
C ARG B 245 0.27 59.27 22.27
N HIS B 246 1.51 59.16 21.84
CA HIS B 246 2.36 58.02 22.16
C HIS B 246 3.31 58.44 23.26
N LEU B 247 3.23 57.78 24.41
CA LEU B 247 3.94 58.21 25.60
C LEU B 247 4.69 57.04 26.20
N ASN B 248 5.92 57.30 26.63
CA ASN B 248 6.86 56.30 27.09
C ASN B 248 7.01 56.38 28.62
N LEU B 249 7.94 55.58 29.15
CA LEU B 249 8.27 55.61 30.56
C LEU B 249 9.52 56.47 30.76
N ASP B 250 9.43 57.44 31.66
CA ASP B 250 10.52 58.38 31.89
C ASP B 250 11.72 57.67 32.49
N PRO B 251 12.84 57.58 31.80
CA PRO B 251 14.02 56.89 32.34
C PRO B 251 14.94 57.75 33.20
N GLY B 252 14.66 59.05 33.30
CA GLY B 252 15.55 59.94 34.05
C GLY B 252 15.59 59.64 35.53
N ASN B 253 14.50 59.14 36.11
CA ASN B 253 14.44 58.80 37.51
C ASN B 253 14.87 57.36 37.78
N PHE B 254 15.49 56.71 36.80
CA PHE B 254 16.00 55.36 36.96
C PHE B 254 17.52 55.37 36.81
N ASP B 255 18.18 54.43 37.50
CA ASP B 255 19.62 54.27 37.41
C ASP B 255 19.96 52.99 36.65
N ASP B 256 21.24 52.85 36.30
CA ASP B 256 21.69 51.82 35.37
C ASP B 256 22.26 50.57 36.04
N LYS B 257 22.43 50.58 37.37
CA LYS B 257 23.05 49.42 37.99
C LYS B 257 22.01 48.33 38.29
N ASP B 258 20.89 48.70 38.86
CA ASP B 258 19.90 47.70 39.22
C ASP B 258 19.00 47.39 38.02
N PRO B 259 18.41 46.19 37.98
CA PRO B 259 17.46 45.89 36.91
C PRO B 259 16.26 46.83 36.95
N LEU B 260 15.52 46.87 35.84
CA LEU B 260 14.40 47.81 35.72
C LEU B 260 13.25 47.39 36.60
N PHE B 261 12.81 46.12 36.51
CA PHE B 261 11.64 45.67 37.22
C PHE B 261 11.77 45.92 38.72
N SER B 262 12.93 45.57 39.29
CA SER B 262 13.14 45.83 40.71
C SER B 262 13.22 47.32 40.99
N GLN B 263 13.71 48.11 40.02
CA GLN B 263 13.77 49.55 40.18
C GLN B 263 12.40 50.20 40.07
N LEU B 264 11.53 49.64 39.23
CA LEU B 264 10.22 50.25 39.01
C LEU B 264 9.38 50.23 40.28
N LEU B 265 9.41 49.12 41.00
CA LEU B 265 8.63 49.00 42.23
C LEU B 265 9.16 49.93 43.32
N GLN B 266 10.42 50.39 43.18
CA GLN B 266 10.98 51.31 44.14
C GLN B 266 10.40 52.72 43.99
N VAL B 267 9.82 53.03 42.84
CA VAL B 267 9.32 54.37 42.57
C VAL B 267 7.81 54.46 42.72
N VAL B 268 7.07 53.44 42.26
CA VAL B 268 5.61 53.52 42.30
C VAL B 268 5.12 53.52 43.74
N LYS B 269 5.61 52.57 44.55
CA LYS B 269 5.26 52.56 45.97
C LYS B 269 5.76 53.82 46.65
N SER B 270 6.91 54.33 46.24
CA SER B 270 7.42 55.59 46.79
C SER B 270 6.55 56.76 46.36
N LYS B 271 6.04 56.72 45.12
CA LYS B 271 5.13 57.77 44.67
C LYS B 271 3.69 57.52 45.10
N GLN B 272 3.30 56.27 45.29
CA GLN B 272 1.93 55.98 45.72
C GLN B 272 1.67 56.56 47.11
N LYS B 273 2.53 56.25 48.07
CA LYS B 273 2.39 56.83 49.40
C LYS B 273 2.46 58.35 49.34
N GLN B 274 3.25 58.89 48.40
CA GLN B 274 3.28 60.33 48.19
C GLN B 274 1.99 60.83 47.58
N LEU B 275 1.30 59.98 46.81
CA LEU B 275 0.02 60.37 46.23
C LEU B 275 -1.10 60.31 47.27
N VAL B 276 -1.10 59.28 48.11
CA VAL B 276 -2.13 59.17 49.15
C VAL B 276 -1.90 60.23 50.22
N GLU B 277 -0.65 60.48 50.58
CA GLU B 277 -0.37 61.60 51.48
C GLU B 277 -0.80 62.91 50.83
N GLN B 278 -0.66 63.02 49.52
CA GLN B 278 -1.25 64.14 48.80
C GLN B 278 -2.77 64.03 48.76
N ALA B 279 -3.29 62.79 48.77
CA ALA B 279 -4.73 62.59 48.71
C ALA B 279 -5.40 62.67 50.07
N LYS B 280 -4.64 62.66 51.16
CA LYS B 280 -5.21 62.82 52.48
C LYS B 280 -5.35 64.28 52.88
N GLU B 281 -4.43 65.13 52.42
CA GLU B 281 -4.58 66.57 52.55
C GLU B 281 -5.69 67.12 51.68
N THR B 282 -6.25 66.30 50.78
CA THR B 282 -7.30 66.79 49.89
C THR B 282 -8.53 67.22 50.68
N GLY B 283 -8.93 66.44 51.68
CA GLY B 283 -10.19 66.73 52.34
C GLY B 283 -11.30 66.03 51.59
N GLN B 284 -11.94 66.78 50.67
CA GLN B 284 -12.91 66.20 49.77
C GLN B 284 -12.33 64.96 49.09
N ILE B 285 -13.10 63.87 49.10
CA ILE B 285 -12.55 62.56 48.75
C ILE B 285 -12.26 62.50 47.25
N GLN B 286 -11.24 61.72 46.88
CA GLN B 286 -10.76 61.62 45.53
C GLN B 286 -10.74 60.16 45.08
N ARG B 287 -10.61 59.96 43.76
CA ARG B 287 -10.73 58.65 43.15
C ARG B 287 -9.70 58.52 42.03
N PHE B 288 -8.85 57.50 42.12
CA PHE B 288 -7.95 57.13 41.02
C PHE B 288 -7.38 55.75 41.32
N GLY B 289 -6.71 55.18 40.33
CA GLY B 289 -6.05 53.91 40.53
C GLY B 289 -6.70 52.82 39.71
N ASP B 290 -5.88 51.98 39.10
CA ASP B 290 -6.36 50.82 38.35
C ASP B 290 -5.58 49.59 38.80
N ASP B 291 -5.84 48.46 38.16
CA ASP B 291 -5.12 47.23 38.47
C ASP B 291 -3.72 47.32 37.87
N PHE B 292 -2.70 47.17 38.72
CA PHE B 292 -1.30 47.29 38.31
C PHE B 292 -0.69 45.89 38.24
N THR B 293 -0.47 45.41 37.02
CA THR B 293 0.17 44.12 36.77
C THR B 293 1.35 44.35 35.84
N VAL B 294 2.51 43.79 36.20
CA VAL B 294 3.76 44.03 35.49
C VAL B 294 4.45 42.69 35.27
N GLY B 295 5.05 42.53 34.10
CA GLY B 295 5.79 41.33 33.76
C GLY B 295 7.21 41.66 33.38
N ARG B 296 8.14 40.79 33.78
CA ARG B 296 9.56 40.98 33.56
C ARG B 296 10.10 39.79 32.77
N LEU B 297 10.87 40.07 31.72
CA LEU B 297 11.47 39.01 30.92
C LEU B 297 12.91 39.36 30.59
N VAL B 298 13.79 38.37 30.64
CA VAL B 298 15.19 38.54 30.28
C VAL B 298 15.47 37.70 29.04
N ILE B 299 16.13 38.31 28.07
CA ILE B 299 16.40 37.63 26.79
C ILE B 299 17.35 36.46 27.03
N PRO B 300 17.01 35.25 26.62
CA PRO B 300 17.86 34.10 26.93
C PRO B 300 19.06 34.00 26.00
N ASP B 301 20.06 33.24 26.46
CA ASP B 301 21.23 32.93 25.67
C ASP B 301 21.00 31.70 24.80
N GLN B 302 21.93 31.43 23.89
CA GLN B 302 21.82 30.25 23.05
C GLN B 302 21.92 28.96 23.85
N LEU B 303 22.52 28.99 25.03
CA LEU B 303 22.63 27.78 25.84
C LEU B 303 21.30 27.45 26.52
N LEU B 304 20.65 28.45 27.13
CA LEU B 304 19.39 28.19 27.82
C LEU B 304 18.31 27.74 26.84
N ILE B 305 18.30 28.31 25.64
CA ILE B 305 17.33 27.92 24.63
C ILE B 305 17.40 26.43 24.34
N ASN B 306 18.62 25.90 24.25
CA ASN B 306 18.81 24.47 23.97
C ASN B 306 18.14 23.62 25.04
N GLN B 307 18.49 23.84 26.30
CA GLN B 307 17.85 23.10 27.39
C GLN B 307 16.38 23.43 27.51
N LEU B 308 15.93 24.58 26.99
CA LEU B 308 14.50 24.80 26.84
C LEU B 308 13.92 23.91 25.74
N ARG B 309 14.56 23.89 24.57
CA ARG B 309 14.15 22.94 23.53
C ARG B 309 14.21 21.51 24.07
N ILE B 310 15.20 21.22 24.91
CA ILE B 310 15.28 19.91 25.56
C ILE B 310 14.06 19.69 26.43
N HIS B 311 13.75 20.65 27.30
CA HIS B 311 12.61 20.51 28.20
C HIS B 311 11.29 20.55 27.43
N ALA B 312 11.26 21.17 26.26
CA ALA B 312 10.05 21.23 25.46
C ALA B 312 9.56 19.84 25.07
N LEU B 313 10.50 18.96 24.70
CA LEU B 313 10.12 17.59 24.31
C LEU B 313 9.65 16.79 25.52
N SER B 314 10.41 16.85 26.61
CA SER B 314 10.15 16.00 27.77
C SER B 314 8.73 16.14 28.31
N ILE B 315 8.14 17.34 28.21
CA ILE B 315 6.77 17.52 28.68
C ILE B 315 5.77 16.86 27.74
N GLY B 316 5.96 17.02 26.43
CA GLY B 316 4.99 16.51 25.47
C GLY B 316 5.00 15.01 25.29
N VAL B 317 6.17 14.37 25.46
CA VAL B 317 6.31 12.96 25.08
C VAL B 317 5.63 12.00 26.06
N SER B 318 5.61 12.33 27.36
CA SER B 318 5.18 11.35 28.36
C SER B 318 3.67 11.12 28.34
N ASP B 319 2.90 12.19 28.54
CA ASP B 319 1.51 12.13 28.99
C ASP B 319 0.53 11.45 28.02
N GLY B 320 0.85 11.38 26.73
CA GLY B 320 -0.13 10.90 25.76
C GLY B 320 -0.73 9.52 25.99
N LEU B 321 0.12 8.49 26.06
CA LEU B 321 -0.30 7.10 26.11
C LEU B 321 -0.75 6.61 27.50
N LEU B 322 -1.06 7.49 28.45
CA LEU B 322 -1.29 6.99 29.80
C LEU B 322 -2.74 6.58 30.05
N SER B 323 -3.69 7.15 29.31
CA SER B 323 -5.08 6.73 29.38
C SER B 323 -5.53 5.95 28.15
N TYR B 324 -4.89 6.20 27.00
CA TYR B 324 -5.24 5.50 25.76
C TYR B 324 -5.14 4.00 25.92
N ILE B 325 -4.09 3.52 26.59
CA ILE B 325 -3.91 2.08 26.77
C ILE B 325 -5.09 1.47 27.51
N LYS B 326 -5.69 2.22 28.43
CA LYS B 326 -6.91 1.75 29.08
C LYS B 326 -8.06 1.70 28.08
N ASN B 327 -8.33 2.81 27.40
CA ASN B 327 -9.43 2.90 26.45
C ASN B 327 -9.07 2.23 25.13
N ASN B 347 0.67 -3.18 26.24
CA ASN B 347 2.08 -2.81 26.35
C ASN B 347 2.20 -1.51 27.15
N ILE B 348 1.82 -1.57 28.42
CA ILE B 348 1.87 -0.41 29.30
C ILE B 348 3.01 -0.49 30.32
N GLU B 349 3.49 -1.68 30.65
CA GLU B 349 4.42 -1.86 31.77
C GLU B 349 5.67 -0.99 31.65
N LYS B 350 6.09 -0.67 30.42
CA LYS B 350 7.30 0.13 30.24
C LYS B 350 7.08 1.59 30.62
N ALA B 351 6.10 2.24 29.98
CA ALA B 351 5.98 3.69 30.03
C ALA B 351 5.66 4.24 31.42
N THR B 352 4.93 3.48 32.25
CA THR B 352 4.64 3.95 33.60
C THR B 352 5.91 4.24 34.37
N LEU B 353 6.95 3.41 34.21
CA LEU B 353 8.23 3.68 34.82
C LEU B 353 8.97 4.81 34.12
N TYR B 354 8.72 5.01 32.83
CA TYR B 354 9.40 6.07 32.09
C TYR B 354 8.89 7.45 32.50
N LYS B 355 7.58 7.57 32.74
CA LYS B 355 7.01 8.86 33.10
C LYS B 355 7.62 9.37 34.41
N ASN B 356 7.74 8.49 35.39
CA ASN B 356 8.35 8.88 36.66
C ASN B 356 9.83 9.21 36.47
N LEU B 357 10.51 8.49 35.58
CA LEU B 357 11.92 8.80 35.33
C LEU B 357 12.06 10.23 34.82
N ILE B 358 11.16 10.66 33.94
CA ILE B 358 11.13 12.06 33.55
C ILE B 358 10.71 12.93 34.73
N ALA B 359 9.82 12.42 35.60
CA ALA B 359 9.34 13.21 36.72
C ALA B 359 10.43 13.45 37.78
N LYS B 360 11.51 12.69 37.74
CA LYS B 360 12.65 12.90 38.63
C LYS B 360 13.76 13.72 37.99
N TYR B 361 14.01 13.53 36.70
CA TYR B 361 15.18 14.09 36.05
C TYR B 361 14.86 15.13 34.98
N GLN B 362 13.62 15.63 34.93
CA GLN B 362 13.30 16.64 33.92
C GLN B 362 13.98 17.97 34.21
N ASN B 363 14.26 18.25 35.49
CA ASN B 363 14.91 19.51 35.84
C ASN B 363 16.38 19.52 35.44
N ASN B 364 17.04 18.37 35.44
CA ASN B 364 18.39 18.28 34.91
C ASN B 364 18.25 17.99 33.42
N HIS B 365 18.81 18.88 32.60
CA HIS B 365 18.50 18.89 31.17
C HIS B 365 19.29 17.84 30.39
N PHE B 366 20.36 17.30 30.95
CA PHE B 366 21.20 16.39 30.20
C PHE B 366 20.70 14.95 30.27
N ILE B 367 20.51 14.43 31.49
CA ILE B 367 20.03 13.06 31.62
C ILE B 367 18.65 12.91 30.99
N SER B 368 17.75 13.87 31.26
CA SER B 368 16.42 13.85 30.65
C SER B 368 16.49 13.72 29.13
N LEU B 369 17.57 14.22 28.53
CA LEU B 369 17.74 14.06 27.08
C LEU B 369 18.18 12.65 26.73
N ILE B 370 19.21 12.14 27.41
CA ILE B 370 19.76 10.84 27.04
C ILE B 370 18.75 9.74 27.36
N ILE B 371 17.92 9.95 28.40
CA ILE B 371 16.83 9.02 28.68
C ILE B 371 15.95 8.84 27.46
N LEU B 372 15.66 9.94 26.76
CA LEU B 372 14.92 9.85 25.51
C LEU B 372 15.74 9.14 24.44
N SER B 373 17.03 9.46 24.35
CA SER B 373 17.90 8.82 23.37
C SER B 373 17.97 7.31 23.57
N ALA B 374 17.82 6.86 24.82
CA ALA B 374 17.80 5.42 25.09
C ALA B 374 16.47 4.81 24.67
N LEU B 375 15.37 5.54 24.83
CA LEU B 375 14.05 4.99 24.51
C LEU B 375 13.93 4.65 23.04
N VAL B 376 14.55 5.45 22.16
CA VAL B 376 14.42 5.20 20.72
C VAL B 376 15.19 3.96 20.32
N SER B 377 16.33 3.69 20.97
CA SER B 377 17.12 2.52 20.63
C SER B 377 16.47 1.22 21.10
N ASP B 378 15.52 1.31 22.03
CA ASP B 378 14.85 0.13 22.58
C ASP B 378 13.94 -0.49 21.51
N SER B 379 14.38 -1.60 20.94
CA SER B 379 13.56 -2.32 19.95
C SER B 379 12.36 -3.01 20.58
N LYS B 380 12.30 -3.11 21.90
CA LYS B 380 11.15 -3.72 22.56
C LYS B 380 10.02 -2.73 22.82
N THR B 381 10.22 -1.44 22.56
CA THR B 381 9.16 -0.45 22.63
C THR B 381 9.02 0.26 21.29
N PRO B 382 8.72 -0.47 20.19
CA PRO B 382 8.60 0.20 18.89
C PRO B 382 7.31 0.99 18.80
N LEU B 383 6.23 0.34 19.23
CA LEU B 383 4.92 0.98 19.24
C LEU B 383 4.91 2.15 20.22
N MET B 384 5.50 1.96 21.40
CA MET B 384 5.61 3.06 22.35
C MET B 384 6.49 4.17 21.79
N THR B 385 7.48 3.81 20.96
CA THR B 385 8.24 4.81 20.23
C THR B 385 7.44 5.37 19.07
N GLN B 386 6.85 4.49 18.26
CA GLN B 386 6.11 4.93 17.07
C GLN B 386 4.87 5.74 17.40
N TYR B 387 4.26 5.50 18.57
CA TYR B 387 3.08 6.29 18.89
C TYR B 387 3.46 7.73 19.19
N LEU B 388 4.63 7.95 19.77
CA LEU B 388 5.07 9.31 20.09
C LEU B 388 5.26 10.11 18.82
N VAL B 389 5.78 9.47 17.78
CA VAL B 389 6.02 10.17 16.51
C VAL B 389 4.70 10.69 15.94
N GLY B 390 3.64 9.88 16.08
CA GLY B 390 2.31 10.34 15.69
C GLY B 390 1.76 11.39 16.63
N TYR B 391 1.97 11.21 17.94
CA TYR B 391 1.54 12.21 18.90
C TYR B 391 2.29 13.52 18.72
N LEU B 392 3.54 13.46 18.29
CA LEU B 392 4.32 14.67 18.07
C LEU B 392 4.31 15.10 16.62
N ASP B 393 3.59 14.35 15.76
CA ASP B 393 3.47 14.67 14.34
C ASP B 393 4.83 14.87 13.69
N PHE B 394 5.74 13.94 13.97
CA PHE B 394 7.09 13.94 13.41
C PHE B 394 7.15 13.01 12.20
N PRO B 395 7.80 13.46 11.13
CA PRO B 395 7.75 12.67 9.89
C PRO B 395 8.53 11.37 9.97
N SER B 396 9.75 11.40 10.51
CA SER B 396 10.62 10.25 10.54
C SER B 396 11.18 10.04 11.94
N LYS B 397 11.29 8.77 12.35
CA LYS B 397 11.91 8.46 13.64
C LYS B 397 13.32 9.03 13.72
N ALA B 398 14.07 8.98 12.61
CA ALA B 398 15.45 9.43 12.62
C ALA B 398 15.55 10.93 12.85
N LEU B 399 14.64 11.70 12.23
CA LEU B 399 14.64 13.14 12.46
C LEU B 399 14.44 13.45 13.94
N LEU B 400 13.69 12.61 14.64
CA LEU B 400 13.58 12.74 16.09
C LEU B 400 14.92 12.43 16.76
N ALA B 401 15.54 11.32 16.38
CA ALA B 401 16.82 10.93 16.98
C ALA B 401 17.95 11.88 16.59
N ASN B 402 17.93 12.42 15.37
CA ASN B 402 18.95 13.38 14.97
C ASN B 402 18.80 14.69 15.75
N LYS B 403 17.57 15.18 15.89
CA LYS B 403 17.35 16.39 16.68
C LYS B 403 17.83 16.19 18.11
N ILE B 404 17.71 14.96 18.62
CA ILE B 404 18.28 14.62 19.92
C ILE B 404 19.80 14.76 19.89
N THR B 405 20.44 14.13 18.90
CA THR B 405 21.90 14.13 18.86
C THR B 405 22.46 15.53 18.66
N GLU B 406 21.80 16.35 17.84
CA GLU B 406 22.28 17.71 17.63
C GLU B 406 22.29 18.49 18.93
N LEU B 407 21.19 18.43 19.68
CA LEU B 407 21.11 19.12 20.96
C LEU B 407 21.93 18.41 22.04
N LEU B 408 22.15 17.10 21.91
CA LEU B 408 22.89 16.38 22.93
C LEU B 408 24.36 16.80 22.93
N LEU B 409 24.99 16.77 21.75
CA LEU B 409 26.40 17.13 21.66
C LEU B 409 26.60 18.62 21.90
N LYS B 410 25.63 19.44 21.48
CA LYS B 410 25.71 20.88 21.69
C LYS B 410 25.64 21.23 23.17
N GLU B 411 24.94 20.41 23.97
CA GLU B 411 24.95 20.58 25.41
C GLU B 411 26.28 20.16 26.03
N LEU B 412 27.08 19.35 25.32
CA LEU B 412 28.41 19.01 25.82
C LEU B 412 29.36 20.20 25.79
N GLU B 413 29.13 21.16 24.88
CA GLU B 413 29.93 22.38 24.91
C GLU B 413 29.56 23.29 26.07
N ASN B 414 28.48 23.00 26.79
CA ASN B 414 28.17 23.73 28.01
C ASN B 414 29.28 23.46 29.01
N PRO B 415 29.92 24.50 29.56
CA PRO B 415 31.03 24.28 30.50
C PRO B 415 30.69 23.43 31.70
N ASP B 416 29.41 23.17 32.00
CA ASP B 416 29.08 22.35 33.15
C ASP B 416 29.42 20.88 32.88
N MET B 417 29.23 20.43 31.64
CA MET B 417 29.59 19.06 31.31
C MET B 417 31.08 18.93 31.06
N ARG B 418 31.69 20.00 30.57
CA ARG B 418 33.14 20.05 30.42
C ARG B 418 33.84 19.79 31.76
N GLU B 419 33.25 20.28 32.86
CA GLU B 419 33.78 19.97 34.18
C GLU B 419 33.54 18.52 34.56
N ILE B 420 32.40 17.96 34.17
CA ILE B 420 32.05 16.60 34.59
C ILE B 420 32.53 15.55 33.59
N LEU B 421 32.65 15.89 32.31
CA LEU B 421 33.10 14.96 31.29
C LEU B 421 34.45 15.44 30.77
N GLY B 422 35.52 14.78 31.22
CA GLY B 422 36.86 15.10 30.79
C GLY B 422 37.62 13.94 30.20
N SER B 423 37.97 14.01 28.91
CA SER B 423 38.66 12.93 28.22
C SER B 423 37.92 11.60 28.37
N ARG B 424 36.62 11.64 28.12
CA ARG B 424 35.74 10.53 28.47
C ARG B 424 35.15 9.81 27.27
N LEU B 425 35.31 10.33 26.05
CA LEU B 425 34.79 9.71 24.83
C LEU B 425 33.28 9.49 24.92
N ALA B 426 32.57 10.63 24.96
CA ALA B 426 31.15 10.59 25.29
C ALA B 426 30.35 9.80 24.27
N THR B 427 30.78 9.77 23.00
CA THR B 427 30.02 9.08 21.97
C THR B 427 29.81 7.61 22.32
N ASP B 428 30.86 6.96 22.83
CA ASP B 428 30.70 5.59 23.34
C ASP B 428 29.98 5.62 24.68
N VAL B 429 30.26 6.64 25.49
CA VAL B 429 29.64 6.77 26.80
C VAL B 429 28.13 6.84 26.66
N ILE B 430 27.65 7.58 25.64
CA ILE B 430 26.21 7.63 25.40
C ILE B 430 25.67 6.24 25.13
N GLU B 431 26.33 5.50 24.23
CA GLU B 431 25.96 4.11 24.00
C GLU B 431 26.11 3.30 25.28
N GLU B 432 27.21 3.53 26.00
CA GLU B 432 27.37 2.95 27.33
C GLU B 432 26.21 3.36 28.23
N LEU B 433 25.91 4.67 28.27
CA LEU B 433 24.74 5.12 29.02
C LEU B 433 23.47 4.54 28.42
N GLU B 434 23.40 4.49 27.09
CA GLU B 434 22.25 3.85 26.43
C GLU B 434 22.13 2.39 26.87
N THR B 435 23.27 1.68 26.94
CA THR B 435 23.24 0.30 27.39
C THR B 435 22.79 0.21 28.84
N LYS B 436 23.16 1.19 29.66
CA LYS B 436 22.75 1.19 31.07
C LYS B 436 21.24 1.32 31.20
N ILE B 437 20.65 2.28 30.47
CA ILE B 437 19.22 2.52 30.55
C ILE B 437 18.45 1.36 29.92
N ILE B 438 18.96 0.79 28.83
CA ILE B 438 18.32 -0.39 28.26
C ILE B 438 18.40 -1.55 29.24
N ARG B 439 19.51 -1.65 29.97
CA ARG B 439 19.66 -2.63 31.05
C ARG B 439 18.91 -2.25 32.31
N TYR B 440 18.12 -1.17 32.29
CA TYR B 440 17.36 -0.78 33.47
C TYR B 440 16.07 -1.58 33.60
N ILE B 441 15.54 -2.11 32.50
CA ILE B 441 14.22 -2.69 32.50
C ILE B 441 14.24 -4.22 32.38
N HIS B 442 15.30 -4.80 31.81
CA HIS B 442 15.41 -6.26 31.74
C HIS B 442 15.24 -6.90 33.12
N ASN B 443 16.15 -6.57 34.04
CA ASN B 443 16.06 -6.96 35.44
C ASN B 443 15.95 -5.67 36.24
N PRO B 444 14.73 -5.16 36.48
CA PRO B 444 14.60 -3.81 37.03
C PRO B 444 15.17 -3.62 38.43
N ALA B 445 14.70 -4.43 39.39
CA ALA B 445 15.01 -4.22 40.80
C ALA B 445 16.34 -4.85 41.20
N GLY B 446 17.40 -4.49 40.47
CA GLY B 446 18.73 -4.97 40.81
C GLY B 446 19.80 -3.92 40.54
N SER B 447 19.39 -2.65 40.48
CA SER B 447 20.29 -1.59 40.09
C SER B 447 19.93 -0.30 40.81
N ASP B 448 20.94 0.36 41.38
CA ASP B 448 20.80 1.74 41.87
C ASP B 448 21.50 2.62 40.85
N ILE B 449 20.77 2.99 39.79
CA ILE B 449 21.35 3.83 38.76
C ILE B 449 21.38 5.28 39.21
N HIS B 450 20.51 5.65 40.17
CA HIS B 450 20.37 7.03 40.58
C HIS B 450 21.69 7.59 41.07
N SER B 451 22.39 6.83 41.92
CA SER B 451 23.75 7.22 42.33
C SER B 451 24.68 7.25 41.13
N THR B 452 24.55 6.27 40.21
CA THR B 452 25.32 6.30 38.98
C THR B 452 24.96 7.51 38.14
N LEU B 453 23.67 7.90 38.14
CA LEU B 453 23.26 9.11 37.45
C LEU B 453 23.57 10.37 38.24
N ASN B 454 23.57 10.29 39.57
CA ASN B 454 23.89 11.47 40.38
C ASN B 454 25.33 11.91 40.19
N LEU B 455 26.15 11.07 39.55
CA LEU B 455 27.50 11.47 39.15
C LEU B 455 27.45 12.57 38.11
N TRP B 456 26.38 12.61 37.31
CA TRP B 456 26.27 13.50 36.15
C TRP B 456 25.50 14.77 36.44
N THR B 457 24.92 14.91 37.63
CA THR B 457 24.26 16.14 38.03
C THR B 457 25.29 17.05 38.69
N ALA B 458 24.83 18.19 39.21
CA ALA B 458 25.70 19.17 39.90
C ALA B 458 26.78 18.54 40.77
N ARG C 2 -33.09 -53.01 -7.82
CA ARG C 2 -33.83 -54.08 -8.47
C ARG C 2 -34.27 -53.64 -9.86
N SER C 3 -34.45 -54.60 -10.77
CA SER C 3 -34.82 -54.33 -12.16
C SER C 3 -33.79 -53.38 -12.80
N ILE C 4 -32.57 -53.88 -12.90
CA ILE C 4 -31.39 -53.07 -13.21
C ILE C 4 -31.09 -53.13 -14.70
N ILE C 5 -30.94 -51.96 -15.30
CA ILE C 5 -30.74 -51.78 -16.74
C ILE C 5 -29.25 -51.73 -17.04
N THR C 6 -28.89 -51.85 -18.33
CA THR C 6 -27.51 -51.69 -18.75
C THR C 6 -27.31 -50.53 -19.71
N GLN C 7 -28.05 -50.50 -20.82
CA GLN C 7 -27.95 -49.41 -21.79
C GLN C 7 -29.34 -48.93 -22.18
N ILE C 8 -29.51 -47.61 -22.27
CA ILE C 8 -30.77 -47.01 -22.66
C ILE C 8 -30.48 -45.87 -23.63
N CYS C 9 -31.41 -45.65 -24.55
CA CYS C 9 -31.41 -44.51 -25.46
C CYS C 9 -32.64 -43.69 -25.08
N ASN C 10 -32.43 -42.61 -24.34
CA ASN C 10 -33.54 -41.83 -23.80
C ASN C 10 -33.91 -40.67 -24.72
N GLY C 11 -34.18 -41.01 -25.98
CA GLY C 11 -34.68 -40.04 -26.94
C GLY C 11 -33.67 -39.03 -27.43
N VAL C 12 -32.40 -39.17 -27.07
CA VAL C 12 -31.38 -38.17 -27.36
C VAL C 12 -30.36 -38.81 -28.30
N LEU C 13 -29.81 -37.98 -29.19
CA LEU C 13 -28.72 -38.42 -30.04
C LEU C 13 -27.82 -37.22 -30.35
N HIS C 14 -26.56 -37.52 -30.66
CA HIS C 14 -25.58 -36.49 -31.00
C HIS C 14 -25.74 -36.16 -32.48
N GLY C 15 -24.77 -35.45 -33.04
CA GLY C 15 -24.80 -35.09 -34.44
C GLY C 15 -24.87 -36.28 -35.37
N GLN C 16 -26.03 -36.49 -35.99
CA GLN C 16 -26.26 -37.44 -37.08
C GLN C 16 -26.18 -38.90 -36.67
N SER C 17 -25.82 -39.19 -35.41
CA SER C 17 -25.67 -40.58 -35.00
C SER C 17 -25.55 -40.64 -33.49
N TYR C 18 -25.74 -41.85 -32.95
CA TYR C 18 -25.55 -42.13 -31.54
C TYR C 18 -25.25 -43.61 -31.38
N GLN C 19 -24.08 -43.93 -30.84
CA GLN C 19 -23.79 -45.33 -30.52
C GLN C 19 -24.09 -45.53 -29.04
N SER C 20 -23.65 -46.64 -28.47
CA SER C 20 -24.16 -47.08 -27.17
C SER C 20 -23.08 -47.05 -26.09
N GLY C 21 -22.11 -47.93 -26.19
CA GLY C 21 -21.14 -48.15 -25.12
C GLY C 21 -21.01 -49.64 -24.91
N SER C 22 -19.89 -50.03 -24.32
CA SER C 22 -19.60 -51.45 -24.16
C SER C 22 -20.22 -52.04 -22.90
N ASN C 23 -20.12 -51.35 -21.75
CA ASN C 23 -20.84 -51.73 -20.54
C ASN C 23 -20.53 -53.15 -20.03
N ASP C 24 -19.38 -53.33 -19.37
CA ASP C 24 -18.90 -54.61 -18.85
C ASP C 24 -19.97 -55.45 -18.15
N LEU C 25 -20.87 -54.81 -17.40
CA LEU C 25 -21.84 -55.57 -16.61
C LEU C 25 -22.59 -56.60 -17.44
N ASP C 26 -22.79 -56.34 -18.73
CA ASP C 26 -23.41 -57.31 -19.63
C ASP C 26 -22.39 -58.16 -20.38
N LYS C 27 -21.09 -57.94 -20.13
CA LYS C 27 -20.03 -58.71 -20.77
C LYS C 27 -20.14 -58.67 -22.30
N GLY C 28 -20.31 -57.46 -22.83
CA GLY C 28 -20.31 -57.25 -24.26
C GLY C 28 -21.56 -57.71 -24.97
N ASN C 29 -22.67 -57.86 -24.26
CA ASN C 29 -23.93 -58.31 -24.83
C ASN C 29 -24.98 -57.21 -24.93
N SER C 30 -24.68 -56.01 -24.47
CA SER C 30 -25.62 -54.89 -24.49
C SER C 30 -25.12 -53.86 -25.49
N GLU C 31 -25.75 -53.80 -26.65
CA GLU C 31 -25.44 -52.81 -27.67
C GLU C 31 -26.74 -52.24 -28.20
N ILE C 32 -26.72 -50.95 -28.50
CA ILE C 32 -27.82 -50.27 -29.18
C ILE C 32 -27.20 -49.32 -30.20
N PHE C 33 -28.04 -48.78 -31.05
CA PHE C 33 -27.57 -47.84 -32.07
C PHE C 33 -28.75 -47.00 -32.50
N ALA C 34 -28.47 -45.75 -32.85
CA ALA C 34 -29.52 -44.82 -33.22
C ALA C 34 -29.00 -43.87 -34.28
N SER C 35 -29.84 -43.62 -35.29
CA SER C 35 -29.52 -42.66 -36.34
C SER C 35 -30.83 -42.17 -36.94
N SER C 36 -30.75 -41.07 -37.67
CA SER C 36 -31.90 -40.48 -38.32
C SER C 36 -31.85 -40.81 -39.80
N LEU C 37 -32.79 -41.63 -40.26
CA LEU C 37 -32.93 -41.94 -41.68
C LEU C 37 -33.77 -40.90 -42.41
N PHE C 38 -34.18 -39.84 -41.71
CA PHE C 38 -35.11 -38.85 -42.27
C PHE C 38 -34.40 -38.08 -43.37
N VAL C 39 -34.66 -38.47 -44.61
CA VAL C 39 -34.06 -37.84 -45.78
C VAL C 39 -35.08 -36.84 -46.36
N HIS C 40 -34.67 -35.57 -46.43
CA HIS C 40 -35.51 -34.52 -47.01
C HIS C 40 -34.64 -33.80 -48.04
N LEU C 41 -34.65 -34.33 -49.27
CA LEU C 41 -33.84 -33.80 -50.39
C LEU C 41 -32.46 -33.29 -49.99
N LYS C 52 -32.12 -32.63 -36.19
CA LYS C 52 -32.67 -33.87 -36.74
C LYS C 52 -32.76 -34.93 -35.64
N ASP C 53 -33.49 -34.61 -34.58
CA ASP C 53 -33.53 -35.48 -33.41
C ASP C 53 -34.48 -36.65 -33.61
N SER C 54 -34.17 -37.75 -32.90
CA SER C 54 -34.98 -38.96 -32.92
C SER C 54 -35.91 -38.97 -31.72
N ASP C 55 -37.07 -39.61 -31.87
CA ASP C 55 -38.05 -39.71 -30.81
C ASP C 55 -38.14 -41.08 -30.16
N ASP C 56 -37.47 -42.10 -30.69
CA ASP C 56 -37.62 -43.44 -30.15
C ASP C 56 -36.81 -43.58 -28.85
N LYS C 57 -37.06 -44.68 -28.15
CA LYS C 57 -36.37 -44.99 -26.90
C LYS C 57 -36.32 -46.50 -26.74
N ILE C 58 -35.12 -47.02 -26.48
CA ILE C 58 -34.88 -48.45 -26.31
C ILE C 58 -34.21 -48.67 -24.96
N VAL C 59 -34.65 -49.72 -24.27
CA VAL C 59 -34.12 -50.06 -22.95
C VAL C 59 -33.80 -51.56 -22.94
N ILE C 60 -32.57 -51.89 -22.56
CA ILE C 60 -32.12 -53.27 -22.43
C ILE C 60 -31.54 -53.44 -21.03
N GLY C 61 -31.96 -54.48 -20.34
CA GLY C 61 -31.53 -54.69 -18.97
C GLY C 61 -31.75 -56.11 -18.51
N TYR C 62 -31.63 -56.30 -17.19
CA TYR C 62 -31.67 -57.63 -16.59
C TYR C 62 -32.46 -57.60 -15.28
N THR C 63 -33.23 -58.67 -15.06
CA THR C 63 -34.10 -58.76 -13.90
C THR C 63 -33.29 -58.93 -12.62
N LYS C 64 -33.98 -58.85 -11.49
CA LYS C 64 -33.35 -59.18 -10.21
C LYS C 64 -32.97 -60.65 -10.16
N ASP C 65 -33.76 -61.52 -10.82
CA ASP C 65 -33.40 -62.91 -11.02
C ASP C 65 -32.44 -63.10 -12.20
N GLY C 66 -32.03 -62.02 -12.85
CA GLY C 66 -31.02 -62.10 -13.88
C GLY C 66 -31.51 -62.46 -15.27
N MET C 67 -32.80 -62.27 -15.54
CA MET C 67 -33.32 -62.59 -16.86
C MET C 67 -33.21 -61.40 -17.80
N ALA C 68 -32.95 -61.70 -19.07
CA ALA C 68 -32.73 -60.66 -20.05
C ALA C 68 -34.05 -60.13 -20.57
N PHE C 69 -34.04 -58.87 -21.00
CA PHE C 69 -35.22 -58.28 -21.62
C PHE C 69 -34.79 -57.12 -22.50
N GLN C 70 -35.69 -56.72 -23.39
CA GLN C 70 -35.47 -55.61 -24.30
C GLN C 70 -36.82 -54.96 -24.57
N ILE C 71 -36.86 -53.63 -24.47
CA ILE C 71 -38.07 -52.86 -24.75
C ILE C 71 -37.78 -51.95 -25.94
N VAL C 72 -38.74 -51.87 -26.86
CA VAL C 72 -38.59 -51.06 -28.07
C VAL C 72 -39.79 -50.15 -28.17
N VAL C 73 -39.55 -48.84 -28.29
CA VAL C 73 -40.61 -47.84 -28.33
C VAL C 73 -40.37 -46.93 -29.53
N ASP C 74 -41.44 -46.59 -30.23
CA ASP C 74 -41.43 -45.56 -31.26
C ASP C 74 -42.61 -44.63 -31.00
N GLY C 75 -42.31 -43.35 -30.76
CA GLY C 75 -43.34 -42.38 -30.48
C GLY C 75 -43.93 -41.82 -31.75
N PHE C 76 -44.84 -40.85 -31.57
CA PHE C 76 -45.50 -40.21 -32.71
C PHE C 76 -45.08 -38.76 -32.87
N TYR C 77 -45.26 -37.94 -31.84
CA TYR C 77 -45.05 -36.50 -31.94
C TYR C 77 -43.80 -36.10 -31.16
N GLY C 78 -42.86 -35.44 -31.84
CA GLY C 78 -41.71 -34.88 -31.16
C GLY C 78 -42.03 -33.74 -30.22
N CYS C 79 -43.29 -33.29 -30.20
CA CYS C 79 -43.69 -32.21 -29.30
C CYS C 79 -43.87 -32.73 -27.89
N GLU C 80 -44.54 -33.87 -27.73
CA GLU C 80 -44.76 -34.43 -26.40
C GLU C 80 -43.50 -35.12 -25.92
N ARG C 81 -43.15 -36.25 -26.52
CA ARG C 81 -41.79 -36.78 -26.59
C ARG C 81 -41.14 -37.03 -25.22
N GLN C 82 -41.83 -36.71 -24.13
CA GLN C 82 -41.14 -36.84 -22.85
C GLN C 82 -41.94 -37.63 -21.83
N ALA C 83 -43.26 -37.43 -21.76
CA ALA C 83 -44.08 -38.28 -20.92
C ALA C 83 -44.05 -39.72 -21.37
N VAL C 84 -43.79 -39.95 -22.66
CA VAL C 84 -43.54 -41.32 -23.15
C VAL C 84 -42.31 -41.90 -22.46
N PHE C 85 -41.25 -41.10 -22.33
CA PHE C 85 -40.02 -41.59 -21.70
C PHE C 85 -40.23 -41.75 -20.20
N SER C 86 -40.75 -40.71 -19.55
CA SER C 86 -41.04 -40.77 -18.12
C SER C 86 -42.07 -41.86 -17.80
N PHE C 87 -42.82 -42.31 -18.80
CA PHE C 87 -43.76 -43.41 -18.60
C PHE C 87 -43.02 -44.73 -18.44
N ILE C 88 -41.94 -44.93 -19.20
CA ILE C 88 -41.22 -46.21 -19.16
C ILE C 88 -40.45 -46.35 -17.85
N ASP C 89 -39.75 -45.29 -17.42
CA ASP C 89 -38.88 -45.40 -16.26
C ASP C 89 -39.67 -45.59 -14.97
N ASN C 90 -40.89 -45.04 -14.90
CA ASN C 90 -41.69 -45.08 -13.69
C ASN C 90 -42.79 -46.13 -13.68
N TYR C 91 -43.35 -46.50 -14.84
CA TYR C 91 -44.54 -47.33 -14.84
C TYR C 91 -44.41 -48.64 -15.62
N VAL C 92 -43.79 -48.62 -16.80
CA VAL C 92 -43.71 -49.85 -17.60
C VAL C 92 -42.63 -50.78 -17.06
N LEU C 93 -41.47 -50.22 -16.68
CA LEU C 93 -40.33 -51.05 -16.28
C LEU C 93 -40.62 -51.97 -15.11
N PRO C 94 -41.25 -51.53 -14.01
CA PRO C 94 -41.48 -52.46 -12.89
C PRO C 94 -42.37 -53.65 -13.22
N LEU C 95 -42.99 -53.71 -14.40
CA LEU C 95 -43.80 -54.87 -14.73
C LEU C 95 -42.98 -56.02 -15.27
N ILE C 96 -41.73 -55.78 -15.68
CA ILE C 96 -40.89 -56.85 -16.20
C ILE C 96 -40.54 -57.83 -15.09
N ASP C 97 -40.23 -57.29 -13.90
CA ASP C 97 -39.89 -58.14 -12.75
C ASP C 97 -41.06 -59.06 -12.42
N ASN C 98 -42.26 -58.50 -12.35
CA ASN C 98 -43.46 -59.31 -12.14
C ASN C 98 -43.78 -60.18 -13.35
N PHE C 99 -43.30 -59.82 -14.55
CA PHE C 99 -43.66 -60.54 -15.76
C PHE C 99 -42.91 -61.86 -15.88
N SER C 100 -41.57 -61.81 -15.80
CA SER C 100 -40.77 -63.02 -16.02
C SER C 100 -41.12 -64.11 -15.02
N LEU C 101 -41.46 -63.73 -13.79
CA LEU C 101 -41.86 -64.72 -12.78
C LEU C 101 -43.20 -65.35 -13.14
N ASP C 102 -44.20 -64.54 -13.47
CA ASP C 102 -45.52 -65.07 -13.81
C ASP C 102 -45.47 -66.00 -15.01
N LEU C 103 -44.48 -65.83 -15.89
CA LEU C 103 -44.28 -66.81 -16.95
C LEU C 103 -43.86 -68.15 -16.37
N THR C 104 -43.08 -68.13 -15.29
CA THR C 104 -42.71 -69.37 -14.63
C THR C 104 -43.88 -69.93 -13.83
N ARG C 105 -44.59 -69.06 -13.10
CA ARG C 105 -45.71 -69.50 -12.27
C ARG C 105 -46.91 -69.88 -13.13
N TYR C 106 -47.34 -68.98 -14.02
CA TYR C 106 -48.51 -69.33 -14.83
C TYR C 106 -48.05 -69.94 -16.14
N PRO C 107 -48.62 -71.06 -16.57
CA PRO C 107 -48.08 -71.77 -17.73
C PRO C 107 -48.44 -71.16 -19.07
N ASP C 108 -49.65 -70.63 -19.19
CA ASP C 108 -50.12 -70.12 -20.48
C ASP C 108 -49.41 -68.81 -20.79
N SER C 109 -48.47 -68.86 -21.74
CA SER C 109 -47.76 -67.66 -22.14
C SER C 109 -48.71 -66.64 -22.75
N LYS C 110 -49.70 -67.11 -23.52
CA LYS C 110 -50.60 -66.18 -24.18
C LYS C 110 -51.51 -65.48 -23.17
N LYS C 111 -51.95 -66.20 -22.14
CA LYS C 111 -52.92 -65.63 -21.20
C LYS C 111 -52.31 -64.47 -20.43
N VAL C 112 -51.15 -64.69 -19.80
CA VAL C 112 -50.56 -63.66 -18.95
C VAL C 112 -50.05 -62.49 -19.80
N THR C 113 -49.51 -62.79 -20.99
CA THR C 113 -49.05 -61.71 -21.87
C THR C 113 -50.20 -60.79 -22.26
N GLU C 114 -51.36 -61.37 -22.58
CA GLU C 114 -52.54 -60.56 -22.86
C GLU C 114 -52.93 -59.74 -21.63
N SER C 115 -52.86 -60.35 -20.45
CA SER C 115 -53.15 -59.62 -19.22
C SER C 115 -52.18 -58.46 -19.04
N LEU C 116 -50.91 -58.66 -19.39
CA LEU C 116 -49.93 -57.57 -19.29
C LEU C 116 -50.28 -56.43 -20.22
N ILE C 117 -50.64 -56.73 -21.46
CA ILE C 117 -50.98 -55.66 -22.41
C ILE C 117 -52.17 -54.85 -21.91
N HIS C 118 -53.19 -55.55 -21.38
CA HIS C 118 -54.38 -54.87 -20.87
C HIS C 118 -54.04 -53.91 -19.73
N THR C 119 -53.25 -54.38 -18.74
CA THR C 119 -52.90 -53.50 -17.61
C THR C 119 -52.05 -52.31 -18.06
N ILE C 120 -51.28 -52.47 -19.14
CA ILE C 120 -50.51 -51.34 -19.66
C ILE C 120 -51.43 -50.23 -20.14
N TYR C 121 -52.48 -50.59 -20.88
CA TYR C 121 -53.40 -49.57 -21.39
C TYR C 121 -54.12 -48.87 -20.24
N SER C 122 -54.58 -49.63 -19.25
CA SER C 122 -55.21 -49.03 -18.08
C SER C 122 -54.25 -48.11 -17.35
N LEU C 123 -52.96 -48.45 -17.37
CA LEU C 123 -51.96 -47.61 -16.69
C LEU C 123 -51.69 -46.32 -17.47
N ARG C 124 -51.59 -46.40 -18.79
CA ARG C 124 -51.30 -45.20 -19.57
C ARG C 124 -52.44 -44.20 -19.54
N SER C 125 -53.65 -44.62 -19.15
CA SER C 125 -54.79 -43.72 -19.17
C SER C 125 -54.75 -42.74 -18.00
N LYS C 126 -54.72 -43.25 -16.76
CA LYS C 126 -54.81 -42.43 -15.57
C LYS C 126 -53.45 -41.91 -15.08
N HIS C 127 -52.37 -42.12 -15.82
CA HIS C 127 -51.07 -41.63 -15.39
C HIS C 127 -50.41 -40.72 -16.42
N ALA C 128 -50.57 -41.00 -17.71
CA ALA C 128 -50.04 -40.15 -18.78
C ALA C 128 -50.80 -40.44 -20.07
N PRO C 129 -52.07 -40.04 -20.16
CA PRO C 129 -52.86 -40.37 -21.36
C PRO C 129 -52.40 -39.63 -22.61
N LEU C 130 -51.55 -38.62 -22.47
CA LEU C 130 -51.07 -37.89 -23.64
C LEU C 130 -50.06 -38.69 -24.45
N ALA C 131 -49.50 -39.75 -23.88
CA ALA C 131 -48.43 -40.50 -24.54
C ALA C 131 -49.02 -41.43 -25.58
N GLU C 132 -48.57 -41.30 -26.83
CA GLU C 132 -48.96 -42.19 -27.91
C GLU C 132 -47.72 -42.67 -28.61
N PHE C 133 -47.52 -43.99 -28.62
CA PHE C 133 -46.29 -44.58 -29.12
C PHE C 133 -46.59 -45.99 -29.61
N THR C 134 -45.58 -46.60 -30.23
CA THR C 134 -45.63 -48.01 -30.63
C THR C 134 -44.57 -48.74 -29.82
N MET C 135 -44.97 -49.80 -29.12
CA MET C 135 -44.06 -50.48 -28.21
C MET C 135 -43.98 -51.97 -28.53
N SER C 136 -42.80 -52.53 -28.26
CA SER C 136 -42.57 -53.97 -28.33
C SER C 136 -41.50 -54.31 -27.30
N LEU C 137 -41.63 -55.50 -26.72
CA LEU C 137 -40.69 -55.93 -25.71
C LEU C 137 -40.66 -57.45 -25.67
N CYS C 138 -39.52 -57.99 -25.24
CA CYS C 138 -39.34 -59.40 -25.02
C CYS C 138 -38.63 -59.60 -23.69
N VAL C 139 -38.97 -60.70 -23.01
CA VAL C 139 -38.40 -61.00 -21.70
C VAL C 139 -38.11 -62.50 -21.66
N THR C 140 -37.01 -62.87 -21.02
CA THR C 140 -36.63 -64.26 -20.85
C THR C 140 -37.15 -64.77 -19.52
N TYR C 141 -37.42 -66.07 -19.45
CA TYR C 141 -37.87 -66.69 -18.21
C TYR C 141 -37.38 -68.13 -18.17
N GLN C 142 -37.22 -68.64 -16.95
CA GLN C 142 -36.62 -69.97 -16.71
C GLN C 142 -37.64 -70.83 -15.99
N LYS C 143 -38.33 -71.69 -16.74
CA LYS C 143 -39.26 -72.65 -16.17
C LYS C 143 -38.61 -74.01 -15.94
N ASP C 144 -37.83 -74.49 -16.92
CA ASP C 144 -37.09 -75.73 -16.82
C ASP C 144 -35.60 -75.43 -16.89
N GLU C 145 -34.79 -76.49 -17.01
CA GLU C 145 -33.34 -76.32 -17.14
C GLU C 145 -32.95 -75.39 -18.27
N GLN C 146 -33.71 -75.39 -19.37
CA GLN C 146 -33.42 -74.56 -20.53
C GLN C 146 -34.02 -73.18 -20.36
N LEU C 147 -33.54 -72.25 -21.18
CA LEU C 147 -33.95 -70.86 -21.11
C LEU C 147 -35.08 -70.62 -22.10
N PHE C 148 -36.06 -69.83 -21.69
CA PHE C 148 -37.18 -69.45 -22.52
C PHE C 148 -37.29 -67.93 -22.60
N CYS C 149 -37.70 -67.43 -23.76
CA CYS C 149 -37.96 -66.01 -23.95
C CYS C 149 -39.33 -65.84 -24.55
N ALA C 150 -40.05 -64.83 -24.09
CA ALA C 150 -41.42 -64.57 -24.52
C ALA C 150 -41.69 -63.08 -24.46
N GLY C 151 -42.41 -62.58 -25.45
CA GLY C 151 -42.75 -61.18 -25.50
C GLY C 151 -43.88 -60.92 -26.48
N PHE C 152 -44.11 -59.65 -26.75
CA PHE C 152 -45.17 -59.20 -27.65
C PHE C 152 -44.69 -57.96 -28.38
N GLY C 153 -45.64 -57.13 -28.84
CA GLY C 153 -45.30 -55.87 -29.46
C GLY C 153 -46.31 -55.37 -30.47
N ILE C 154 -46.76 -54.14 -30.27
CA ILE C 154 -47.80 -53.50 -31.07
C ILE C 154 -47.25 -52.23 -31.68
N GLY C 155 -47.21 -52.17 -33.03
CA GLY C 155 -46.87 -50.94 -33.71
C GLY C 155 -45.86 -51.20 -34.82
N ASP C 156 -45.13 -50.13 -35.18
CA ASP C 156 -44.19 -50.16 -36.29
C ASP C 156 -42.88 -50.82 -35.92
N THR C 157 -42.82 -51.49 -34.78
CA THR C 157 -41.62 -52.10 -34.27
C THR C 157 -41.54 -53.58 -34.69
N GLY C 158 -40.46 -54.22 -34.27
CA GLY C 158 -40.24 -55.61 -34.57
C GLY C 158 -38.99 -56.15 -33.91
N ILE C 159 -39.00 -57.42 -33.52
CA ILE C 159 -37.85 -58.08 -32.93
C ILE C 159 -37.55 -59.32 -33.76
N ALA C 160 -36.28 -59.59 -33.97
CA ALA C 160 -35.84 -60.76 -34.71
C ALA C 160 -34.78 -61.48 -33.90
N ILE C 161 -34.51 -62.73 -34.27
CA ILE C 161 -33.55 -63.55 -33.54
C ILE C 161 -32.68 -64.30 -34.55
N LYS C 162 -31.43 -64.51 -34.17
CA LYS C 162 -30.48 -65.30 -34.93
C LYS C 162 -29.97 -66.39 -34.01
N ARG C 163 -30.12 -67.63 -34.43
CA ARG C 163 -29.77 -68.73 -33.57
C ARG C 163 -28.30 -69.11 -33.77
N ASN C 164 -27.83 -70.05 -32.97
CA ASN C 164 -26.44 -70.49 -33.01
C ASN C 164 -26.07 -71.23 -34.30
N GLU C 165 -27.00 -71.44 -35.23
CA GLU C 165 -26.71 -72.14 -36.47
C GLU C 165 -26.81 -71.25 -37.70
N GLY C 166 -27.15 -69.98 -37.54
CA GLY C 166 -27.27 -69.08 -38.67
C GLY C 166 -28.65 -69.09 -39.27
N THR C 167 -29.67 -69.22 -38.41
CA THR C 167 -31.06 -69.14 -38.82
C THR C 167 -31.66 -67.83 -38.32
N ILE C 168 -32.29 -67.08 -39.20
CA ILE C 168 -32.87 -65.78 -38.86
C ILE C 168 -34.37 -66.00 -38.69
N GLU C 169 -34.77 -66.32 -37.46
CA GLU C 169 -36.18 -66.41 -37.10
C GLU C 169 -36.68 -65.04 -36.67
N GLN C 170 -37.92 -64.73 -37.05
CA GLN C 170 -38.51 -63.43 -36.77
C GLN C 170 -39.46 -63.55 -35.59
N LEU C 171 -39.12 -62.88 -34.48
CA LEU C 171 -40.05 -62.68 -33.38
C LEU C 171 -41.00 -61.55 -33.75
N VAL C 172 -41.68 -60.94 -32.77
CA VAL C 172 -42.80 -60.04 -33.00
C VAL C 172 -42.54 -59.13 -34.20
N CYS C 173 -43.48 -59.11 -35.13
CA CYS C 173 -43.30 -58.52 -36.46
C CYS C 173 -43.94 -57.15 -36.54
N HIS C 174 -43.72 -56.49 -37.67
CA HIS C 174 -44.27 -55.16 -37.94
C HIS C 174 -45.70 -55.33 -38.41
N THR C 175 -46.65 -55.03 -37.53
CA THR C 175 -48.06 -55.18 -37.86
C THR C 175 -48.54 -53.95 -38.60
N GLU C 176 -49.16 -54.16 -39.77
CA GLU C 176 -49.69 -53.09 -40.60
C GLU C 176 -51.17 -53.35 -40.83
N VAL C 177 -52.01 -52.44 -40.34
CA VAL C 177 -53.46 -52.55 -40.50
C VAL C 177 -53.80 -51.72 -41.73
N ASP C 178 -53.83 -52.39 -42.89
CA ASP C 178 -54.30 -51.81 -44.16
C ASP C 178 -53.71 -50.43 -44.43
N GLY C 179 -52.46 -50.22 -44.00
CA GLY C 179 -51.81 -48.94 -44.13
C GLY C 179 -51.91 -48.05 -42.91
N PHE C 180 -52.38 -48.56 -41.79
CA PHE C 180 -52.43 -47.84 -40.52
C PHE C 180 -51.69 -48.69 -39.50
N LYS C 181 -50.84 -48.05 -38.69
CA LYS C 181 -50.02 -48.77 -37.73
C LYS C 181 -50.67 -48.68 -36.36
N ASP C 182 -51.36 -49.76 -35.98
CA ASP C 182 -51.96 -49.84 -34.66
C ASP C 182 -50.90 -49.67 -33.58
N ALA C 183 -51.20 -48.83 -32.60
CA ALA C 183 -50.20 -48.41 -31.62
C ALA C 183 -50.87 -48.26 -30.27
N PHE C 184 -50.13 -47.75 -29.30
CA PHE C 184 -50.66 -47.50 -27.96
C PHE C 184 -51.27 -46.10 -27.88
N ASP C 185 -52.14 -45.80 -28.85
CA ASP C 185 -52.80 -44.51 -28.93
C ASP C 185 -54.18 -44.56 -28.27
N ASN C 186 -54.72 -43.38 -28.03
CA ASN C 186 -56.06 -43.30 -27.44
C ASN C 186 -57.12 -43.86 -28.37
N TYR C 187 -56.91 -43.75 -29.69
CA TYR C 187 -57.89 -44.24 -30.65
C TYR C 187 -58.07 -45.76 -30.53
N SER C 188 -56.97 -46.49 -30.36
CA SER C 188 -57.01 -47.94 -30.19
C SER C 188 -57.25 -48.36 -28.75
N SER C 189 -57.30 -47.42 -27.80
CA SER C 189 -57.35 -47.79 -26.39
C SER C 189 -58.69 -48.41 -25.98
N ALA C 190 -59.68 -48.45 -26.87
CA ALA C 190 -60.97 -49.04 -26.55
C ALA C 190 -61.23 -50.37 -27.24
N ASN C 191 -60.55 -50.65 -28.35
CA ASN C 191 -60.66 -51.91 -29.07
C ASN C 191 -59.50 -52.83 -28.71
N ILE C 192 -59.07 -52.77 -27.44
CA ILE C 192 -57.83 -53.43 -26.99
C ILE C 192 -57.80 -54.89 -27.41
N ASP C 193 -58.82 -55.65 -27.00
CA ASP C 193 -58.80 -57.11 -27.21
C ASP C 193 -58.66 -57.47 -28.68
N LEU C 194 -59.16 -56.63 -29.59
CA LEU C 194 -59.00 -56.90 -31.01
C LEU C 194 -57.58 -56.65 -31.48
N VAL C 195 -56.90 -55.68 -30.87
CA VAL C 195 -55.54 -55.32 -31.27
C VAL C 195 -54.59 -56.51 -31.12
N ILE C 196 -54.84 -57.40 -30.16
CA ILE C 196 -53.91 -58.49 -29.91
C ILE C 196 -53.97 -59.52 -31.03
N GLU C 197 -55.17 -59.89 -31.49
CA GLU C 197 -55.28 -60.94 -32.50
C GLU C 197 -54.61 -60.54 -33.82
N ARG C 198 -54.53 -59.24 -34.11
CA ARG C 198 -53.87 -58.81 -35.33
C ARG C 198 -52.42 -58.40 -35.11
N ASN C 199 -52.00 -58.20 -33.87
CA ASN C 199 -50.61 -57.91 -33.55
C ASN C 199 -49.92 -59.18 -33.05
N SER C 200 -48.61 -59.08 -32.86
CA SER C 200 -47.77 -60.26 -32.67
C SER C 200 -47.44 -60.46 -31.20
N VAL C 201 -47.75 -61.65 -30.69
CA VAL C 201 -47.29 -62.12 -29.39
C VAL C 201 -46.64 -63.48 -29.64
N PHE C 202 -45.65 -63.83 -28.82
CA PHE C 202 -44.89 -65.04 -29.06
C PHE C 202 -44.39 -65.62 -27.73
N ASN C 203 -43.91 -66.87 -27.80
CA ASN C 203 -43.19 -67.51 -26.70
C ASN C 203 -42.45 -68.70 -27.29
N THR C 204 -41.12 -68.67 -27.26
CA THR C 204 -40.32 -69.70 -27.91
C THR C 204 -39.09 -70.00 -27.07
N LYS C 205 -38.61 -71.24 -27.17
CA LYS C 205 -37.40 -71.63 -26.45
C LYS C 205 -36.17 -71.01 -27.10
N VAL C 206 -35.20 -70.63 -26.28
CA VAL C 206 -33.99 -69.96 -26.75
C VAL C 206 -32.79 -70.59 -26.05
N MET C 207 -31.65 -70.60 -26.75
CA MET C 207 -30.42 -71.12 -26.18
C MET C 207 -29.40 -70.01 -25.96
N PRO C 208 -28.48 -70.17 -25.02
CA PRO C 208 -27.46 -69.14 -24.79
C PRO C 208 -26.62 -68.88 -26.02
N GLY C 209 -26.21 -67.61 -26.18
CA GLY C 209 -25.46 -67.17 -27.33
C GLY C 209 -26.29 -66.65 -28.49
N ASP C 210 -27.61 -66.85 -28.47
CA ASP C 210 -28.46 -66.32 -29.52
C ASP C 210 -28.50 -64.80 -29.43
N GLU C 211 -28.49 -64.14 -30.60
CA GLU C 211 -28.36 -62.69 -30.67
C GLU C 211 -29.75 -62.09 -30.92
N LEU C 212 -30.28 -61.43 -29.90
CA LEU C 212 -31.59 -60.78 -29.99
C LEU C 212 -31.40 -59.37 -30.54
N VAL C 213 -32.11 -59.07 -31.62
CA VAL C 213 -32.03 -57.77 -32.28
C VAL C 213 -33.43 -57.21 -32.36
N GLY C 214 -33.60 -56.00 -31.84
CA GLY C 214 -34.87 -55.29 -31.92
C GLY C 214 -34.68 -54.00 -32.69
N TYR C 215 -35.64 -53.68 -33.55
CA TYR C 215 -35.54 -52.54 -34.43
C TYR C 215 -36.84 -51.76 -34.43
N THR C 216 -36.77 -50.51 -34.89
CA THR C 216 -37.92 -49.62 -34.95
C THR C 216 -38.37 -49.30 -36.36
N TYR C 217 -37.46 -48.91 -37.24
CA TYR C 217 -37.83 -48.55 -38.61
C TYR C 217 -36.76 -49.01 -39.59
N VAL C 218 -37.20 -49.45 -40.76
CA VAL C 218 -36.32 -49.85 -41.86
C VAL C 218 -36.96 -49.35 -43.15
N PRO C 219 -36.19 -48.90 -44.13
CA PRO C 219 -36.77 -48.59 -45.45
C PRO C 219 -37.49 -49.82 -46.00
N PRO C 220 -38.71 -49.65 -46.52
CA PRO C 220 -39.53 -50.82 -46.88
C PRO C 220 -38.94 -51.66 -47.99
N MET C 221 -37.86 -51.23 -48.64
CA MET C 221 -37.25 -52.03 -49.69
C MET C 221 -36.71 -53.36 -49.15
N LEU C 222 -36.42 -53.43 -47.85
CA LEU C 222 -35.94 -54.64 -47.21
C LEU C 222 -37.05 -55.45 -46.56
N GLU C 223 -38.25 -54.89 -46.43
CA GLU C 223 -39.35 -55.61 -45.80
C GLU C 223 -40.04 -56.51 -46.81
N MET C 224 -40.30 -57.75 -46.40
CA MET C 224 -41.06 -58.70 -47.20
C MET C 224 -42.31 -59.06 -46.43
N THR C 225 -43.43 -59.14 -47.13
CA THR C 225 -44.70 -59.42 -46.47
C THR C 225 -44.73 -60.89 -46.05
N GLU C 226 -44.92 -61.14 -44.77
CA GLU C 226 -44.96 -62.51 -44.26
C GLU C 226 -46.38 -63.04 -44.14
N LYS C 227 -47.27 -62.29 -43.48
CA LYS C 227 -48.63 -62.75 -43.27
C LYS C 227 -49.62 -61.63 -43.61
N GLU C 228 -50.67 -62.01 -44.34
CA GLU C 228 -51.79 -61.13 -44.63
C GLU C 228 -53.07 -61.87 -44.30
N PHE C 229 -53.93 -61.27 -43.48
CA PHE C 229 -55.20 -61.89 -43.15
C PHE C 229 -56.23 -60.80 -42.89
N GLU C 230 -57.37 -61.18 -42.34
CA GLU C 230 -58.55 -60.34 -42.28
C GLU C 230 -59.17 -60.41 -40.89
N VAL C 231 -59.96 -59.39 -40.55
CA VAL C 231 -60.69 -59.35 -39.30
C VAL C 231 -62.13 -58.90 -39.54
N ARG C 242 -59.89 -53.67 -42.64
CA ARG C 242 -60.24 -55.02 -42.21
C ARG C 242 -59.16 -56.01 -42.65
N ILE C 243 -58.19 -55.53 -43.43
CA ILE C 243 -57.04 -56.34 -43.83
C ILE C 243 -55.87 -55.95 -42.95
N VAL C 244 -55.06 -56.95 -42.58
CA VAL C 244 -53.89 -56.75 -41.74
C VAL C 244 -52.69 -57.34 -42.46
N ARG C 245 -51.53 -56.72 -42.28
CA ARG C 245 -50.29 -57.17 -42.91
C ARG C 245 -49.23 -57.39 -41.83
N HIS C 246 -48.82 -58.65 -41.65
CA HIS C 246 -47.68 -59.00 -40.81
C HIS C 246 -46.49 -59.27 -41.71
N LEU C 247 -45.42 -58.50 -41.53
CA LEU C 247 -44.26 -58.53 -42.40
C LEU C 247 -42.99 -58.62 -41.57
N ASN C 248 -42.07 -59.49 -42.00
CA ASN C 248 -40.84 -59.82 -41.31
C ASN C 248 -39.65 -59.20 -42.02
N LEU C 249 -38.45 -59.56 -41.57
CA LEU C 249 -37.21 -59.08 -42.16
C LEU C 249 -36.70 -60.10 -43.17
N ASP C 250 -36.41 -59.62 -44.38
CA ASP C 250 -35.98 -60.46 -45.48
C ASP C 250 -34.61 -61.06 -45.19
N PRO C 251 -34.50 -62.38 -45.01
CA PRO C 251 -33.20 -62.98 -44.67
C PRO C 251 -32.32 -63.40 -45.83
N GLY C 252 -32.80 -63.29 -47.08
CA GLY C 252 -32.01 -63.78 -48.21
C GLY C 252 -30.71 -63.03 -48.41
N ASN C 253 -30.69 -61.76 -48.04
CA ASN C 253 -29.51 -60.91 -48.15
C ASN C 253 -28.63 -60.94 -46.90
N PHE C 254 -28.83 -61.93 -46.02
CA PHE C 254 -28.01 -62.09 -44.82
C PHE C 254 -27.23 -63.39 -44.88
N ASP C 255 -26.10 -63.41 -44.18
CA ASP C 255 -25.22 -64.57 -44.10
C ASP C 255 -25.36 -65.24 -42.74
N ASP C 256 -24.80 -66.43 -42.63
CA ASP C 256 -24.99 -67.28 -41.46
C ASP C 256 -23.84 -67.22 -40.46
N LYS C 257 -22.71 -66.61 -40.83
CA LYS C 257 -21.52 -66.59 -40.00
C LYS C 257 -21.44 -65.38 -39.06
N ASP C 258 -21.68 -64.17 -39.57
CA ASP C 258 -21.49 -62.97 -38.78
C ASP C 258 -22.73 -62.67 -37.93
N PRO C 259 -22.55 -61.95 -36.81
CA PRO C 259 -23.72 -61.57 -36.01
C PRO C 259 -24.65 -60.66 -36.81
N LEU C 260 -25.90 -60.59 -36.36
CA LEU C 260 -26.93 -59.87 -37.12
C LEU C 260 -26.80 -58.35 -36.95
N PHE C 261 -26.77 -57.87 -35.71
CA PHE C 261 -26.83 -56.43 -35.46
C PHE C 261 -25.69 -55.69 -36.18
N SER C 262 -24.47 -56.21 -36.06
CA SER C 262 -23.34 -55.60 -36.76
C SER C 262 -23.48 -55.76 -38.27
N GLN C 263 -24.10 -56.86 -38.72
CA GLN C 263 -24.30 -57.07 -40.15
C GLN C 263 -25.37 -56.14 -40.69
N LEU C 264 -26.37 -55.81 -39.88
CA LEU C 264 -27.46 -54.93 -40.32
C LEU C 264 -26.97 -53.52 -40.58
N LEU C 265 -26.11 -53.00 -39.71
CA LEU C 265 -25.67 -51.61 -39.85
C LEU C 265 -24.81 -51.39 -41.08
N GLN C 266 -24.13 -52.42 -41.58
CA GLN C 266 -23.36 -52.28 -42.81
C GLN C 266 -24.23 -52.30 -44.06
N VAL C 267 -25.47 -52.76 -43.96
CA VAL C 267 -26.33 -52.94 -45.12
C VAL C 267 -27.29 -51.75 -45.27
N VAL C 268 -27.74 -51.17 -44.16
CA VAL C 268 -28.72 -50.08 -44.24
C VAL C 268 -28.11 -48.89 -44.97
N LYS C 269 -26.88 -48.51 -44.59
CA LYS C 269 -26.20 -47.44 -45.31
C LYS C 269 -25.97 -47.81 -46.78
N SER C 270 -25.75 -49.11 -47.05
CA SER C 270 -25.56 -49.55 -48.43
C SER C 270 -26.85 -49.38 -49.24
N LYS C 271 -27.99 -49.63 -48.62
CA LYS C 271 -29.25 -49.35 -49.31
C LYS C 271 -29.66 -47.89 -49.16
N GLN C 272 -29.25 -47.25 -48.07
CA GLN C 272 -29.60 -45.85 -47.86
C GLN C 272 -28.93 -44.95 -48.91
N LYS C 273 -27.61 -45.09 -49.06
CA LYS C 273 -26.90 -44.30 -50.07
C LYS C 273 -27.44 -44.57 -51.46
N GLN C 274 -27.92 -45.78 -51.71
CA GLN C 274 -28.55 -46.08 -52.99
C GLN C 274 -29.92 -45.41 -53.09
N LEU C 275 -30.57 -45.15 -51.96
CA LEU C 275 -31.88 -44.50 -51.98
C LEU C 275 -31.76 -43.01 -52.27
N VAL C 276 -30.76 -42.34 -51.67
CA VAL C 276 -30.57 -40.93 -51.96
C VAL C 276 -30.07 -40.76 -53.39
N GLU C 277 -29.23 -41.69 -53.87
CA GLU C 277 -28.83 -41.67 -55.27
C GLU C 277 -30.04 -41.82 -56.19
N GLN C 278 -31.07 -42.58 -55.76
CA GLN C 278 -32.33 -42.56 -56.48
C GLN C 278 -33.05 -41.24 -56.32
N ALA C 279 -32.84 -40.55 -55.19
CA ALA C 279 -33.51 -39.29 -54.89
C ALA C 279 -32.78 -38.08 -55.43
N LYS C 280 -31.56 -38.24 -55.96
CA LYS C 280 -30.82 -37.08 -56.46
C LYS C 280 -31.23 -36.71 -57.89
N GLU C 281 -31.72 -37.67 -58.66
CA GLU C 281 -31.95 -37.51 -60.09
C GLU C 281 -33.44 -37.38 -60.43
N THR C 282 -34.18 -36.67 -59.58
CA THR C 282 -35.60 -36.39 -59.81
C THR C 282 -35.92 -34.93 -59.47
N GLY C 283 -34.96 -34.04 -59.65
CA GLY C 283 -35.07 -32.71 -59.09
C GLY C 283 -34.78 -32.75 -57.62
N GLN C 284 -34.90 -31.60 -56.97
CA GLN C 284 -34.60 -31.49 -55.55
C GLN C 284 -35.90 -31.57 -54.73
N ILE C 285 -36.67 -32.63 -54.93
CA ILE C 285 -37.87 -32.84 -54.11
C ILE C 285 -38.18 -34.31 -53.89
N GLN C 286 -38.01 -34.78 -52.65
CA GLN C 286 -38.58 -36.02 -52.13
C GLN C 286 -38.59 -35.93 -50.60
N ARG C 287 -39.41 -36.78 -49.98
CA ARG C 287 -39.58 -36.74 -48.53
C ARG C 287 -39.84 -38.15 -48.01
N PHE C 288 -38.97 -38.64 -47.12
CA PHE C 288 -39.21 -39.89 -46.40
C PHE C 288 -38.18 -40.02 -45.29
N GLY C 289 -38.37 -41.04 -44.45
CA GLY C 289 -37.43 -41.33 -43.38
C GLY C 289 -38.03 -41.19 -42.00
N ASP C 290 -37.68 -42.12 -41.12
CA ASP C 290 -38.14 -42.12 -39.74
C ASP C 290 -36.92 -42.28 -38.82
N ASP C 291 -37.18 -42.37 -37.52
CA ASP C 291 -36.12 -42.57 -36.55
C ASP C 291 -35.66 -44.03 -36.60
N PHE C 292 -34.37 -44.24 -36.82
CA PHE C 292 -33.80 -45.58 -36.92
C PHE C 292 -33.04 -45.89 -35.63
N THR C 293 -33.66 -46.69 -34.77
CA THR C 293 -33.06 -47.13 -33.52
C THR C 293 -33.17 -48.65 -33.42
N VAL C 294 -32.05 -49.30 -33.10
CA VAL C 294 -31.98 -50.76 -33.05
C VAL C 294 -31.28 -51.16 -31.76
N GLY C 295 -31.76 -52.22 -31.15
CA GLY C 295 -31.17 -52.74 -29.92
C GLY C 295 -30.73 -54.17 -30.11
N ARG C 296 -29.60 -54.52 -29.49
CA ARG C 296 -29.00 -55.84 -29.62
C ARG C 296 -28.89 -56.49 -28.25
N LEU C 297 -29.29 -57.75 -28.17
CA LEU C 297 -29.20 -58.49 -26.92
C LEU C 297 -28.68 -59.89 -27.22
N VAL C 298 -27.82 -60.41 -26.35
CA VAL C 298 -27.25 -61.74 -26.49
C VAL C 298 -27.76 -62.59 -25.34
N ILE C 299 -28.24 -63.79 -25.66
CA ILE C 299 -28.81 -64.67 -24.65
C ILE C 299 -27.69 -65.09 -23.69
N PRO C 300 -27.84 -64.87 -22.40
CA PRO C 300 -26.75 -65.12 -21.45
C PRO C 300 -26.60 -66.60 -21.13
N ASP C 301 -25.41 -66.93 -20.60
CA ASP C 301 -25.11 -68.26 -20.13
C ASP C 301 -25.59 -68.41 -18.68
N GLN C 302 -25.54 -69.65 -18.18
CA GLN C 302 -25.92 -69.89 -16.79
C GLN C 302 -24.99 -69.20 -15.81
N LEU C 303 -23.76 -68.91 -16.22
CA LEU C 303 -22.78 -68.28 -15.34
C LEU C 303 -23.03 -66.77 -15.19
N LEU C 304 -23.25 -66.07 -16.29
CA LEU C 304 -23.40 -64.62 -16.21
C LEU C 304 -24.62 -64.22 -15.40
N ILE C 305 -25.70 -65.01 -15.49
CA ILE C 305 -26.94 -64.69 -14.77
C ILE C 305 -26.66 -64.54 -13.28
N ASN C 306 -25.88 -65.47 -12.70
CA ASN C 306 -25.55 -65.38 -11.28
C ASN C 306 -24.79 -64.10 -10.98
N GLN C 307 -23.73 -63.82 -11.74
CA GLN C 307 -22.98 -62.58 -11.56
C GLN C 307 -23.86 -61.36 -11.82
N LEU C 308 -24.92 -61.52 -12.60
CA LEU C 308 -25.96 -60.50 -12.66
C LEU C 308 -26.81 -60.50 -11.39
N ARG C 309 -27.31 -61.68 -11.00
CA ARG C 309 -28.06 -61.79 -9.75
C ARG C 309 -27.25 -61.31 -8.57
N ILE C 310 -25.93 -61.54 -8.59
CA ILE C 310 -25.07 -60.99 -7.56
C ILE C 310 -25.12 -59.47 -7.57
N HIS C 311 -25.00 -58.88 -8.76
CA HIS C 311 -24.99 -57.42 -8.86
C HIS C 311 -26.33 -56.80 -8.48
N ALA C 312 -27.42 -57.56 -8.59
CA ALA C 312 -28.72 -57.04 -8.17
C ALA C 312 -28.72 -56.72 -6.68
N LEU C 313 -28.10 -57.58 -5.87
CA LEU C 313 -28.04 -57.34 -4.43
C LEU C 313 -27.12 -56.18 -4.11
N SER C 314 -25.92 -56.16 -4.71
CA SER C 314 -24.93 -55.12 -4.40
C SER C 314 -25.51 -53.73 -4.62
N ILE C 315 -26.37 -53.56 -5.62
CA ILE C 315 -27.01 -52.27 -5.84
C ILE C 315 -28.07 -52.04 -4.77
N GLY C 316 -28.86 -53.08 -4.46
CA GLY C 316 -29.95 -52.92 -3.51
C GLY C 316 -29.45 -52.75 -2.09
N VAL C 317 -28.31 -53.36 -1.75
CA VAL C 317 -27.84 -53.27 -0.38
C VAL C 317 -27.27 -51.88 -0.11
N SER C 318 -26.76 -51.23 -1.15
CA SER C 318 -26.04 -49.97 -0.97
C SER C 318 -26.99 -48.86 -0.51
N ASP C 319 -28.00 -48.55 -1.33
CA ASP C 319 -28.81 -47.36 -1.10
C ASP C 319 -29.59 -47.43 0.21
N GLY C 320 -29.85 -48.63 0.71
CA GLY C 320 -30.58 -48.77 1.96
C GLY C 320 -29.89 -48.01 3.08
N LEU C 321 -28.59 -48.22 3.21
CA LEU C 321 -27.75 -47.68 4.27
C LEU C 321 -27.43 -46.20 4.07
N LEU C 322 -28.14 -45.51 3.16
CA LEU C 322 -27.81 -44.14 2.78
C LEU C 322 -28.93 -43.11 2.98
N SER C 323 -30.19 -43.52 3.11
CA SER C 323 -31.28 -42.54 3.14
C SER C 323 -31.75 -42.15 4.55
N TYR C 324 -32.25 -43.11 5.33
CA TYR C 324 -32.84 -42.79 6.63
C TYR C 324 -31.80 -42.82 7.75
N ILE C 325 -30.56 -43.19 7.45
CA ILE C 325 -29.59 -43.59 8.48
C ILE C 325 -28.99 -42.42 9.23
N LYS C 326 -29.20 -41.18 8.78
CA LYS C 326 -28.55 -40.05 9.44
C LYS C 326 -29.03 -39.84 10.87
N ASN C 327 -30.22 -40.32 11.22
CA ASN C 327 -30.71 -40.21 12.58
C ASN C 327 -31.03 -41.58 13.16
N ASN C 347 -25.74 -45.32 14.77
CA ASN C 347 -24.95 -46.49 14.38
C ASN C 347 -24.71 -46.51 12.87
N ILE C 348 -23.95 -45.51 12.40
CA ILE C 348 -23.63 -45.41 10.97
C ILE C 348 -22.20 -45.85 10.69
N GLU C 349 -21.32 -45.80 11.70
CA GLU C 349 -19.88 -46.03 11.50
C GLU C 349 -19.61 -47.34 10.78
N LYS C 350 -20.49 -48.31 10.92
CA LYS C 350 -20.34 -49.58 10.21
C LYS C 350 -20.58 -49.38 8.72
N ALA C 351 -21.73 -48.78 8.38
CA ALA C 351 -22.15 -48.69 6.99
C ALA C 351 -21.22 -47.82 6.16
N THR C 352 -20.63 -46.78 6.77
CA THR C 352 -19.67 -45.94 6.04
C THR C 352 -18.49 -46.76 5.54
N LEU C 353 -18.04 -47.72 6.34
CA LEU C 353 -16.98 -48.61 5.87
C LEU C 353 -17.48 -49.61 4.84
N TYR C 354 -18.77 -49.96 4.89
CA TYR C 354 -19.33 -50.87 3.90
C TYR C 354 -19.53 -50.22 2.54
N LYS C 355 -19.98 -48.95 2.52
CA LYS C 355 -20.26 -48.32 1.24
C LYS C 355 -18.99 -48.22 0.39
N ASN C 356 -17.87 -47.81 0.99
CA ASN C 356 -16.63 -47.76 0.24
C ASN C 356 -16.14 -49.15 -0.11
N LEU C 357 -16.36 -50.10 0.80
CA LEU C 357 -15.94 -51.48 0.55
C LEU C 357 -16.66 -52.08 -0.66
N ILE C 358 -17.98 -51.92 -0.72
CA ILE C 358 -18.70 -52.38 -1.90
C ILE C 358 -18.43 -51.49 -3.11
N ALA C 359 -18.27 -50.18 -2.90
CA ALA C 359 -18.02 -49.29 -4.02
C ALA C 359 -16.63 -49.50 -4.63
N LYS C 360 -15.75 -50.20 -3.93
CA LYS C 360 -14.43 -50.53 -4.45
C LYS C 360 -14.37 -51.90 -5.09
N TYR C 361 -15.10 -52.88 -4.53
CA TYR C 361 -15.01 -54.26 -4.96
C TYR C 361 -16.30 -54.79 -5.59
N GLN C 362 -17.22 -53.90 -5.97
CA GLN C 362 -18.44 -54.35 -6.64
C GLN C 362 -18.14 -54.87 -8.03
N ASN C 363 -16.98 -54.50 -8.60
CA ASN C 363 -16.64 -54.93 -9.95
C ASN C 363 -16.38 -56.43 -10.03
N ASN C 364 -15.80 -57.00 -8.98
CA ASN C 364 -15.66 -58.45 -8.87
C ASN C 364 -16.87 -59.02 -8.12
N HIS C 365 -17.52 -60.01 -8.74
CA HIS C 365 -18.80 -60.50 -8.27
C HIS C 365 -18.69 -61.44 -7.08
N PHE C 366 -17.49 -61.96 -6.78
CA PHE C 366 -17.33 -62.95 -5.72
C PHE C 366 -17.16 -62.31 -4.35
N ILE C 367 -16.17 -61.44 -4.22
CA ILE C 367 -15.93 -60.80 -2.93
C ILE C 367 -17.14 -59.96 -2.53
N SER C 368 -17.71 -59.21 -3.49
CA SER C 368 -18.93 -58.45 -3.25
C SER C 368 -20.02 -59.32 -2.62
N LEU C 369 -19.97 -60.62 -2.90
CA LEU C 369 -20.87 -61.57 -2.24
C LEU C 369 -20.42 -61.79 -0.80
N ILE C 370 -19.11 -61.98 -0.59
CA ILE C 370 -18.61 -62.35 0.74
C ILE C 370 -18.80 -61.19 1.72
N ILE C 371 -18.67 -59.95 1.26
CA ILE C 371 -18.99 -58.81 2.13
C ILE C 371 -20.41 -58.93 2.64
N LEU C 372 -21.34 -59.30 1.76
CA LEU C 372 -22.71 -59.56 2.19
C LEU C 372 -22.78 -60.81 3.06
N SER C 373 -22.08 -61.88 2.65
CA SER C 373 -22.06 -63.11 3.44
C SER C 373 -21.44 -62.87 4.81
N ALA C 374 -20.49 -61.95 4.91
CA ALA C 374 -19.94 -61.61 6.22
C ALA C 374 -20.92 -60.76 7.01
N LEU C 375 -21.65 -59.88 6.32
CA LEU C 375 -22.59 -59.00 7.00
C LEU C 375 -23.71 -59.76 7.68
N VAL C 376 -24.20 -60.84 7.06
CA VAL C 376 -25.33 -61.56 7.64
C VAL C 376 -24.90 -62.38 8.86
N SER C 377 -23.69 -62.93 8.83
CA SER C 377 -23.25 -63.76 9.96
C SER C 377 -22.91 -62.92 11.19
N ASP C 378 -22.69 -61.62 11.02
CA ASP C 378 -22.33 -60.73 12.12
C ASP C 378 -23.54 -60.57 13.03
N SER C 379 -23.51 -61.26 14.17
CA SER C 379 -24.58 -61.13 15.16
C SER C 379 -24.59 -59.78 15.85
N LYS C 380 -23.54 -58.98 15.69
CA LYS C 380 -23.46 -57.66 16.30
C LYS C 380 -24.12 -56.56 15.47
N THR C 381 -24.59 -56.86 14.26
CA THR C 381 -25.36 -55.91 13.47
C THR C 381 -26.73 -56.45 13.11
N PRO C 382 -27.57 -56.75 14.11
CA PRO C 382 -28.91 -57.28 13.79
C PRO C 382 -29.84 -56.21 13.26
N LEU C 383 -29.82 -55.01 13.85
CA LEU C 383 -30.72 -53.95 13.44
C LEU C 383 -30.45 -53.53 12.00
N MET C 384 -29.19 -53.35 11.64
CA MET C 384 -28.83 -53.03 10.27
C MET C 384 -29.10 -54.19 9.33
N THR C 385 -29.01 -55.43 9.82
CA THR C 385 -29.36 -56.59 8.98
C THR C 385 -30.86 -56.69 8.77
N GLN C 386 -31.64 -56.60 9.86
CA GLN C 386 -33.09 -56.76 9.77
C GLN C 386 -33.73 -55.63 8.98
N TYR C 387 -33.08 -54.46 8.94
CA TYR C 387 -33.65 -53.33 8.20
C TYR C 387 -33.62 -53.55 6.69
N LEU C 388 -32.59 -54.25 6.19
CA LEU C 388 -32.43 -54.42 4.76
C LEU C 388 -33.56 -55.23 4.14
N VAL C 389 -34.05 -56.25 4.85
CA VAL C 389 -35.06 -57.14 4.28
C VAL C 389 -36.32 -56.38 3.88
N GLY C 390 -36.67 -55.33 4.61
CA GLY C 390 -37.81 -54.51 4.21
C GLY C 390 -37.55 -53.77 2.90
N TYR C 391 -36.34 -53.23 2.74
CA TYR C 391 -35.96 -52.66 1.45
C TYR C 391 -35.85 -53.73 0.38
N LEU C 392 -35.49 -54.95 0.77
CA LEU C 392 -35.29 -56.05 -0.16
C LEU C 392 -36.51 -56.95 -0.30
N ASP C 393 -37.61 -56.65 0.41
CA ASP C 393 -38.84 -57.45 0.36
C ASP C 393 -38.56 -58.93 0.61
N PHE C 394 -37.67 -59.21 1.56
CA PHE C 394 -37.39 -60.60 1.87
C PHE C 394 -38.02 -61.00 3.18
N PRO C 395 -38.72 -62.14 3.22
CA PRO C 395 -39.48 -62.49 4.44
C PRO C 395 -38.62 -62.90 5.62
N SER C 396 -37.58 -63.70 5.39
CA SER C 396 -36.80 -64.27 6.48
C SER C 396 -35.33 -63.96 6.31
N LYS C 397 -34.68 -63.66 7.44
CA LYS C 397 -33.24 -63.40 7.46
C LYS C 397 -32.46 -64.56 6.88
N ALA C 398 -32.88 -65.79 7.18
CA ALA C 398 -32.14 -66.97 6.72
C ALA C 398 -32.22 -67.12 5.21
N LEU C 399 -33.38 -66.78 4.61
CA LEU C 399 -33.51 -66.85 3.17
C LEU C 399 -32.47 -66.01 2.45
N LEU C 400 -32.06 -64.89 3.06
CA LEU C 400 -30.96 -64.12 2.50
C LEU C 400 -29.67 -64.93 2.52
N ALA C 401 -29.40 -65.61 3.64
CA ALA C 401 -28.21 -66.43 3.71
C ALA C 401 -28.27 -67.58 2.71
N ASN C 402 -29.47 -68.08 2.42
CA ASN C 402 -29.61 -69.13 1.40
C ASN C 402 -29.33 -68.57 0.01
N LYS C 403 -29.96 -67.45 -0.36
CA LYS C 403 -29.72 -66.88 -1.68
C LYS C 403 -28.26 -66.48 -1.86
N ILE C 404 -27.64 -65.98 -0.79
CA ILE C 404 -26.21 -65.72 -0.84
C ILE C 404 -25.45 -67.02 -1.06
N THR C 405 -25.75 -68.04 -0.24
CA THR C 405 -25.06 -69.32 -0.35
C THR C 405 -25.35 -69.97 -1.70
N GLU C 406 -26.60 -69.85 -2.17
CA GLU C 406 -26.97 -70.42 -3.46
C GLU C 406 -26.17 -69.77 -4.59
N LEU C 407 -26.09 -68.44 -4.58
CA LEU C 407 -25.30 -67.74 -5.59
C LEU C 407 -23.81 -67.94 -5.40
N LEU C 408 -23.38 -68.27 -4.17
CA LEU C 408 -21.95 -68.46 -3.92
C LEU C 408 -21.44 -69.69 -4.65
N LEU C 409 -22.17 -70.81 -4.56
CA LEU C 409 -21.68 -72.05 -5.14
C LEU C 409 -21.62 -71.98 -6.67
N LYS C 410 -22.58 -71.30 -7.29
CA LYS C 410 -22.55 -71.19 -8.74
C LYS C 410 -21.39 -70.32 -9.21
N GLU C 411 -21.01 -69.31 -8.43
CA GLU C 411 -19.81 -68.54 -8.73
C GLU C 411 -18.52 -69.32 -8.45
N LEU C 412 -18.59 -70.31 -7.56
CA LEU C 412 -17.43 -71.18 -7.35
C LEU C 412 -17.22 -72.12 -8.53
N GLU C 413 -18.30 -72.51 -9.21
CA GLU C 413 -18.17 -73.31 -10.41
C GLU C 413 -17.72 -72.49 -11.61
N ASN C 414 -17.63 -71.17 -11.48
CA ASN C 414 -17.08 -70.34 -12.54
C ASN C 414 -15.63 -70.72 -12.77
N PRO C 415 -15.24 -71.06 -14.00
CA PRO C 415 -13.86 -71.50 -14.25
C PRO C 415 -12.78 -70.51 -13.82
N ASP C 416 -13.14 -69.25 -13.52
CA ASP C 416 -12.14 -68.29 -13.09
C ASP C 416 -11.66 -68.57 -11.66
N MET C 417 -12.57 -69.05 -10.81
CA MET C 417 -12.23 -69.33 -9.42
C MET C 417 -11.51 -70.67 -9.25
N ARG C 418 -11.78 -71.63 -10.14
CA ARG C 418 -11.06 -72.90 -10.10
C ARG C 418 -9.55 -72.70 -10.16
N GLU C 419 -9.10 -71.63 -10.82
CA GLU C 419 -7.68 -71.29 -10.81
C GLU C 419 -7.20 -70.87 -9.43
N ILE C 420 -8.06 -70.22 -8.66
CA ILE C 420 -7.66 -69.68 -7.36
C ILE C 420 -7.85 -70.66 -6.20
N LEU C 421 -8.76 -71.61 -6.33
CA LEU C 421 -9.04 -72.56 -5.26
C LEU C 421 -8.57 -73.95 -5.66
N GLY C 422 -7.42 -74.35 -5.11
CA GLY C 422 -6.82 -75.65 -5.31
C GLY C 422 -6.62 -76.36 -4.00
N SER C 423 -7.32 -77.48 -3.80
CA SER C 423 -7.37 -78.16 -2.50
C SER C 423 -7.72 -77.16 -1.42
N ARG C 424 -8.60 -76.22 -1.79
CA ARG C 424 -8.97 -75.04 -1.04
C ARG C 424 -10.47 -74.97 -0.85
N LEU C 425 -11.11 -76.12 -0.65
CA LEU C 425 -12.57 -76.23 -0.57
C LEU C 425 -13.15 -75.05 0.20
N ALA C 426 -13.94 -74.24 -0.52
CA ALA C 426 -14.30 -72.90 -0.07
C ALA C 426 -15.05 -72.88 1.26
N THR C 427 -15.71 -73.99 1.64
CA THR C 427 -16.52 -73.98 2.85
C THR C 427 -15.73 -73.48 4.06
N ASP C 428 -14.47 -73.90 4.19
CA ASP C 428 -13.64 -73.37 5.25
C ASP C 428 -13.11 -71.98 4.91
N VAL C 429 -12.76 -71.75 3.65
CA VAL C 429 -12.17 -70.47 3.26
C VAL C 429 -13.16 -69.33 3.51
N ILE C 430 -14.43 -69.55 3.19
CA ILE C 430 -15.44 -68.53 3.45
C ILE C 430 -15.52 -68.23 4.95
N GLU C 431 -15.56 -69.28 5.77
CA GLU C 431 -15.62 -69.09 7.23
C GLU C 431 -14.44 -68.27 7.73
N GLU C 432 -13.22 -68.62 7.30
CA GLU C 432 -12.07 -67.78 7.63
C GLU C 432 -12.24 -66.39 7.07
N LEU C 433 -12.58 -66.30 5.78
CA LEU C 433 -12.78 -64.99 5.17
C LEU C 433 -13.93 -64.25 5.86
N GLU C 434 -14.98 -64.98 6.24
CA GLU C 434 -16.11 -64.37 6.93
C GLU C 434 -15.67 -63.76 8.26
N THR C 435 -14.91 -64.51 9.07
CA THR C 435 -14.45 -63.95 10.34
C THR C 435 -13.44 -62.83 10.11
N LYS C 436 -12.65 -62.90 9.04
CA LYS C 436 -11.66 -61.85 8.81
C LYS C 436 -12.34 -60.49 8.66
N ILE C 437 -13.43 -60.44 7.89
CA ILE C 437 -14.13 -59.17 7.76
C ILE C 437 -14.83 -58.83 9.06
N ILE C 438 -15.41 -59.83 9.74
CA ILE C 438 -16.03 -59.58 11.04
C ILE C 438 -14.98 -59.20 12.07
N ARG C 439 -13.77 -59.75 11.97
CA ARG C 439 -12.67 -59.32 12.82
C ARG C 439 -12.13 -57.96 12.40
N TYR C 440 -12.42 -57.54 11.17
CA TYR C 440 -11.92 -56.26 10.68
C TYR C 440 -12.77 -55.07 11.16
N ILE C 441 -14.08 -55.24 11.35
CA ILE C 441 -14.96 -54.14 11.66
C ILE C 441 -15.59 -54.21 13.04
N HIS C 442 -15.42 -55.31 13.78
CA HIS C 442 -16.35 -55.62 14.86
C HIS C 442 -16.47 -54.46 15.84
N ASN C 443 -15.43 -54.21 16.63
CA ASN C 443 -15.23 -52.88 17.18
C ASN C 443 -14.40 -52.00 16.23
N PRO C 444 -13.17 -52.43 15.86
CA PRO C 444 -12.24 -51.49 15.22
C PRO C 444 -12.29 -51.50 13.71
N ALA C 445 -11.36 -50.77 13.08
CA ALA C 445 -10.97 -50.99 11.70
C ALA C 445 -9.48 -50.64 11.62
N GLY C 446 -8.64 -51.65 11.82
CA GLY C 446 -7.21 -51.41 11.95
C GLY C 446 -6.32 -52.45 11.32
N SER C 447 -6.90 -53.46 10.70
CA SER C 447 -6.13 -54.43 9.93
C SER C 447 -6.13 -54.02 8.47
N ASP C 448 -5.16 -54.54 7.73
CA ASP C 448 -5.02 -54.24 6.30
C ASP C 448 -5.60 -55.41 5.52
N ILE C 449 -6.93 -55.39 5.37
CA ILE C 449 -7.61 -56.46 4.64
C ILE C 449 -7.63 -56.25 3.14
N HIS C 450 -7.51 -55.01 2.67
CA HIS C 450 -7.71 -54.72 1.25
C HIS C 450 -6.73 -55.51 0.39
N SER C 451 -5.45 -55.48 0.75
CA SER C 451 -4.46 -56.33 0.08
C SER C 451 -4.75 -57.81 0.35
N THR C 452 -5.16 -58.13 1.58
CA THR C 452 -5.54 -59.50 1.90
C THR C 452 -6.70 -59.99 1.04
N LEU C 453 -7.65 -59.10 0.73
CA LEU C 453 -8.74 -59.46 -0.17
C LEU C 453 -8.32 -59.43 -1.64
N ASN C 454 -7.40 -58.54 -2.03
CA ASN C 454 -7.00 -58.42 -3.42
C ASN C 454 -6.26 -59.65 -3.94
N LEU C 455 -5.91 -60.61 -3.07
CA LEU C 455 -5.33 -61.85 -3.55
C LEU C 455 -6.29 -62.59 -4.46
N TRP C 456 -7.59 -62.39 -4.27
CA TRP C 456 -8.62 -63.13 -4.98
C TRP C 456 -9.14 -62.40 -6.21
N THR C 457 -8.74 -61.14 -6.40
CA THR C 457 -9.13 -60.36 -7.57
C THR C 457 -8.17 -60.47 -8.73
N ALA C 458 -7.05 -61.20 -8.57
CA ALA C 458 -6.09 -61.39 -9.65
C ALA C 458 -6.81 -61.66 -10.96
N ASP C 459 -6.71 -60.73 -11.91
CA ASP C 459 -7.46 -60.81 -13.16
C ASP C 459 -6.76 -61.78 -14.11
N LYS C 460 -6.70 -63.04 -13.68
CA LYS C 460 -5.94 -64.07 -14.37
C LYS C 460 -6.87 -65.19 -14.84
N ILE C 461 -6.48 -65.83 -15.93
CA ILE C 461 -7.25 -66.91 -16.54
C ILE C 461 -6.39 -67.65 -17.55
N SER D 3 -2.45 19.86 59.75
CA SER D 3 -1.24 20.66 59.90
C SER D 3 -0.43 20.64 58.61
N ILE D 4 -0.56 21.67 57.77
CA ILE D 4 0.14 21.71 56.49
C ILE D 4 0.86 23.02 56.30
N ILE D 5 1.91 22.95 55.48
CA ILE D 5 2.84 24.03 55.17
C ILE D 5 2.22 24.92 54.10
N THR D 6 2.94 25.95 53.66
CA THR D 6 2.46 26.75 52.54
C THR D 6 3.58 27.14 51.59
N GLN D 7 4.81 27.26 52.10
CA GLN D 7 5.98 27.49 51.26
C GLN D 7 7.19 26.80 51.86
N ILE D 8 8.00 26.17 51.00
CA ILE D 8 9.23 25.51 51.44
C ILE D 8 10.33 25.82 50.43
N CYS D 9 11.55 25.92 50.94
CA CYS D 9 12.76 26.00 50.12
C CYS D 9 13.53 24.73 50.45
N ASN D 10 13.46 23.76 49.56
CA ASN D 10 14.04 22.44 49.84
C ASN D 10 15.46 22.36 49.27
N GLY D 11 16.30 23.24 49.78
CA GLY D 11 17.72 23.23 49.47
C GLY D 11 18.07 23.62 48.05
N VAL D 12 17.11 24.09 47.26
CA VAL D 12 17.33 24.31 45.84
C VAL D 12 17.23 25.81 45.55
N LEU D 13 18.01 26.26 44.57
CA LEU D 13 17.92 27.62 44.06
C LEU D 13 18.32 27.60 42.60
N HIS D 14 17.81 28.59 41.87
CA HIS D 14 18.13 28.74 40.45
C HIS D 14 19.43 29.52 40.34
N GLY D 15 19.75 30.01 39.15
CA GLY D 15 20.97 30.78 38.98
C GLY D 15 21.02 32.00 39.87
N GLN D 16 21.88 31.93 40.89
CA GLN D 16 22.26 33.05 41.76
C GLN D 16 21.15 33.55 42.68
N SER D 17 19.94 33.03 42.58
CA SER D 17 18.86 33.56 43.41
C SER D 17 17.66 32.62 43.38
N TYR D 18 16.77 32.81 44.35
CA TYR D 18 15.50 32.08 44.42
C TYR D 18 14.51 32.90 45.24
N GLN D 19 13.40 33.29 44.64
CA GLN D 19 12.33 33.94 45.36
C GLN D 19 11.26 32.89 45.69
N SER D 20 10.07 33.33 46.09
CA SER D 20 9.13 32.44 46.77
C SER D 20 7.89 32.12 45.94
N GLY D 21 7.09 33.10 45.56
CA GLY D 21 5.84 32.77 44.90
C GLY D 21 4.64 32.70 45.81
N SER D 22 4.38 33.79 46.53
CA SER D 22 3.33 33.93 47.55
C SER D 22 2.12 33.02 47.33
N ASN D 23 1.73 32.30 48.38
CA ASN D 23 0.60 31.37 48.36
C ASN D 23 -0.66 32.04 48.87
N ASP D 24 -1.73 32.01 48.06
CA ASP D 24 -3.02 32.59 48.42
C ASP D 24 -3.48 32.21 49.82
N LEU D 25 -3.27 30.94 50.23
CA LEU D 25 -3.79 30.48 51.51
C LEU D 25 -3.38 31.37 52.68
N ASP D 26 -2.20 31.98 52.61
CA ASP D 26 -1.74 32.89 53.65
C ASP D 26 -2.04 34.35 53.34
N LYS D 27 -2.64 34.64 52.18
CA LYS D 27 -3.01 36.00 51.80
C LYS D 27 -1.81 36.94 51.86
N GLY D 28 -0.71 36.49 51.26
CA GLY D 28 0.47 37.33 51.15
C GLY D 28 1.28 37.50 52.41
N ASN D 29 1.14 36.58 53.37
CA ASN D 29 1.86 36.68 54.64
C ASN D 29 2.99 35.67 54.78
N SER D 30 3.17 34.77 53.81
CA SER D 30 4.23 33.76 53.82
C SER D 30 5.21 34.06 52.70
N GLU D 31 6.42 34.51 53.07
CA GLU D 31 7.47 34.77 52.10
C GLU D 31 8.79 34.17 52.57
N ILE D 32 9.57 33.70 51.61
CA ILE D 32 10.94 33.23 51.85
C ILE D 32 11.80 33.75 50.70
N PHE D 33 13.11 33.62 50.86
CA PHE D 33 14.06 34.08 49.85
C PHE D 33 15.36 33.33 50.05
N ALA D 34 16.07 33.09 48.95
CA ALA D 34 17.30 32.32 48.97
C ALA D 34 18.28 32.89 47.95
N SER D 35 19.55 32.99 48.34
CA SER D 35 20.60 33.44 47.45
C SER D 35 21.94 32.93 47.97
N SER D 36 22.96 33.03 47.13
CA SER D 36 24.32 32.60 47.48
C SER D 36 25.19 33.81 47.78
N LEU D 37 26.26 33.58 48.55
CA LEU D 37 27.15 34.66 48.94
C LEU D 37 28.63 34.28 48.93
N PHE D 38 28.98 33.08 48.48
CA PHE D 38 30.38 32.71 48.37
C PHE D 38 31.08 33.53 47.28
N VAL D 39 32.40 33.66 47.41
CA VAL D 39 33.22 34.40 46.45
C VAL D 39 34.54 33.65 46.30
N HIS D 40 35.04 33.57 45.06
CA HIS D 40 36.39 33.03 44.85
C HIS D 40 37.43 34.15 44.84
N LEU D 41 37.29 35.13 43.94
CA LEU D 41 38.02 36.39 43.97
C LEU D 41 39.53 36.18 44.07
N ASN D 42 40.08 35.63 42.99
CA ASN D 42 41.53 35.53 42.84
C ASN D 42 42.21 36.89 43.01
N LYS D 52 25.76 28.16 42.93
CA LYS D 52 26.08 26.75 43.15
C LYS D 52 24.84 25.98 43.62
N ASP D 53 24.86 25.55 44.87
CA ASP D 53 23.68 24.99 45.52
C ASP D 53 23.68 25.39 46.99
N SER D 54 22.48 25.52 47.55
CA SER D 54 22.32 25.85 48.96
C SER D 54 22.06 24.57 49.75
N ASP D 55 22.51 24.56 51.00
CA ASP D 55 22.29 23.42 51.87
C ASP D 55 21.20 23.66 52.91
N ASP D 56 20.73 24.90 53.04
CA ASP D 56 19.72 25.23 54.02
C ASP D 56 18.32 24.83 53.54
N LYS D 57 17.37 24.86 54.46
CA LYS D 57 15.98 24.55 54.14
C LYS D 57 15.09 25.31 55.11
N ILE D 58 14.07 25.99 54.57
CA ILE D 58 13.13 26.76 55.35
C ILE D 58 11.72 26.24 55.07
N VAL D 59 10.93 26.12 56.12
CA VAL D 59 9.56 25.61 56.04
C VAL D 59 8.66 26.58 56.81
N ILE D 60 7.59 27.04 56.15
CA ILE D 60 6.61 27.93 56.76
C ILE D 60 5.24 27.29 56.55
N GLY D 61 4.45 27.21 57.63
CA GLY D 61 3.18 26.56 57.53
C GLY D 61 2.25 26.90 58.67
N TYR D 62 1.15 26.15 58.76
CA TYR D 62 0.08 26.43 59.72
C TYR D 62 -0.45 25.15 60.34
N THR D 63 -0.74 25.22 61.64
CA THR D 63 -1.15 24.07 62.44
C THR D 63 -2.56 23.62 62.09
N LYS D 64 -2.95 22.49 62.69
CA LYS D 64 -4.34 22.05 62.61
C LYS D 64 -5.29 23.03 63.28
N ASP D 65 -4.84 23.70 64.33
CA ASP D 65 -5.56 24.82 64.92
C ASP D 65 -5.33 26.12 64.17
N GLY D 66 -4.54 26.11 63.11
CA GLY D 66 -4.35 27.29 62.30
C GLY D 66 -3.29 28.23 62.80
N MET D 67 -2.36 27.74 63.63
CA MET D 67 -1.34 28.59 64.21
C MET D 67 -0.11 28.65 63.29
N ALA D 68 0.53 29.82 63.29
CA ALA D 68 1.66 30.04 62.41
C ALA D 68 2.94 29.45 62.99
N PHE D 69 3.86 29.09 62.11
CA PHE D 69 5.17 28.62 62.54
C PHE D 69 6.16 28.81 61.41
N GLN D 70 7.44 28.75 61.75
CA GLN D 70 8.53 28.89 60.80
C GLN D 70 9.71 28.06 61.28
N ILE D 71 10.30 27.28 60.37
CA ILE D 71 11.47 26.46 60.66
C ILE D 71 12.64 26.97 59.82
N VAL D 72 13.81 27.07 60.44
CA VAL D 72 15.02 27.54 59.76
C VAL D 72 16.11 26.52 60.01
N VAL D 73 16.74 26.05 58.92
CA VAL D 73 17.75 25.00 58.96
C VAL D 73 18.96 25.49 58.20
N ASP D 74 20.16 25.19 58.71
CA ASP D 74 21.40 25.40 57.97
C ASP D 74 22.22 24.13 58.07
N GLY D 75 22.51 23.52 56.92
CA GLY D 75 23.26 22.29 56.89
C GLY D 75 24.75 22.55 56.92
N PHE D 76 25.52 21.46 56.84
CA PHE D 76 26.97 21.55 56.89
C PHE D 76 27.62 21.13 55.57
N TYR D 77 27.34 19.92 55.10
CA TYR D 77 28.03 19.34 53.97
C TYR D 77 27.10 19.29 52.76
N GLY D 78 27.55 19.87 51.64
CA GLY D 78 26.77 19.72 50.42
C GLY D 78 26.74 18.31 49.88
N CYS D 79 27.50 17.39 50.48
CA CYS D 79 27.51 15.99 50.06
C CYS D 79 26.30 15.24 50.61
N GLU D 80 25.98 15.44 51.90
CA GLU D 80 24.87 14.72 52.49
C GLU D 80 23.55 15.34 52.07
N ARG D 81 23.26 16.55 52.55
CA ARG D 81 22.34 17.49 51.92
C ARG D 81 20.92 16.97 51.76
N GLN D 82 20.67 15.72 52.14
CA GLN D 82 19.34 15.19 51.88
C GLN D 82 18.72 14.52 53.11
N ALA D 83 19.51 13.78 53.88
CA ALA D 83 19.00 13.23 55.13
C ALA D 83 18.59 14.34 56.08
N VAL D 84 19.20 15.53 55.96
CA VAL D 84 18.70 16.70 56.68
C VAL D 84 17.29 17.05 56.22
N PHE D 85 17.07 17.07 54.90
CA PHE D 85 15.77 17.47 54.37
C PHE D 85 14.71 16.39 54.58
N SER D 86 15.02 15.16 54.20
CA SER D 86 14.09 14.05 54.41
C SER D 86 13.81 13.84 55.90
N PHE D 87 14.68 14.35 56.77
CA PHE D 87 14.43 14.31 58.21
C PHE D 87 13.32 15.29 58.59
N ILE D 88 13.26 16.44 57.92
CA ILE D 88 12.30 17.47 58.31
C ILE D 88 10.87 17.03 57.99
N ASP D 89 10.65 16.47 56.80
CA ASP D 89 9.30 16.14 56.39
C ASP D 89 8.72 14.98 57.19
N ASN D 90 9.57 14.08 57.68
CA ASN D 90 9.11 12.85 58.32
C ASN D 90 9.14 12.87 59.84
N TYR D 91 10.07 13.61 60.49
CA TYR D 91 10.20 13.41 61.93
C TYR D 91 10.00 14.65 62.78
N VAL D 92 10.56 15.81 62.40
CA VAL D 92 10.40 16.98 63.25
C VAL D 92 9.05 17.64 63.01
N LEU D 93 8.62 17.72 61.75
CA LEU D 93 7.40 18.46 61.43
C LEU D 93 6.15 17.94 62.14
N PRO D 94 5.88 16.63 62.19
CA PRO D 94 4.67 16.18 62.91
C PRO D 94 4.68 16.49 64.40
N LEU D 95 5.81 16.93 64.96
CA LEU D 95 5.88 17.30 66.38
C LEU D 95 5.41 18.72 66.65
N ILE D 96 5.29 19.56 65.61
CA ILE D 96 4.88 20.94 65.80
C ILE D 96 3.42 21.00 66.27
N ASP D 97 2.57 20.14 65.71
CA ASP D 97 1.16 20.11 66.12
C ASP D 97 1.02 19.85 67.61
N ASN D 98 1.75 18.85 68.11
CA ASN D 98 1.78 18.59 69.55
C ASN D 98 2.45 19.72 70.32
N PHE D 99 3.25 20.55 69.64
CA PHE D 99 4.01 21.60 70.33
C PHE D 99 3.10 22.75 70.74
N SER D 100 2.31 23.30 69.81
CA SER D 100 1.46 24.43 70.13
C SER D 100 0.43 24.11 71.20
N LEU D 101 -0.07 22.86 71.22
CA LEU D 101 -1.04 22.47 72.23
C LEU D 101 -0.41 22.39 73.61
N ASP D 102 0.72 21.70 73.74
CA ASP D 102 1.38 21.58 75.04
C ASP D 102 1.78 22.95 75.58
N LEU D 103 2.02 23.92 74.70
CA LEU D 103 2.22 25.30 75.13
C LEU D 103 0.94 25.87 75.72
N THR D 104 -0.21 25.51 75.16
CA THR D 104 -1.49 25.96 75.70
C THR D 104 -1.84 25.21 76.98
N ARG D 105 -1.62 23.91 77.00
CA ARG D 105 -1.96 23.09 78.17
C ARG D 105 -1.00 23.36 79.32
N TYR D 106 0.30 23.23 79.06
CA TYR D 106 1.28 23.38 80.13
C TYR D 106 1.77 24.82 80.19
N PRO D 107 1.86 25.42 81.36
CA PRO D 107 2.14 26.86 81.44
C PRO D 107 3.60 27.21 81.17
N ASP D 108 4.51 26.34 81.62
CA ASP D 108 5.94 26.62 81.51
C ASP D 108 6.36 26.48 80.05
N SER D 109 6.59 27.62 79.38
CA SER D 109 7.05 27.57 78.00
C SER D 109 8.44 26.95 77.91
N LYS D 110 9.29 27.22 78.90
CA LYS D 110 10.65 26.70 78.86
C LYS D 110 10.66 25.18 79.05
N LYS D 111 9.77 24.67 79.89
CA LYS D 111 9.77 23.25 80.20
C LYS D 111 9.48 22.42 78.95
N VAL D 112 8.38 22.73 78.27
CA VAL D 112 7.97 21.93 77.11
C VAL D 112 8.95 22.13 75.96
N THR D 113 9.44 23.35 75.78
CA THR D 113 10.40 23.62 74.70
C THR D 113 11.67 22.80 74.87
N GLU D 114 12.21 22.77 76.10
CA GLU D 114 13.40 21.98 76.37
C GLU D 114 13.13 20.49 76.14
N SER D 115 11.96 20.01 76.57
CA SER D 115 11.61 18.61 76.33
C SER D 115 11.54 18.34 74.83
N LEU D 116 11.03 19.30 74.06
CA LEU D 116 10.97 19.15 72.60
C LEU D 116 12.37 19.02 71.99
N ILE D 117 13.31 19.88 72.43
CA ILE D 117 14.66 19.85 71.90
C ILE D 117 15.31 18.49 72.13
N HIS D 118 15.14 17.94 73.33
CA HIS D 118 15.63 16.61 73.62
C HIS D 118 14.99 15.57 72.71
N THR D 119 13.66 15.67 72.52
CA THR D 119 12.94 14.73 71.66
C THR D 119 13.43 14.78 70.23
N ILE D 120 13.89 15.95 69.77
CA ILE D 120 14.48 16.05 68.44
C ILE D 120 15.78 15.25 68.38
N TYR D 121 16.61 15.37 69.42
CA TYR D 121 17.88 14.65 69.46
C TYR D 121 17.68 13.14 69.48
N SER D 122 16.74 12.67 70.30
CA SER D 122 16.45 11.23 70.34
C SER D 122 15.98 10.72 68.98
N LEU D 123 15.26 11.57 68.23
CA LEU D 123 14.79 11.15 66.91
C LEU D 123 15.93 11.13 65.90
N ARG D 124 16.82 12.13 65.95
CA ARG D 124 17.93 12.16 65.00
C ARG D 124 18.92 11.03 65.23
N SER D 125 18.89 10.40 66.41
CA SER D 125 19.84 9.33 66.70
C SER D 125 19.48 8.05 65.95
N LYS D 126 18.27 7.54 66.18
CA LYS D 126 17.84 6.27 65.61
C LYS D 126 17.22 6.40 64.22
N HIS D 127 17.20 7.59 63.63
CA HIS D 127 16.58 7.66 62.31
C HIS D 127 17.48 8.28 61.26
N ALA D 128 18.30 9.28 61.62
CA ALA D 128 19.22 9.88 60.67
C ALA D 128 20.38 10.55 61.40
N PRO D 129 21.28 9.78 62.00
CA PRO D 129 22.38 10.38 62.74
C PRO D 129 23.41 11.08 61.87
N LEU D 130 23.38 10.86 60.55
CA LEU D 130 24.33 11.51 59.66
C LEU D 130 24.04 12.99 59.51
N ALA D 131 22.85 13.44 59.89
CA ALA D 131 22.47 14.83 59.70
C ALA D 131 23.09 15.67 60.80
N GLU D 132 23.88 16.67 60.41
CA GLU D 132 24.44 17.66 61.32
C GLU D 132 24.12 19.03 60.75
N PHE D 133 23.36 19.82 61.50
CA PHE D 133 22.83 21.07 60.98
C PHE D 133 22.56 22.00 62.16
N THR D 134 22.21 23.23 61.83
CA THR D 134 21.75 24.20 62.81
C THR D 134 20.29 24.51 62.50
N MET D 135 19.42 24.35 63.50
CA MET D 135 18.00 24.56 63.27
C MET D 135 17.47 25.59 64.25
N SER D 136 16.45 26.32 63.80
CA SER D 136 15.73 27.25 64.64
C SER D 136 14.29 27.30 64.16
N LEU D 137 13.37 27.46 65.09
CA LEU D 137 11.97 27.49 64.75
C LEU D 137 11.20 28.27 65.79
N CYS D 138 10.09 28.85 65.36
CA CYS D 138 9.15 29.53 66.22
C CYS D 138 7.74 29.11 65.81
N VAL D 139 6.85 29.01 66.78
CA VAL D 139 5.48 28.58 66.55
C VAL D 139 4.56 29.44 67.39
N THR D 140 3.38 29.73 66.86
CA THR D 140 2.39 30.52 67.58
C THR D 140 1.43 29.59 68.31
N TYR D 141 0.91 30.08 69.43
CA TYR D 141 -0.07 29.34 70.20
C TYR D 141 -0.98 30.32 70.93
N GLN D 142 -2.20 29.88 71.22
CA GLN D 142 -3.24 30.73 71.77
C GLN D 142 -3.65 30.18 73.13
N LYS D 143 -3.12 30.78 74.20
CA LYS D 143 -3.50 30.41 75.56
C LYS D 143 -4.64 31.26 76.09
N ASP D 144 -4.59 32.56 75.82
CA ASP D 144 -5.64 33.50 76.20
C ASP D 144 -6.25 34.04 74.90
N GLU D 145 -7.12 35.05 75.04
CA GLU D 145 -7.69 35.68 73.85
C GLU D 145 -6.62 36.18 72.89
N GLN D 146 -5.48 36.60 73.42
CA GLN D 146 -4.39 37.13 72.60
C GLN D 146 -3.53 35.98 72.07
N LEU D 147 -2.76 36.29 71.03
CA LEU D 147 -1.93 35.31 70.36
C LEU D 147 -0.53 35.33 70.97
N PHE D 148 0.06 34.14 71.13
CA PHE D 148 1.40 34.03 71.66
C PHE D 148 2.26 33.22 70.70
N CYS D 149 3.53 33.58 70.59
CA CYS D 149 4.49 32.82 69.79
C CYS D 149 5.70 32.51 70.63
N ALA D 150 6.20 31.28 70.51
CA ALA D 150 7.31 30.80 71.32
C ALA D 150 8.09 29.77 70.50
N GLY D 151 9.41 29.82 70.62
CA GLY D 151 10.25 28.89 69.91
C GLY D 151 11.65 28.86 70.48
N PHE D 152 12.55 28.22 69.74
CA PHE D 152 13.94 28.08 70.13
C PHE D 152 14.82 28.22 68.89
N GLY D 153 16.04 27.70 68.98
CA GLY D 153 16.95 27.68 67.85
C GLY D 153 18.41 27.68 68.21
N ILE D 154 19.12 26.69 67.67
CA ILE D 154 20.52 26.41 67.98
C ILE D 154 21.33 26.47 66.69
N GLY D 155 22.31 27.38 66.63
CA GLY D 155 23.25 27.39 65.54
C GLY D 155 23.44 28.76 64.93
N ASP D 156 23.88 28.77 63.68
CA ASP D 156 24.23 29.99 62.95
C ASP D 156 23.01 30.72 62.42
N THR D 157 21.82 30.36 62.87
CA THR D 157 20.57 30.92 62.42
C THR D 157 20.12 32.05 63.33
N GLY D 158 18.96 32.61 63.02
CA GLY D 158 18.40 33.68 63.82
C GLY D 158 17.02 34.10 63.35
N ILE D 159 16.17 34.49 64.29
CA ILE D 159 14.81 34.94 63.99
C ILE D 159 14.64 36.31 64.64
N ALA D 160 13.98 37.22 63.92
CA ALA D 160 13.70 38.56 64.41
C ALA D 160 12.23 38.87 64.17
N ILE D 161 11.74 39.92 64.83
CA ILE D 161 10.33 40.31 64.73
C ILE D 161 10.24 41.82 64.60
N LYS D 162 9.24 42.27 63.84
CA LYS D 162 8.92 43.68 63.70
C LYS D 162 7.45 43.88 64.06
N ARG D 163 7.20 44.76 65.03
CA ARG D 163 5.85 44.97 65.52
C ARG D 163 5.18 46.09 64.73
N ASN D 164 3.87 46.26 64.96
CA ASN D 164 3.10 47.29 64.27
C ASN D 164 3.54 48.72 64.62
N GLU D 165 4.52 48.90 65.52
CA GLU D 165 5.01 50.22 65.90
C GLU D 165 6.43 50.45 65.43
N GLY D 166 7.06 49.46 64.78
CA GLY D 166 8.40 49.59 64.28
C GLY D 166 9.50 49.17 65.23
N THR D 167 9.19 48.92 66.49
CA THR D 167 10.19 48.37 67.40
C THR D 167 10.69 47.04 66.87
N ILE D 168 12.01 46.92 66.76
CA ILE D 168 12.65 45.72 66.22
C ILE D 168 13.15 44.91 67.41
N GLU D 169 12.31 44.00 67.90
CA GLU D 169 12.70 43.07 68.95
C GLU D 169 13.36 41.86 68.32
N GLN D 170 14.41 41.37 68.97
CA GLN D 170 15.17 40.23 68.46
C GLN D 170 14.72 38.96 69.17
N LEU D 171 14.10 38.06 68.42
CA LEU D 171 13.83 36.69 68.83
C LEU D 171 15.12 35.88 68.64
N VAL D 172 15.01 34.56 68.54
CA VAL D 172 16.14 33.64 68.63
C VAL D 172 17.38 34.18 67.91
N CYS D 173 18.49 34.22 68.64
CA CYS D 173 19.70 34.90 68.20
C CYS D 173 20.73 33.90 67.69
N HIS D 174 21.80 34.46 67.12
CA HIS D 174 22.91 33.67 66.59
C HIS D 174 23.87 33.35 67.74
N THR D 175 23.85 32.12 68.21
CA THR D 175 24.72 31.72 69.31
C THR D 175 26.09 31.33 68.78
N GLU D 176 27.14 31.95 69.34
CA GLU D 176 28.52 31.68 68.94
C GLU D 176 29.31 31.30 70.18
N VAL D 177 29.77 30.06 70.23
CA VAL D 177 30.59 29.56 71.33
C VAL D 177 32.05 29.58 70.90
N ASP D 178 32.75 30.65 71.28
CA ASP D 178 34.21 30.78 71.10
C ASP D 178 34.65 30.51 69.66
N GLY D 179 33.81 30.88 68.68
CA GLY D 179 34.14 30.64 67.30
C GLY D 179 33.58 29.36 66.73
N PHE D 180 32.69 28.69 67.45
CA PHE D 180 32.04 27.47 67.01
C PHE D 180 30.53 27.67 67.05
N LYS D 181 29.84 27.12 66.06
CA LYS D 181 28.39 27.25 65.97
C LYS D 181 27.81 25.97 66.56
N ASP D 182 27.40 26.03 67.82
CA ASP D 182 26.75 24.89 68.46
C ASP D 182 25.53 24.51 67.65
N ALA D 183 25.38 23.23 67.33
CA ALA D 183 24.41 22.80 66.35
C ALA D 183 23.83 21.45 66.75
N PHE D 184 23.02 20.89 65.86
CA PHE D 184 22.43 19.57 66.05
C PHE D 184 23.36 18.48 65.53
N ASP D 185 24.62 18.55 65.94
CA ASP D 185 25.65 17.61 65.55
C ASP D 185 25.82 16.54 66.60
N ASN D 186 26.53 15.47 66.23
CA ASN D 186 26.81 14.39 67.16
C ASN D 186 27.72 14.87 68.30
N TYR D 187 28.59 15.83 68.02
CA TYR D 187 29.50 16.33 69.05
C TYR D 187 28.74 17.00 70.19
N SER D 188 27.71 17.78 69.87
CA SER D 188 26.90 18.42 70.90
C SER D 188 25.80 17.52 71.45
N SER D 189 25.62 16.32 70.88
CA SER D 189 24.52 15.47 71.28
C SER D 189 24.67 14.91 72.70
N ALA D 190 25.79 15.17 73.37
CA ALA D 190 25.99 14.71 74.73
C ALA D 190 25.89 15.82 75.76
N ASN D 191 26.10 17.07 75.38
CA ASN D 191 25.92 18.21 76.26
C ASN D 191 24.59 18.90 76.04
N ILE D 192 23.55 18.12 75.70
CA ILE D 192 22.25 18.68 75.29
C ILE D 192 21.79 19.72 76.30
N ASP D 193 21.70 19.31 77.58
CA ASP D 193 21.22 20.22 78.61
C ASP D 193 22.11 21.45 78.72
N LEU D 194 23.41 21.31 78.43
CA LEU D 194 24.32 22.45 78.47
C LEU D 194 24.12 23.36 77.26
N VAL D 195 23.80 22.77 76.10
CA VAL D 195 23.58 23.55 74.89
C VAL D 195 22.39 24.49 75.07
N ILE D 196 21.43 24.11 75.91
CA ILE D 196 20.18 24.85 76.01
C ILE D 196 20.41 26.19 76.71
N GLU D 197 21.15 26.18 77.83
CA GLU D 197 21.32 27.41 78.61
C GLU D 197 22.08 28.48 77.85
N ARG D 198 22.96 28.09 76.93
CA ARG D 198 23.72 29.06 76.16
C ARG D 198 23.10 29.38 74.82
N ASN D 199 22.14 28.59 74.36
CA ASN D 199 21.41 28.89 73.14
C ASN D 199 20.07 29.53 73.49
N SER D 200 19.36 29.99 72.47
CA SER D 200 18.23 30.89 72.66
C SER D 200 16.90 30.14 72.58
N VAL D 201 16.10 30.25 73.64
CA VAL D 201 14.71 29.84 73.65
C VAL D 201 13.92 31.06 74.12
N PHE D 202 12.67 31.17 73.68
CA PHE D 202 11.91 32.37 73.96
C PHE D 202 10.42 32.07 74.08
N ASN D 203 9.69 33.05 74.61
CA ASN D 203 8.23 33.03 74.62
C ASN D 203 7.76 34.45 74.90
N THR D 204 7.07 35.06 73.93
CA THR D 204 6.66 36.45 74.05
C THR D 204 5.28 36.62 73.41
N LYS D 205 4.52 37.58 73.93
CA LYS D 205 3.19 37.85 73.39
C LYS D 205 3.32 38.56 72.04
N VAL D 206 2.41 38.22 71.12
CA VAL D 206 2.45 38.76 69.76
C VAL D 206 1.06 39.21 69.36
N MET D 207 1.01 40.23 68.51
CA MET D 207 -0.25 40.75 67.98
C MET D 207 -0.34 40.48 66.49
N PRO D 208 -1.55 40.38 65.94
CA PRO D 208 -1.68 40.16 64.49
C PRO D 208 -1.05 41.29 63.70
N GLY D 209 -0.47 40.94 62.55
CA GLY D 209 0.23 41.88 61.71
C GLY D 209 1.71 42.02 61.98
N ASP D 210 2.21 41.46 63.08
CA ASP D 210 3.65 41.51 63.35
C ASP D 210 4.39 40.67 62.32
N GLU D 211 5.55 41.17 61.88
CA GLU D 211 6.31 40.58 60.79
C GLU D 211 7.45 39.74 61.37
N LEU D 212 7.33 38.42 61.24
CA LEU D 212 8.37 37.49 61.67
C LEU D 212 9.32 37.23 60.52
N VAL D 213 10.61 37.45 60.76
CA VAL D 213 11.66 37.26 59.76
C VAL D 213 12.68 36.29 60.34
N GLY D 214 12.94 35.21 59.63
CA GLY D 214 13.96 34.25 60.01
C GLY D 214 15.00 34.17 58.91
N TYR D 215 16.27 34.10 59.32
CA TYR D 215 17.39 34.15 58.39
C TYR D 215 18.41 33.09 58.78
N THR D 216 19.32 32.81 57.85
CA THR D 216 20.38 31.83 58.04
C THR D 216 21.75 32.45 58.16
N TYR D 217 22.12 33.37 57.27
CA TYR D 217 23.43 33.99 57.32
C TYR D 217 23.33 35.47 56.96
N VAL D 218 24.18 36.28 57.59
CA VAL D 218 24.30 37.71 57.31
C VAL D 218 25.79 38.04 57.40
N PRO D 219 26.31 38.91 56.54
CA PRO D 219 27.69 39.39 56.72
C PRO D 219 27.86 40.01 58.10
N PRO D 220 28.93 39.67 58.81
CA PRO D 220 29.03 40.09 60.22
C PRO D 220 29.10 41.60 60.42
N MET D 221 29.21 42.37 59.34
CA MET D 221 29.21 43.83 59.44
C MET D 221 27.90 44.36 60.00
N LEU D 222 26.81 43.59 59.85
CA LEU D 222 25.50 43.98 60.34
C LEU D 222 25.17 43.38 61.70
N GLU D 223 25.98 42.42 62.17
CA GLU D 223 25.73 41.79 63.45
C GLU D 223 26.33 42.62 64.58
N MET D 224 25.56 42.85 65.63
CA MET D 224 26.05 43.50 66.84
C MET D 224 25.89 42.52 68.00
N THR D 225 26.91 42.45 68.85
CA THR D 225 26.91 41.51 69.96
C THR D 225 25.95 42.00 71.04
N GLU D 226 24.99 41.15 71.42
CA GLU D 226 24.02 41.48 72.45
C GLU D 226 24.43 40.95 73.82
N LYS D 227 24.81 39.68 73.90
CA LYS D 227 25.20 39.07 75.16
C LYS D 227 26.50 38.31 74.99
N GLU D 228 27.40 38.48 75.96
CA GLU D 228 28.62 37.70 76.06
C GLU D 228 28.69 37.15 77.47
N PHE D 229 28.87 35.84 77.59
CA PHE D 229 29.01 35.21 78.90
C PHE D 229 29.95 34.02 78.76
N GLU D 230 30.01 33.20 79.81
CA GLU D 230 31.03 32.18 79.92
C GLU D 230 30.42 30.88 80.39
N VAL D 231 31.06 29.78 80.02
CA VAL D 231 30.72 28.44 80.50
C VAL D 231 32.02 27.70 80.76
N GLU D 232 32.15 27.12 81.95
CA GLU D 232 33.34 26.33 82.27
C GLU D 232 32.99 24.86 82.50
N ILE D 239 37.97 22.10 83.54
CA ILE D 239 39.25 22.39 82.94
C ILE D 239 39.07 23.41 81.81
N ASN D 240 37.87 23.43 81.24
CA ASN D 240 37.58 24.29 80.11
C ASN D 240 37.10 25.66 80.57
N LYS D 241 37.37 26.67 79.74
CA LYS D 241 36.86 28.03 79.92
C LYS D 241 36.30 28.46 78.55
N ARG D 242 35.03 28.15 78.31
CA ARG D 242 34.39 28.40 77.03
C ARG D 242 33.60 29.70 77.09
N ILE D 243 33.82 30.57 76.11
CA ILE D 243 33.18 31.87 76.03
C ILE D 243 32.15 31.83 74.91
N VAL D 244 31.00 32.46 75.15
CA VAL D 244 29.87 32.42 74.23
C VAL D 244 29.44 33.84 73.89
N ARG D 245 28.97 34.04 72.66
CA ARG D 245 28.51 35.33 72.17
C ARG D 245 27.09 35.21 71.65
N HIS D 246 26.16 35.91 72.29
CA HIS D 246 24.81 36.09 71.77
C HIS D 246 24.72 37.46 71.10
N LEU D 247 24.40 37.45 69.81
CA LEU D 247 24.42 38.66 69.00
C LEU D 247 23.13 38.76 68.21
N ASN D 248 22.59 39.97 68.13
CA ASN D 248 21.31 40.23 67.48
C ASN D 248 21.55 40.96 66.16
N LEU D 249 20.47 41.38 65.51
CA LEU D 249 20.55 42.13 64.27
C LEU D 249 20.45 43.61 64.61
N ASP D 250 21.39 44.40 64.11
CA ASP D 250 21.47 45.83 64.41
C ASP D 250 20.28 46.56 63.80
N PRO D 251 19.40 47.14 64.61
CA PRO D 251 18.23 47.85 64.07
C PRO D 251 18.49 49.31 63.75
N GLY D 252 19.69 49.82 64.05
CA GLY D 252 19.96 51.24 63.85
C GLY D 252 19.96 51.65 62.40
N ASN D 253 20.31 50.73 61.49
CA ASN D 253 20.32 51.03 60.06
C ASN D 253 18.99 50.71 59.40
N PHE D 254 17.94 50.48 60.18
CA PHE D 254 16.60 50.22 59.67
C PHE D 254 15.62 51.28 60.17
N ASP D 255 14.58 51.51 59.39
CA ASP D 255 13.49 52.41 59.75
C ASP D 255 12.25 51.59 60.06
N ASP D 256 11.25 52.24 60.65
CA ASP D 256 10.11 51.57 61.25
C ASP D 256 8.88 51.49 60.34
N LYS D 257 8.87 52.19 59.21
CA LYS D 257 7.70 52.21 58.35
C LYS D 257 7.64 51.07 57.34
N ASP D 258 8.76 50.76 56.67
CA ASP D 258 8.75 49.75 55.62
C ASP D 258 8.87 48.37 56.27
N PRO D 259 8.38 47.31 55.62
CA PRO D 259 8.52 45.97 56.21
C PRO D 259 9.98 45.56 56.36
N LEU D 260 10.19 44.56 57.23
CA LEU D 260 11.55 44.12 57.55
C LEU D 260 12.15 43.27 56.42
N PHE D 261 11.44 42.22 56.00
CA PHE D 261 11.97 41.29 55.02
C PHE D 261 12.34 42.01 53.74
N SER D 262 11.46 42.91 53.27
CA SER D 262 11.78 43.69 52.08
C SER D 262 12.93 44.66 52.34
N GLN D 263 13.06 45.16 53.57
CA GLN D 263 14.18 46.04 53.89
C GLN D 263 15.48 45.25 54.01
N LEU D 264 15.41 44.00 54.47
CA LEU D 264 16.63 43.22 54.65
C LEU D 264 17.32 42.96 53.32
N LEU D 265 16.54 42.62 52.28
CA LEU D 265 17.14 42.36 50.98
C LEU D 265 17.70 43.64 50.36
N GLN D 266 17.20 44.81 50.75
CA GLN D 266 17.75 46.07 50.27
C GLN D 266 19.05 46.44 50.96
N VAL D 267 19.34 45.87 52.12
CA VAL D 267 20.52 46.21 52.88
C VAL D 267 21.65 45.21 52.66
N VAL D 268 21.32 43.92 52.52
CA VAL D 268 22.37 42.92 52.33
C VAL D 268 23.08 43.14 51.01
N LYS D 269 22.32 43.33 49.93
CA LYS D 269 22.91 43.66 48.64
C LYS D 269 23.68 44.98 48.69
N SER D 270 23.20 45.94 49.48
CA SER D 270 23.91 47.21 49.62
C SER D 270 25.24 47.03 50.34
N LYS D 271 25.27 46.12 51.31
CA LYS D 271 26.53 45.83 51.99
C LYS D 271 27.35 44.81 51.23
N GLN D 272 26.71 43.94 50.43
CA GLN D 272 27.45 42.91 49.71
C GLN D 272 28.37 43.51 48.65
N LYS D 273 27.81 44.30 47.73
CA LYS D 273 28.65 44.92 46.71
C LYS D 273 29.68 45.85 47.34
N GLN D 274 29.35 46.47 48.47
CA GLN D 274 30.31 47.30 49.18
C GLN D 274 31.43 46.46 49.77
N LEU D 275 31.17 45.18 50.05
CA LEU D 275 32.22 44.30 50.52
C LEU D 275 33.12 43.87 49.36
N VAL D 276 32.53 43.61 48.20
CA VAL D 276 33.32 43.21 47.03
C VAL D 276 34.17 44.37 46.52
N GLU D 277 33.63 45.59 46.55
CA GLU D 277 34.45 46.75 46.15
C GLU D 277 35.67 46.89 47.06
N GLN D 278 35.50 46.62 48.35
CA GLN D 278 36.67 46.54 49.21
C GLN D 278 37.51 45.30 48.92
N ALA D 279 36.85 44.22 48.51
CA ALA D 279 37.51 42.95 48.22
C ALA D 279 37.99 42.83 46.78
N LYS D 280 37.61 43.74 45.88
CA LYS D 280 38.07 43.62 44.50
C LYS D 280 39.46 44.22 44.29
N GLU D 281 39.75 45.34 44.96
CA GLU D 281 41.03 46.02 44.84
C GLU D 281 42.03 45.60 45.90
N THR D 282 41.93 44.36 46.39
CA THR D 282 42.82 43.89 47.44
C THR D 282 44.17 43.43 46.90
N GLY D 283 44.20 42.85 45.71
CA GLY D 283 45.36 42.10 45.29
C GLY D 283 45.18 40.65 45.66
N GLN D 284 45.71 40.26 46.83
CA GLN D 284 45.64 38.88 47.29
C GLN D 284 44.20 38.38 47.35
N ILE D 285 44.04 37.06 47.20
CA ILE D 285 42.72 36.44 47.14
C ILE D 285 41.96 36.65 48.45
N GLN D 286 40.63 36.71 48.36
CA GLN D 286 39.78 36.73 49.54
C GLN D 286 38.69 35.67 49.41
N ARG D 287 38.14 35.27 50.56
CA ARG D 287 37.14 34.20 50.60
C ARG D 287 36.16 34.45 51.73
N PHE D 288 34.87 34.48 51.42
CA PHE D 288 33.83 34.50 52.45
C PHE D 288 32.49 34.19 51.80
N GLY D 289 31.47 33.99 52.64
CA GLY D 289 30.12 33.75 52.18
C GLY D 289 29.56 32.39 52.53
N ASP D 290 28.29 32.36 52.94
CA ASP D 290 27.57 31.13 53.25
C ASP D 290 26.22 31.17 52.54
N ASP D 291 25.37 30.18 52.77
CA ASP D 291 24.05 30.18 52.16
C ASP D 291 23.15 31.20 52.86
N PHE D 292 22.60 32.12 52.07
CA PHE D 292 21.72 33.18 52.59
C PHE D 292 20.30 32.82 52.21
N THR D 293 19.55 32.29 53.17
CA THR D 293 18.13 31.97 52.99
C THR D 293 17.36 32.62 54.13
N VAL D 294 16.30 33.34 53.79
CA VAL D 294 15.54 34.13 54.76
C VAL D 294 14.05 33.87 54.53
N GLY D 295 13.30 33.76 55.62
CA GLY D 295 11.87 33.55 55.55
C GLY D 295 11.12 34.64 56.30
N ARG D 296 9.96 35.01 55.77
CA ARG D 296 9.13 36.07 56.33
C ARG D 296 7.78 35.48 56.69
N LEU D 297 7.30 35.79 57.89
CA LEU D 297 6.00 35.32 58.33
C LEU D 297 5.26 36.47 59.01
N VAL D 298 3.97 36.58 58.73
CA VAL D 298 3.12 37.62 59.30
C VAL D 298 2.10 36.96 60.23
N ILE D 299 1.93 37.52 61.42
CA ILE D 299 1.01 36.99 62.41
C ILE D 299 -0.40 37.14 61.86
N PRO D 300 -1.18 36.07 61.75
CA PRO D 300 -2.50 36.17 61.14
C PRO D 300 -3.53 36.75 62.09
N ASP D 301 -4.64 37.20 61.51
CA ASP D 301 -5.75 37.71 62.30
C ASP D 301 -6.62 36.56 62.78
N GLN D 302 -7.57 36.89 63.67
CA GLN D 302 -8.46 35.85 64.18
C GLN D 302 -9.34 35.25 63.08
N LEU D 303 -9.58 36.01 62.01
CA LEU D 303 -10.42 35.51 60.92
C LEU D 303 -9.66 34.56 60.01
N LEU D 304 -8.43 34.93 59.61
CA LEU D 304 -7.69 34.10 58.67
C LEU D 304 -7.39 32.73 59.27
N ILE D 305 -7.14 32.67 60.57
CA ILE D 305 -6.85 31.39 61.24
C ILE D 305 -7.99 30.41 61.02
N ASN D 306 -9.23 30.90 61.14
CA ASN D 306 -10.40 30.05 60.97
C ASN D 306 -10.43 29.42 59.58
N GLN D 307 -10.35 30.24 58.54
CA GLN D 307 -10.33 29.71 57.18
C GLN D 307 -9.07 28.88 56.92
N LEU D 308 -8.02 29.06 57.72
CA LEU D 308 -6.92 28.10 57.71
C LEU D 308 -7.36 26.79 58.34
N ARG D 309 -7.98 26.85 59.53
CA ARG D 309 -8.56 25.64 60.12
C ARG D 309 -9.54 24.98 59.17
N ILE D 310 -10.26 25.79 58.40
CA ILE D 310 -11.14 25.25 57.37
C ILE D 310 -10.34 24.46 56.35
N HIS D 311 -9.23 25.03 55.87
CA HIS D 311 -8.45 24.37 54.84
C HIS D 311 -7.82 23.09 55.33
N ALA D 312 -7.57 22.98 56.65
CA ALA D 312 -7.01 21.75 57.18
C ALA D 312 -7.96 20.57 56.96
N LEU D 313 -9.25 20.79 57.19
CA LEU D 313 -10.24 19.73 56.98
C LEU D 313 -10.43 19.45 55.50
N SER D 314 -10.62 20.50 54.70
CA SER D 314 -10.92 20.31 53.28
C SER D 314 -9.87 19.46 52.58
N ILE D 315 -8.61 19.60 52.98
CA ILE D 315 -7.56 18.74 52.42
C ILE D 315 -7.65 17.34 53.01
N GLY D 316 -7.91 17.24 54.32
CA GLY D 316 -7.94 15.95 54.97
C GLY D 316 -9.14 15.10 54.58
N VAL D 317 -10.25 15.73 54.24
CA VAL D 317 -11.48 14.98 53.96
C VAL D 317 -11.37 14.25 52.61
N SER D 318 -10.61 14.81 51.67
CA SER D 318 -10.61 14.28 50.31
C SER D 318 -9.96 12.90 50.24
N ASP D 319 -8.68 12.82 50.62
CA ASP D 319 -7.80 11.71 50.27
C ASP D 319 -8.19 10.37 50.88
N GLY D 320 -8.93 10.35 51.99
CA GLY D 320 -9.12 9.11 52.71
C GLY D 320 -9.71 7.92 51.96
N LEU D 321 -10.92 8.03 51.46
CA LEU D 321 -11.59 6.89 50.84
C LEU D 321 -11.18 6.67 49.37
N LEU D 322 -10.10 7.31 48.90
CA LEU D 322 -9.78 7.28 47.47
C LEU D 322 -8.79 6.18 47.10
N SER D 323 -8.00 5.67 48.04
CA SER D 323 -7.05 4.59 47.74
C SER D 323 -7.53 3.23 48.24
N TYR D 324 -8.42 3.19 49.24
CA TYR D 324 -8.84 1.94 49.85
C TYR D 324 -9.99 1.26 49.12
N ILE D 325 -10.72 2.00 48.28
CA ILE D 325 -11.98 1.49 47.72
C ILE D 325 -11.74 0.37 46.72
N LYS D 326 -10.72 0.52 45.85
CA LYS D 326 -10.55 -0.38 44.72
C LYS D 326 -10.49 -1.85 45.14
N ASN D 327 -10.24 -2.14 46.40
CA ASN D 327 -10.26 -3.50 46.93
C ASN D 327 -11.69 -4.05 46.92
N LYS D 346 -20.30 -1.37 45.27
CA LYS D 346 -19.81 -0.65 46.45
C LYS D 346 -20.23 0.81 46.38
N ASN D 347 -20.50 1.40 47.55
CA ASN D 347 -20.93 2.80 47.66
C ASN D 347 -19.73 3.73 47.48
N ILE D 348 -19.18 3.72 46.26
CA ILE D 348 -18.05 4.58 45.93
C ILE D 348 -18.50 5.79 45.12
N GLU D 349 -19.63 5.70 44.42
CA GLU D 349 -20.06 6.76 43.51
C GLU D 349 -20.15 8.10 44.23
N LYS D 350 -20.39 8.08 45.54
CA LYS D 350 -20.52 9.31 46.31
C LYS D 350 -19.18 10.03 46.43
N ALA D 351 -18.16 9.32 46.91
CA ALA D 351 -16.89 9.99 47.20
C ALA D 351 -16.26 10.54 45.94
N THR D 352 -16.43 9.85 44.80
CA THR D 352 -15.96 10.40 43.53
C THR D 352 -16.65 11.72 43.23
N LEU D 353 -17.95 11.82 43.52
CA LEU D 353 -18.66 13.08 43.40
C LEU D 353 -18.31 14.05 44.52
N TYR D 354 -17.94 13.54 45.69
CA TYR D 354 -17.50 14.42 46.77
C TYR D 354 -16.08 14.95 46.56
N LYS D 355 -15.17 14.11 46.05
CA LYS D 355 -13.78 14.52 45.93
C LYS D 355 -13.63 15.73 44.99
N ASN D 356 -14.28 15.70 43.83
CA ASN D 356 -14.16 16.82 42.91
C ASN D 356 -14.89 18.05 43.44
N LEU D 357 -16.03 17.84 44.12
CA LEU D 357 -16.79 18.96 44.65
C LEU D 357 -15.98 19.77 45.67
N ILE D 358 -15.30 19.08 46.60
CA ILE D 358 -14.43 19.81 47.50
C ILE D 358 -13.21 20.32 46.76
N ALA D 359 -12.72 19.55 45.78
CA ALA D 359 -11.58 19.95 44.97
C ALA D 359 -11.90 21.09 44.00
N LYS D 360 -13.17 21.45 43.85
CA LYS D 360 -13.55 22.53 42.94
C LYS D 360 -13.68 23.87 43.66
N TYR D 361 -14.20 23.90 44.89
CA TYR D 361 -14.50 25.15 45.58
C TYR D 361 -13.67 25.34 46.85
N GLN D 362 -12.56 24.60 46.99
CA GLN D 362 -11.74 24.74 48.19
C GLN D 362 -11.04 26.09 48.28
N ASN D 363 -10.88 26.80 47.15
CA ASN D 363 -10.22 28.10 47.21
C ASN D 363 -11.08 29.12 47.94
N ASN D 364 -12.41 28.98 47.86
CA ASN D 364 -13.32 29.77 48.67
C ASN D 364 -13.58 29.00 49.96
N HIS D 365 -13.33 29.66 51.09
CA HIS D 365 -13.28 28.96 52.37
C HIS D 365 -14.65 28.67 52.95
N PHE D 366 -15.71 29.31 52.46
CA PHE D 366 -17.02 29.13 53.06
C PHE D 366 -17.74 27.90 52.52
N ILE D 367 -17.87 27.78 51.21
CA ILE D 367 -18.56 26.62 50.64
C ILE D 367 -17.86 25.32 51.02
N SER D 368 -16.52 25.31 50.92
CA SER D 368 -15.76 24.13 51.33
C SER D 368 -16.16 23.66 52.72
N LEU D 369 -16.62 24.57 53.57
CA LEU D 369 -17.11 24.19 54.90
C LEU D 369 -18.49 23.56 54.82
N ILE D 370 -19.44 24.18 54.10
CA ILE D 370 -20.82 23.73 54.17
C ILE D 370 -20.98 22.36 53.52
N ILE D 371 -20.20 22.06 52.47
CA ILE D 371 -20.23 20.70 51.91
C ILE D 371 -19.90 19.69 52.99
N LEU D 372 -18.92 20.00 53.84
CA LEU D 372 -18.62 19.15 54.98
C LEU D 372 -19.77 19.17 55.99
N SER D 373 -20.34 20.35 56.24
CA SER D 373 -21.48 20.43 57.15
C SER D 373 -22.66 19.64 56.61
N ALA D 374 -22.78 19.58 55.29
CA ALA D 374 -23.79 18.76 54.65
C ALA D 374 -23.40 17.29 54.63
N LEU D 375 -22.11 17.00 54.48
CA LEU D 375 -21.65 15.62 54.34
C LEU D 375 -22.01 14.79 55.57
N VAL D 376 -21.95 15.39 56.76
CA VAL D 376 -22.24 14.64 57.98
C VAL D 376 -23.74 14.37 58.10
N SER D 377 -24.59 15.28 57.61
CA SER D 377 -26.02 15.13 57.75
C SER D 377 -26.60 14.04 56.85
N ASP D 378 -25.85 13.62 55.82
CA ASP D 378 -26.35 12.61 54.89
C ASP D 378 -26.43 11.28 55.62
N SER D 379 -27.64 10.86 56.01
CA SER D 379 -27.83 9.58 56.66
C SER D 379 -27.65 8.41 55.71
N LYS D 380 -27.60 8.65 54.40
CA LYS D 380 -27.36 7.60 53.43
C LYS D 380 -25.88 7.33 53.22
N THR D 381 -25.00 8.12 53.83
CA THR D 381 -23.57 7.85 53.79
C THR D 381 -23.03 7.69 55.22
N PRO D 382 -23.52 6.69 55.96
CA PRO D 382 -23.02 6.52 57.33
C PRO D 382 -21.61 5.94 57.33
N LEU D 383 -21.36 4.95 56.48
CA LEU D 383 -20.04 4.33 56.40
C LEU D 383 -19.00 5.32 55.88
N MET D 384 -19.37 6.11 54.87
CA MET D 384 -18.45 7.10 54.32
C MET D 384 -18.10 8.18 55.34
N THR D 385 -19.05 8.52 56.22
CA THR D 385 -18.75 9.46 57.31
C THR D 385 -17.90 8.81 58.38
N GLN D 386 -18.29 7.59 58.82
CA GLN D 386 -17.57 6.92 59.89
C GLN D 386 -16.14 6.56 59.48
N TYR D 387 -15.89 6.41 58.18
CA TYR D 387 -14.55 6.06 57.72
C TYR D 387 -13.58 7.23 57.89
N LEU D 388 -14.06 8.46 57.74
CA LEU D 388 -13.18 9.63 57.78
C LEU D 388 -12.59 9.84 59.17
N VAL D 389 -13.38 9.60 60.21
CA VAL D 389 -12.94 9.89 61.58
C VAL D 389 -11.70 9.09 61.97
N GLY D 390 -11.57 7.86 61.47
CA GLY D 390 -10.37 7.09 61.76
C GLY D 390 -9.13 7.69 61.13
N TYR D 391 -9.25 8.16 59.89
CA TYR D 391 -8.15 8.90 59.26
C TYR D 391 -7.90 10.23 59.95
N LEU D 392 -8.94 10.85 60.49
CA LEU D 392 -8.84 12.17 61.09
C LEU D 392 -8.67 12.14 62.60
N ASP D 393 -8.58 10.94 63.20
CA ASP D 393 -8.44 10.79 64.65
C ASP D 393 -9.52 11.57 65.39
N PHE D 394 -10.75 11.50 64.89
CA PHE D 394 -11.79 12.18 65.64
C PHE D 394 -12.63 11.15 66.39
N PRO D 395 -12.87 11.37 67.68
CA PRO D 395 -13.52 10.31 68.47
C PRO D 395 -14.98 10.11 68.16
N SER D 396 -15.75 11.18 68.00
CA SER D 396 -17.20 11.10 67.86
C SER D 396 -17.65 11.84 66.60
N LYS D 397 -18.65 11.26 65.94
CA LYS D 397 -19.25 11.90 64.77
C LYS D 397 -19.75 13.31 65.11
N ALA D 398 -20.34 13.47 66.30
CA ALA D 398 -20.91 14.76 66.67
C ALA D 398 -19.84 15.84 66.85
N LEU D 399 -18.70 15.47 67.44
CA LEU D 399 -17.61 16.44 67.61
C LEU D 399 -17.15 17.00 66.27
N LEU D 400 -17.20 16.21 65.20
CA LEU D 400 -16.90 16.74 63.88
C LEU D 400 -17.91 17.79 63.47
N ALA D 401 -19.20 17.53 63.72
CA ALA D 401 -20.24 18.49 63.36
C ALA D 401 -20.09 19.79 64.15
N ASN D 402 -19.59 19.72 65.38
CA ASN D 402 -19.36 20.94 66.16
C ASN D 402 -18.22 21.76 65.59
N LYS D 403 -17.08 21.12 65.31
CA LYS D 403 -15.95 21.86 64.75
C LYS D 403 -16.32 22.50 63.42
N ILE D 404 -17.16 21.84 62.63
CA ILE D 404 -17.68 22.46 61.42
C ILE D 404 -18.50 23.69 61.78
N THR D 405 -19.45 23.53 62.70
CA THR D 405 -20.33 24.63 63.09
C THR D 405 -19.56 25.74 63.77
N GLU D 406 -18.59 25.39 64.63
CA GLU D 406 -17.82 26.40 65.34
C GLU D 406 -17.06 27.30 64.36
N LEU D 407 -16.40 26.70 63.38
CA LEU D 407 -15.69 27.47 62.37
C LEU D 407 -16.65 28.17 61.42
N LEU D 408 -17.87 27.64 61.26
CA LEU D 408 -18.82 28.25 60.33
C LEU D 408 -19.30 29.61 60.84
N LEU D 409 -19.65 29.69 62.13
CA LEU D 409 -20.20 30.93 62.65
C LEU D 409 -19.19 32.06 62.59
N LYS D 410 -17.90 31.75 62.80
CA LYS D 410 -16.88 32.78 62.65
C LYS D 410 -16.74 33.23 61.21
N GLU D 411 -16.99 32.33 60.25
CA GLU D 411 -17.01 32.73 58.85
C GLU D 411 -18.25 33.55 58.49
N LEU D 412 -19.35 33.39 59.23
CA LEU D 412 -20.49 34.26 59.02
C LEU D 412 -20.25 35.66 59.59
N GLU D 413 -19.43 35.76 60.64
CA GLU D 413 -19.06 37.07 61.15
C GLU D 413 -18.06 37.79 60.24
N ASN D 414 -17.53 37.10 59.23
CA ASN D 414 -16.66 37.74 58.25
C ASN D 414 -17.48 38.77 57.49
N PRO D 415 -17.02 40.03 57.43
CA PRO D 415 -17.80 41.07 56.74
C PRO D 415 -18.12 40.76 55.27
N ASP D 416 -17.46 39.77 54.66
CA ASP D 416 -17.76 39.44 53.27
C ASP D 416 -19.11 38.73 53.14
N MET D 417 -19.48 37.92 54.14
CA MET D 417 -20.74 37.20 54.05
C MET D 417 -21.93 38.09 54.38
N ARG D 418 -21.72 39.10 55.23
CA ARG D 418 -22.76 40.10 55.46
C ARG D 418 -23.17 40.75 54.15
N GLU D 419 -22.23 40.86 53.21
CA GLU D 419 -22.57 41.34 51.87
C GLU D 419 -23.46 40.34 51.13
N ILE D 420 -23.23 39.05 51.35
CA ILE D 420 -24.01 38.05 50.65
C ILE D 420 -25.25 37.65 51.46
N LEU D 421 -25.16 37.72 52.79
CA LEU D 421 -26.28 37.44 53.69
C LEU D 421 -26.62 38.71 54.46
N GLY D 422 -27.71 39.35 54.09
CA GLY D 422 -28.11 40.52 54.84
C GLY D 422 -29.46 40.39 55.49
N SER D 423 -29.47 40.31 56.82
CA SER D 423 -30.70 40.10 57.59
C SER D 423 -31.51 38.94 57.03
N ARG D 424 -30.83 37.85 56.69
CA ARG D 424 -31.45 36.78 55.91
C ARG D 424 -31.47 35.45 56.66
N LEU D 425 -31.44 35.51 57.99
CA LEU D 425 -31.51 34.36 58.88
C LEU D 425 -30.60 33.22 58.42
N ALA D 426 -29.29 33.47 58.54
CA ALA D 426 -28.31 32.57 57.94
C ALA D 426 -28.46 31.14 58.47
N THR D 427 -28.95 31.00 59.71
CA THR D 427 -29.10 29.66 60.30
C THR D 427 -30.03 28.78 59.47
N ASP D 428 -31.11 29.36 58.93
CA ASP D 428 -32.11 28.58 58.22
C ASP D 428 -31.63 28.13 56.84
N VAL D 429 -30.93 28.99 56.11
CA VAL D 429 -30.56 28.67 54.73
C VAL D 429 -29.70 27.41 54.68
N ILE D 430 -28.82 27.23 55.68
CA ILE D 430 -27.94 26.06 55.71
C ILE D 430 -28.76 24.77 55.69
N GLU D 431 -29.81 24.69 56.50
CA GLU D 431 -30.66 23.50 56.51
C GLU D 431 -31.22 23.24 55.11
N GLU D 432 -31.72 24.28 54.45
CA GLU D 432 -32.10 24.16 53.05
C GLU D 432 -30.89 23.83 52.20
N LEU D 433 -29.77 24.54 52.42
CA LEU D 433 -28.60 24.39 51.57
C LEU D 433 -28.06 22.96 51.62
N GLU D 434 -27.93 22.38 52.82
CA GLU D 434 -27.47 21.00 52.88
C GLU D 434 -28.48 20.07 52.22
N THR D 435 -29.78 20.28 52.48
CA THR D 435 -30.79 19.41 51.86
C THR D 435 -30.77 19.54 50.35
N LYS D 436 -30.45 20.72 49.82
CA LYS D 436 -30.39 20.88 48.38
C LYS D 436 -29.32 19.98 47.79
N ILE D 437 -28.11 20.03 48.36
CA ILE D 437 -27.06 19.14 47.91
C ILE D 437 -27.31 17.72 48.39
N ILE D 438 -27.88 17.56 49.59
CA ILE D 438 -28.23 16.20 50.04
C ILE D 438 -29.30 15.62 49.13
N ARG D 439 -30.25 16.43 48.68
CA ARG D 439 -31.17 15.96 47.65
C ARG D 439 -30.53 15.94 46.28
N TYR D 440 -29.34 16.52 46.15
CA TYR D 440 -28.63 16.48 44.86
C TYR D 440 -27.93 15.15 44.66
N ILE D 441 -27.42 14.55 45.73
CA ILE D 441 -26.69 13.29 45.63
C ILE D 441 -27.23 12.24 46.61
N HIS D 442 -28.49 12.39 47.05
CA HIS D 442 -29.02 11.39 47.98
C HIS D 442 -29.06 10.04 47.28
N ASN D 443 -30.04 9.85 46.40
CA ASN D 443 -29.95 8.97 45.23
C ASN D 443 -29.44 9.70 43.99
N PRO D 444 -30.04 10.87 43.62
CA PRO D 444 -29.88 11.36 42.24
C PRO D 444 -28.60 12.14 41.98
N ALA D 445 -28.56 12.73 40.78
CA ALA D 445 -27.61 13.73 40.32
C ALA D 445 -28.08 14.16 38.94
N GLY D 446 -27.84 15.43 38.59
CA GLY D 446 -28.26 15.90 37.29
C GLY D 446 -28.88 17.29 37.25
N SER D 447 -28.90 18.00 38.37
CA SER D 447 -29.25 19.40 38.37
C SER D 447 -28.02 20.21 37.94
N ASP D 448 -28.08 21.54 38.08
CA ASP D 448 -26.91 22.39 37.87
C ASP D 448 -26.79 23.25 39.13
N ILE D 449 -26.14 22.70 40.16
CA ILE D 449 -25.98 23.42 41.41
C ILE D 449 -24.81 24.39 41.38
N HIS D 450 -23.84 24.16 40.49
CA HIS D 450 -22.61 24.96 40.51
C HIS D 450 -22.90 26.44 40.30
N SER D 451 -23.71 26.75 39.29
CA SER D 451 -24.18 28.12 39.11
C SER D 451 -25.07 28.55 40.28
N THR D 452 -25.94 27.64 40.74
CA THR D 452 -26.73 27.88 41.93
C THR D 452 -25.83 28.08 43.16
N LEU D 453 -24.70 27.38 43.20
CA LEU D 453 -23.72 27.53 44.27
C LEU D 453 -22.88 28.79 44.11
N ASN D 454 -22.62 29.21 42.87
CA ASN D 454 -21.77 30.37 42.60
C ASN D 454 -22.36 31.69 43.06
N LEU D 455 -23.60 31.73 43.54
CA LEU D 455 -24.11 32.98 44.11
C LEU D 455 -23.32 33.38 45.34
N TRP D 456 -22.72 32.42 46.04
CA TRP D 456 -22.08 32.66 47.32
C TRP D 456 -20.57 32.87 47.20
N THR D 457 -19.98 32.66 46.02
CA THR D 457 -18.56 32.92 45.82
C THR D 457 -18.29 34.32 45.29
N ALA D 458 -19.27 35.23 45.41
CA ALA D 458 -19.10 36.62 44.98
C ALA D 458 -17.79 37.19 45.50
N ASP D 459 -16.84 37.48 44.61
CA ASP D 459 -15.58 38.13 44.97
C ASP D 459 -15.64 39.64 44.76
N LYS D 460 -16.67 40.28 45.31
CA LYS D 460 -16.84 41.72 45.24
C LYS D 460 -16.57 42.30 46.62
N ILE D 461 -15.61 43.20 46.71
CA ILE D 461 -15.06 43.68 47.98
C ILE D 461 -15.36 45.17 48.10
N LYS D 462 -16.03 45.55 49.19
CA LYS D 462 -16.31 46.96 49.47
C LYS D 462 -15.12 47.60 50.18
N SER E 3 20.76 6.83 -36.41
CA SER E 3 19.44 7.06 -36.99
C SER E 3 18.41 6.07 -36.43
N ILE E 4 18.68 5.55 -35.23
CA ILE E 4 17.86 4.47 -34.68
C ILE E 4 17.41 4.70 -33.23
N ILE E 5 18.20 5.34 -32.35
CA ILE E 5 17.89 5.34 -30.92
C ILE E 5 16.90 6.45 -30.56
N THR E 6 16.25 6.30 -29.41
CA THR E 6 15.41 7.34 -28.84
C THR E 6 15.95 7.95 -27.56
N GLN E 7 16.10 7.17 -26.48
CA GLN E 7 16.65 7.68 -25.22
C GLN E 7 17.66 6.71 -24.60
N ILE E 8 18.77 7.25 -24.11
CA ILE E 8 19.83 6.46 -23.48
C ILE E 8 20.38 7.21 -22.27
N CYS E 9 20.87 6.45 -21.29
CA CYS E 9 21.61 7.01 -20.13
C CYS E 9 23.04 6.51 -20.22
N ASN E 10 23.95 7.38 -20.64
CA ASN E 10 25.34 6.99 -20.90
C ASN E 10 26.21 7.31 -19.69
N GLY E 11 26.39 6.34 -18.80
CA GLY E 11 27.39 6.46 -17.76
C GLY E 11 27.13 7.36 -16.57
N VAL E 12 26.51 8.51 -16.80
CA VAL E 12 26.48 9.60 -15.84
C VAL E 12 25.07 9.78 -15.30
N LEU E 13 25.00 10.32 -14.08
CA LEU E 13 23.74 10.67 -13.43
C LEU E 13 23.96 11.94 -12.63
N HIS E 14 22.85 12.64 -12.37
CA HIS E 14 22.86 13.88 -11.62
C HIS E 14 22.94 13.54 -10.13
N GLY E 15 22.67 14.52 -9.27
CA GLY E 15 22.75 14.23 -7.85
C GLY E 15 21.81 13.11 -7.46
N GLN E 16 22.40 11.95 -7.18
CA GLN E 16 21.74 10.78 -6.62
C GLN E 16 20.76 10.11 -7.59
N SER E 17 20.55 10.68 -8.78
CA SER E 17 19.55 10.13 -9.69
C SER E 17 19.70 10.76 -11.07
N TYR E 18 19.00 10.15 -12.03
CA TYR E 18 18.88 10.66 -13.40
C TYR E 18 17.55 10.16 -13.94
N GLN E 19 16.65 11.08 -14.27
CA GLN E 19 15.35 10.77 -14.83
C GLN E 19 15.34 10.98 -16.34
N SER E 20 14.67 10.09 -17.06
CA SER E 20 14.78 9.98 -18.52
C SER E 20 14.33 11.22 -19.27
N GLY E 21 13.01 11.42 -19.36
CA GLY E 21 12.46 12.52 -20.14
C GLY E 21 11.32 12.22 -21.08
N SER E 22 11.03 10.94 -21.34
CA SER E 22 9.91 10.52 -22.21
C SER E 22 9.99 11.14 -23.61
N ASN E 23 11.00 10.73 -24.37
CA ASN E 23 11.13 11.14 -25.78
C ASN E 23 9.81 11.02 -26.55
N ASP E 24 9.34 12.16 -27.08
CA ASP E 24 8.07 12.22 -27.83
C ASP E 24 7.93 11.14 -28.89
N LEU E 25 9.00 10.85 -29.63
CA LEU E 25 8.90 9.91 -30.75
C LEU E 25 8.32 8.56 -30.32
N ASP E 26 8.52 8.18 -29.07
CA ASP E 26 7.96 6.95 -28.55
C ASP E 26 6.61 7.15 -27.88
N LYS E 27 6.11 8.39 -27.83
CA LYS E 27 4.80 8.70 -27.25
C LYS E 27 4.71 8.17 -25.82
N GLY E 28 5.74 8.49 -25.03
CA GLY E 28 5.75 8.12 -23.63
C GLY E 28 6.07 6.68 -23.36
N ASN E 29 6.68 5.97 -24.31
CA ASN E 29 7.07 4.58 -24.12
C ASN E 29 8.56 4.36 -23.97
N SER E 30 9.38 5.40 -24.13
CA SER E 30 10.83 5.30 -23.96
C SER E 30 11.17 6.11 -22.72
N GLU E 31 11.29 5.41 -21.59
CA GLU E 31 11.68 6.03 -20.33
C GLU E 31 12.65 5.10 -19.62
N ILE E 32 13.61 5.69 -18.92
CA ILE E 32 14.59 4.97 -18.11
C ILE E 32 14.79 5.73 -16.81
N PHE E 33 15.54 5.11 -15.89
CA PHE E 33 15.78 5.72 -14.59
C PHE E 33 17.06 5.13 -14.02
N ALA E 34 17.77 5.94 -13.25
CA ALA E 34 19.06 5.56 -12.69
C ALA E 34 19.21 6.16 -11.30
N SER E 35 19.78 5.37 -10.39
CA SER E 35 20.08 5.81 -9.03
C SER E 35 21.22 4.94 -8.51
N SER E 36 21.78 5.35 -7.37
CA SER E 36 22.90 4.65 -6.78
C SER E 36 22.42 3.76 -5.63
N LEU E 37 23.08 2.62 -5.47
CA LEU E 37 22.68 1.61 -4.50
C LEU E 37 23.86 1.18 -3.63
N LYS E 52 29.71 10.58 -7.11
CA LYS E 52 29.49 9.19 -7.49
C LYS E 52 29.19 9.07 -8.99
N ASP E 53 29.61 7.96 -9.60
CA ASP E 53 29.35 7.72 -11.00
C ASP E 53 28.94 6.27 -11.20
N SER E 54 28.13 6.05 -12.23
CA SER E 54 27.66 4.72 -12.61
C SER E 54 28.49 4.19 -13.77
N ASP E 55 28.63 2.87 -13.82
CA ASP E 55 29.33 2.21 -14.92
C ASP E 55 28.38 1.54 -15.90
N ASP E 56 27.10 1.42 -15.56
CA ASP E 56 26.16 0.74 -16.42
C ASP E 56 25.72 1.67 -17.55
N LYS E 57 25.04 1.09 -18.54
CA LYS E 57 24.54 1.85 -19.67
C LYS E 57 23.30 1.16 -20.22
N ILE E 58 22.25 1.93 -20.47
CA ILE E 58 20.99 1.41 -20.99
C ILE E 58 20.71 2.11 -22.31
N VAL E 59 20.32 1.33 -23.32
CA VAL E 59 20.01 1.85 -24.64
C VAL E 59 18.70 1.22 -25.09
N ILE E 60 17.72 2.06 -25.43
CA ILE E 60 16.42 1.64 -25.93
C ILE E 60 16.12 2.42 -27.20
N GLY E 61 15.70 1.73 -28.25
CA GLY E 61 15.43 2.40 -29.48
C GLY E 61 14.55 1.59 -30.42
N TYR E 62 14.44 2.08 -31.66
CA TYR E 62 13.54 1.52 -32.66
C TYR E 62 14.25 1.50 -34.00
N THR E 63 14.11 0.41 -34.73
CA THR E 63 14.85 0.25 -35.98
C THR E 63 14.33 1.21 -37.04
N LYS E 64 15.07 1.27 -38.16
CA LYS E 64 14.56 2.01 -39.31
C LYS E 64 13.31 1.35 -39.86
N ASP E 65 13.18 0.03 -39.69
CA ASP E 65 11.96 -0.70 -40.00
C ASP E 65 10.90 -0.56 -38.92
N GLY E 66 11.19 0.20 -37.85
CA GLY E 66 10.19 0.49 -36.84
C GLY E 66 10.01 -0.56 -35.78
N MET E 67 10.97 -1.45 -35.61
CA MET E 67 10.88 -2.50 -34.60
C MET E 67 11.52 -2.05 -33.29
N ALA E 68 10.94 -2.50 -32.18
CA ALA E 68 11.39 -2.06 -30.88
C ALA E 68 12.58 -2.88 -30.41
N PHE E 69 13.44 -2.25 -29.60
CA PHE E 69 14.54 -2.95 -28.99
C PHE E 69 15.04 -2.15 -27.80
N GLN E 70 15.79 -2.83 -26.93
CA GLN E 70 16.43 -2.20 -25.78
C GLN E 70 17.67 -3.00 -25.44
N ILE E 71 18.77 -2.29 -25.18
CA ILE E 71 20.03 -2.92 -24.78
C ILE E 71 20.34 -2.46 -23.37
N VAL E 72 20.81 -3.39 -22.54
CA VAL E 72 21.13 -3.12 -21.15
C VAL E 72 22.56 -3.58 -20.92
N VAL E 73 23.40 -2.67 -20.42
CA VAL E 73 24.81 -2.94 -20.22
C VAL E 73 25.17 -2.58 -18.79
N ASP E 74 25.98 -3.43 -18.15
CA ASP E 74 26.56 -3.16 -16.84
C ASP E 74 28.05 -3.45 -16.95
N GLY E 75 28.88 -2.43 -16.71
CA GLY E 75 30.30 -2.58 -16.84
C GLY E 75 30.94 -3.16 -15.59
N PHE E 76 32.26 -3.27 -15.64
CA PHE E 76 33.04 -3.83 -14.53
C PHE E 76 33.93 -2.81 -13.84
N TYR E 77 34.76 -2.09 -14.60
CA TYR E 77 35.77 -1.22 -14.01
C TYR E 77 35.30 0.21 -14.11
N GLY E 78 35.16 0.89 -12.97
CA GLY E 78 34.84 2.30 -12.98
C GLY E 78 35.94 3.21 -13.49
N CYS E 79 37.14 2.66 -13.70
CA CYS E 79 38.25 3.45 -14.19
C CYS E 79 38.19 3.67 -15.69
N GLU E 80 37.92 2.60 -16.45
CA GLU E 80 37.91 2.73 -17.91
C GLU E 80 36.63 3.37 -18.41
N ARG E 81 35.50 2.68 -18.24
CA ARG E 81 34.17 3.29 -18.30
C ARG E 81 33.85 3.90 -19.66
N GLN E 82 34.78 3.87 -20.60
CA GLN E 82 34.49 4.54 -21.87
C GLN E 82 34.69 3.63 -23.07
N ALA E 83 35.71 2.78 -23.07
CA ALA E 83 35.80 1.78 -24.13
C ALA E 83 34.59 0.86 -24.11
N VAL E 84 33.95 0.70 -22.95
CA VAL E 84 32.66 0.04 -22.90
C VAL E 84 31.63 0.84 -23.70
N PHE E 85 31.60 2.16 -23.48
CA PHE E 85 30.62 3.03 -24.14
C PHE E 85 30.98 3.28 -25.60
N SER E 86 32.24 3.63 -25.88
CA SER E 86 32.65 3.83 -27.26
C SER E 86 32.49 2.55 -28.07
N PHE E 87 32.43 1.40 -27.41
CA PHE E 87 32.11 0.15 -28.09
C PHE E 87 30.63 0.09 -28.45
N ILE E 88 29.77 0.60 -27.58
CA ILE E 88 28.32 0.49 -27.80
C ILE E 88 27.89 1.36 -28.98
N ASP E 89 28.32 2.62 -28.99
CA ASP E 89 27.86 3.55 -30.02
C ASP E 89 28.46 3.23 -31.39
N ASN E 90 29.65 2.63 -31.42
CA ASN E 90 30.37 2.43 -32.68
C ASN E 90 30.25 1.03 -33.25
N TYR E 91 30.11 -0.02 -32.42
CA TYR E 91 30.23 -1.35 -32.98
C TYR E 91 29.02 -2.26 -32.75
N VAL E 92 28.42 -2.25 -31.55
CA VAL E 92 27.29 -3.17 -31.34
C VAL E 92 26.01 -2.60 -31.92
N LEU E 93 25.81 -1.29 -31.82
CA LEU E 93 24.54 -0.70 -32.22
C LEU E 93 24.19 -0.93 -33.69
N PRO E 94 25.10 -0.77 -34.67
CA PRO E 94 24.72 -1.04 -36.07
C PRO E 94 24.31 -2.49 -36.33
N LEU E 95 24.47 -3.39 -35.37
CA LEU E 95 24.07 -4.78 -35.54
C LEU E 95 22.58 -5.00 -35.26
N ILE E 96 21.90 -4.06 -34.63
CA ILE E 96 20.50 -4.26 -34.26
C ILE E 96 19.61 -4.29 -35.51
N ASP E 97 19.83 -3.38 -36.45
CA ASP E 97 19.01 -3.34 -37.66
C ASP E 97 19.15 -4.63 -38.46
N ASN E 98 20.37 -5.09 -38.68
CA ASN E 98 20.59 -6.36 -39.36
C ASN E 98 20.08 -7.55 -38.56
N PHE E 99 19.87 -7.38 -37.25
CA PHE E 99 19.43 -8.51 -36.43
C PHE E 99 17.97 -8.83 -36.70
N SER E 100 17.09 -7.82 -36.61
CA SER E 100 15.67 -8.06 -36.80
C SER E 100 15.38 -8.56 -38.21
N LEU E 101 16.16 -8.10 -39.21
CA LEU E 101 15.98 -8.59 -40.56
C LEU E 101 16.39 -10.07 -40.67
N ASP E 102 17.60 -10.39 -40.20
CA ASP E 102 18.05 -11.78 -40.24
C ASP E 102 17.15 -12.67 -39.39
N LEU E 103 16.56 -12.12 -38.33
CA LEU E 103 15.53 -12.85 -37.59
C LEU E 103 14.27 -13.01 -38.42
N THR E 104 13.91 -11.98 -39.19
CA THR E 104 12.73 -12.07 -40.05
C THR E 104 13.02 -12.95 -41.26
N ARG E 105 14.19 -12.80 -41.87
CA ARG E 105 14.52 -13.60 -43.04
C ARG E 105 14.76 -15.05 -42.67
N TYR E 106 15.63 -15.29 -41.69
CA TYR E 106 15.91 -16.68 -41.37
C TYR E 106 14.99 -17.16 -40.26
N PRO E 107 14.39 -18.34 -40.39
CA PRO E 107 13.39 -18.78 -39.42
C PRO E 107 14.03 -19.27 -38.13
N ASP E 108 15.21 -19.85 -38.25
CA ASP E 108 15.91 -20.47 -37.12
C ASP E 108 16.36 -19.36 -36.19
N SER E 109 15.63 -19.19 -35.08
CA SER E 109 16.02 -18.21 -34.07
C SER E 109 17.35 -18.59 -33.43
N LYS E 110 17.62 -19.88 -33.30
CA LYS E 110 18.84 -20.35 -32.65
C LYS E 110 20.08 -20.00 -33.46
N LYS E 111 19.98 -20.05 -34.79
CA LYS E 111 21.16 -19.89 -35.63
C LYS E 111 21.77 -18.50 -35.53
N VAL E 112 20.97 -17.46 -35.79
CA VAL E 112 21.51 -16.10 -35.89
C VAL E 112 21.99 -15.61 -34.53
N THR E 113 21.29 -15.98 -33.45
CA THR E 113 21.70 -15.55 -32.13
C THR E 113 23.11 -16.03 -31.81
N GLU E 114 23.41 -17.29 -32.12
CA GLU E 114 24.76 -17.80 -31.91
C GLU E 114 25.77 -17.06 -32.77
N SER E 115 25.45 -16.87 -34.06
CA SER E 115 26.35 -16.15 -34.96
C SER E 115 26.54 -14.71 -34.50
N LEU E 116 25.47 -14.07 -34.00
CA LEU E 116 25.58 -12.70 -33.52
C LEU E 116 26.55 -12.60 -32.35
N ILE E 117 26.41 -13.49 -31.36
CA ILE E 117 27.28 -13.47 -30.20
C ILE E 117 28.73 -13.71 -30.61
N HIS E 118 28.97 -14.64 -31.54
CA HIS E 118 30.32 -14.86 -32.05
C HIS E 118 30.87 -13.58 -32.64
N THR E 119 30.07 -12.89 -33.46
CA THR E 119 30.51 -11.64 -34.05
C THR E 119 30.73 -10.57 -32.99
N ILE E 120 29.99 -10.62 -31.88
CA ILE E 120 30.22 -9.66 -30.80
C ILE E 120 31.61 -9.87 -30.19
N TYR E 121 31.96 -11.12 -29.89
CA TYR E 121 33.28 -11.40 -29.34
C TYR E 121 34.38 -11.14 -30.37
N SER E 122 34.15 -11.56 -31.62
CA SER E 122 35.14 -11.31 -32.66
C SER E 122 35.36 -9.82 -32.88
N LEU E 123 34.30 -9.02 -32.74
CA LEU E 123 34.45 -7.57 -32.89
C LEU E 123 35.16 -6.96 -31.69
N ARG E 124 34.87 -7.44 -30.48
CA ARG E 124 35.50 -6.89 -29.29
C ARG E 124 37.00 -7.20 -29.26
N SER E 125 37.47 -8.14 -30.07
CA SER E 125 38.88 -8.51 -30.06
C SER E 125 39.73 -7.45 -30.75
N LYS E 126 39.43 -7.17 -32.01
CA LYS E 126 40.23 -6.26 -32.83
C LYS E 126 39.83 -4.80 -32.66
N HIS E 127 38.89 -4.50 -31.78
CA HIS E 127 38.52 -3.09 -31.67
C HIS E 127 38.59 -2.54 -30.26
N ALA E 128 38.26 -3.35 -29.25
CA ALA E 128 38.34 -2.89 -27.86
C ALA E 128 38.47 -4.06 -26.90
N PRO E 129 39.62 -4.74 -26.88
CA PRO E 129 39.77 -5.90 -25.99
C PRO E 129 39.82 -5.53 -24.52
N LEU E 130 39.97 -4.24 -24.22
CA LEU E 130 40.04 -3.77 -22.83
C LEU E 130 38.68 -3.86 -22.14
N ALA E 131 37.62 -4.03 -22.89
CA ALA E 131 36.26 -4.02 -22.36
C ALA E 131 35.90 -5.37 -21.73
N GLU E 132 35.47 -5.32 -20.47
CA GLU E 132 34.90 -6.47 -19.78
C GLU E 132 33.60 -6.00 -19.16
N PHE E 133 32.48 -6.61 -19.58
CA PHE E 133 31.18 -6.11 -19.17
C PHE E 133 30.15 -7.24 -19.23
N THR E 134 28.97 -6.94 -18.72
CA THR E 134 27.80 -7.82 -18.81
C THR E 134 26.75 -7.09 -19.64
N MET E 135 26.25 -7.74 -20.69
CA MET E 135 25.32 -7.10 -21.61
C MET E 135 24.03 -7.90 -21.71
N SER E 136 22.93 -7.20 -21.97
CA SER E 136 21.65 -7.83 -22.25
C SER E 136 20.87 -6.95 -23.21
N LEU E 137 20.14 -7.58 -24.12
CA LEU E 137 19.38 -6.85 -25.12
C LEU E 137 18.25 -7.74 -25.64
N CYS E 138 17.18 -7.09 -26.10
CA CYS E 138 16.08 -7.76 -26.79
C CYS E 138 15.68 -6.90 -27.98
N VAL E 139 15.23 -7.55 -29.04
CA VAL E 139 14.85 -6.86 -30.28
C VAL E 139 13.57 -7.48 -30.80
N THR E 140 12.69 -6.64 -31.35
CA THR E 140 11.43 -7.10 -31.93
C THR E 140 11.59 -7.32 -33.43
N TYR E 141 10.78 -8.22 -33.98
CA TYR E 141 10.76 -8.49 -35.40
C TYR E 141 9.36 -8.94 -35.81
N GLN E 142 9.04 -8.72 -37.08
CA GLN E 142 7.69 -8.94 -37.61
C GLN E 142 7.74 -10.00 -38.70
N LYS E 143 7.37 -11.24 -38.35
CA LYS E 143 7.22 -12.29 -39.34
C LYS E 143 5.79 -12.43 -39.83
N ASP E 144 4.82 -12.39 -38.91
CA ASP E 144 3.40 -12.44 -39.24
C ASP E 144 2.73 -11.13 -38.80
N GLU E 145 1.40 -11.10 -38.88
CA GLU E 145 0.63 -9.96 -38.39
C GLU E 145 0.94 -9.68 -36.93
N GLN E 146 1.22 -10.71 -36.14
CA GLN E 146 1.53 -10.55 -34.73
C GLN E 146 3.02 -10.28 -34.56
N LEU E 147 3.37 -9.72 -33.41
CA LEU E 147 4.72 -9.30 -33.11
C LEU E 147 5.46 -10.35 -32.30
N PHE E 148 6.75 -10.48 -32.57
CA PHE E 148 7.64 -11.39 -31.85
C PHE E 148 8.78 -10.57 -31.26
N CYS E 149 9.25 -10.99 -30.09
CA CYS E 149 10.40 -10.37 -29.46
C CYS E 149 11.41 -11.44 -29.11
N ALA E 150 12.67 -11.15 -29.37
CA ALA E 150 13.72 -12.12 -29.15
C ALA E 150 15.00 -11.40 -28.77
N GLY E 151 15.67 -11.91 -27.76
CA GLY E 151 16.94 -11.36 -27.33
C GLY E 151 17.59 -12.31 -26.35
N PHE E 152 18.65 -11.83 -25.72
CA PHE E 152 19.34 -12.63 -24.72
C PHE E 152 19.88 -11.68 -23.66
N GLY E 153 20.91 -12.13 -22.95
CA GLY E 153 21.58 -11.30 -21.97
C GLY E 153 22.53 -12.12 -21.13
N ILE E 154 23.77 -11.68 -21.04
CA ILE E 154 24.82 -12.43 -20.37
C ILE E 154 25.32 -11.57 -19.22
N GLY E 155 25.11 -12.03 -17.98
CA GLY E 155 25.66 -11.38 -16.82
C GLY E 155 24.59 -11.15 -15.77
N ASP E 156 24.87 -10.18 -14.90
CA ASP E 156 24.00 -9.87 -13.77
C ASP E 156 22.79 -9.01 -14.14
N THR E 157 22.49 -8.84 -15.42
CA THR E 157 21.38 -7.99 -15.83
C THR E 157 20.13 -8.84 -16.06
N GLY E 158 19.05 -8.17 -16.46
CA GLY E 158 17.80 -8.87 -16.72
C GLY E 158 16.70 -7.95 -17.22
N ILE E 159 15.82 -8.48 -18.06
CA ILE E 159 14.68 -7.73 -18.59
C ILE E 159 13.42 -8.52 -18.28
N ALA E 160 12.34 -7.81 -17.97
CA ALA E 160 11.07 -8.42 -17.62
C ALA E 160 9.96 -7.83 -18.47
N ILE E 161 8.81 -8.51 -18.45
CA ILE E 161 7.67 -8.14 -19.29
C ILE E 161 6.39 -8.24 -18.47
N LYS E 162 5.43 -7.38 -18.79
CA LYS E 162 4.10 -7.38 -18.18
C LYS E 162 3.08 -7.47 -19.31
N ARG E 163 2.23 -8.50 -19.27
CA ARG E 163 1.31 -8.76 -20.37
C ARG E 163 -0.05 -8.10 -20.18
N ASN E 164 -0.03 -6.83 -19.76
CA ASN E 164 -1.20 -5.98 -19.64
C ASN E 164 -2.26 -6.50 -18.66
N GLU E 165 -2.06 -7.68 -18.08
CA GLU E 165 -3.03 -8.25 -17.15
C GLU E 165 -2.48 -8.40 -15.74
N GLY E 166 -1.21 -8.07 -15.51
CA GLY E 166 -0.60 -8.21 -14.22
C GLY E 166 0.05 -9.57 -14.04
N THR E 167 0.61 -10.10 -15.12
CA THR E 167 1.44 -11.29 -15.09
C THR E 167 2.87 -10.88 -15.39
N ILE E 168 3.80 -11.25 -14.52
CA ILE E 168 5.20 -10.85 -14.65
C ILE E 168 5.95 -12.06 -15.17
N GLU E 169 6.08 -12.16 -16.49
CA GLU E 169 6.86 -13.22 -17.10
C GLU E 169 8.32 -12.79 -17.18
N GLN E 170 9.23 -13.74 -16.91
CA GLN E 170 10.65 -13.46 -16.80
C GLN E 170 11.37 -13.83 -18.09
N LEU E 171 11.89 -12.82 -18.78
CA LEU E 171 12.85 -13.02 -19.86
C LEU E 171 14.24 -13.22 -19.24
N VAL E 172 15.30 -13.02 -20.01
CA VAL E 172 16.67 -13.39 -19.64
C VAL E 172 16.94 -13.11 -18.17
N CYS E 173 17.44 -14.11 -17.46
CA CYS E 173 17.53 -14.11 -16.01
C CYS E 173 18.92 -13.73 -15.52
N HIS E 174 19.02 -13.57 -14.21
CA HIS E 174 20.26 -13.18 -13.55
C HIS E 174 21.12 -14.43 -13.33
N THR E 175 22.18 -14.58 -14.13
CA THR E 175 23.02 -15.76 -14.08
C THR E 175 24.06 -15.67 -12.98
N GLU E 176 24.11 -16.69 -12.12
CA GLU E 176 25.05 -16.78 -11.01
C GLU E 176 25.81 -18.10 -11.08
N VAL E 177 27.11 -18.04 -11.30
CA VAL E 177 27.96 -19.24 -11.28
C VAL E 177 28.58 -19.25 -9.89
N ASP E 178 27.92 -19.92 -8.95
CA ASP E 178 28.44 -20.15 -7.58
C ASP E 178 29.04 -18.89 -6.97
N GLY E 179 28.49 -17.72 -7.31
CA GLY E 179 29.05 -16.47 -6.87
C GLY E 179 30.00 -15.83 -7.85
N PHE E 180 30.06 -16.32 -9.09
CA PHE E 180 30.86 -15.76 -10.16
C PHE E 180 29.93 -15.44 -11.31
N LYS E 181 30.06 -14.24 -11.86
CA LYS E 181 29.20 -13.78 -12.95
C LYS E 181 29.95 -13.84 -14.28
N ASP E 182 29.68 -14.89 -15.06
CA ASP E 182 30.25 -15.00 -16.39
C ASP E 182 29.85 -13.79 -17.23
N ALA E 183 30.81 -13.23 -17.95
CA ALA E 183 30.64 -11.95 -18.61
C ALA E 183 31.33 -12.00 -19.97
N PHE E 184 31.42 -10.84 -20.62
CA PHE E 184 32.03 -10.71 -21.93
C PHE E 184 33.54 -10.48 -21.85
N ASP E 185 34.24 -11.34 -21.12
CA ASP E 185 35.67 -11.23 -21.02
C ASP E 185 36.33 -12.13 -22.06
N ASN E 186 37.63 -11.88 -22.29
CA ASN E 186 38.37 -12.75 -23.18
C ASN E 186 38.49 -14.16 -22.62
N TYR E 187 38.42 -14.29 -21.28
CA TYR E 187 38.53 -15.59 -20.65
C TYR E 187 37.40 -16.51 -21.10
N SER E 188 36.20 -15.97 -21.30
CA SER E 188 35.09 -16.80 -21.75
C SER E 188 35.12 -17.05 -23.26
N SER E 189 36.04 -16.41 -23.98
CA SER E 189 36.04 -16.49 -25.44
C SER E 189 36.51 -17.85 -25.95
N ALA E 190 36.87 -18.80 -25.07
CA ALA E 190 37.23 -20.14 -25.50
C ALA E 190 36.17 -21.17 -25.17
N ASN E 191 35.34 -20.91 -24.16
CA ASN E 191 34.20 -21.75 -23.80
C ASN E 191 32.90 -21.17 -24.33
N ILE E 192 32.94 -20.58 -25.53
CA ILE E 192 31.80 -19.79 -26.05
C ILE E 192 30.50 -20.57 -25.92
N ASP E 193 30.43 -21.76 -26.52
CA ASP E 193 29.20 -22.53 -26.51
C ASP E 193 28.76 -22.89 -25.09
N LEU E 194 29.72 -23.09 -24.18
CA LEU E 194 29.34 -23.45 -22.81
C LEU E 194 28.74 -22.27 -22.05
N VAL E 195 29.23 -21.06 -22.32
CA VAL E 195 28.67 -19.87 -21.68
C VAL E 195 27.20 -19.74 -22.08
N ILE E 196 26.85 -20.22 -23.26
CA ILE E 196 25.49 -20.04 -23.79
C ILE E 196 24.48 -20.88 -23.02
N GLU E 197 24.79 -22.16 -22.80
CA GLU E 197 23.82 -23.05 -22.15
C GLU E 197 23.53 -22.65 -20.71
N ARG E 198 24.47 -21.99 -20.04
CA ARG E 198 24.28 -21.61 -18.65
C ARG E 198 23.74 -20.20 -18.48
N ASN E 199 23.77 -19.39 -19.53
CA ASN E 199 23.15 -18.08 -19.51
C ASN E 199 21.79 -18.15 -20.20
N SER E 200 21.05 -17.04 -20.13
CA SER E 200 19.65 -17.03 -20.53
C SER E 200 19.53 -16.43 -21.92
N VAL E 201 18.95 -17.20 -22.84
CA VAL E 201 18.56 -16.72 -24.16
C VAL E 201 17.10 -17.10 -24.39
N PHE E 202 16.40 -16.32 -25.21
CA PHE E 202 14.97 -16.53 -25.42
C PHE E 202 14.54 -16.08 -26.80
N ASN E 203 13.30 -16.45 -27.14
CA ASN E 203 12.59 -15.97 -28.33
C ASN E 203 11.12 -16.27 -28.08
N THR E 204 10.30 -15.22 -27.95
CA THR E 204 8.92 -15.41 -27.50
C THR E 204 7.96 -14.48 -28.21
N LYS E 205 6.70 -14.96 -28.31
CA LYS E 205 5.62 -14.17 -28.87
C LYS E 205 5.22 -13.08 -27.89
N VAL E 206 4.86 -11.90 -28.42
CA VAL E 206 4.58 -10.74 -27.60
C VAL E 206 3.29 -10.09 -28.08
N MET E 207 2.60 -9.41 -27.16
CA MET E 207 1.38 -8.71 -27.53
C MET E 207 1.63 -7.21 -27.53
N PRO E 208 0.91 -6.45 -28.36
CA PRO E 208 1.07 -4.99 -28.33
C PRO E 208 0.68 -4.44 -26.97
N GLY E 209 1.42 -3.41 -26.53
CA GLY E 209 1.18 -2.85 -25.22
C GLY E 209 1.97 -3.49 -24.09
N ASP E 210 2.65 -4.60 -24.35
CA ASP E 210 3.43 -5.25 -23.31
C ASP E 210 4.58 -4.35 -22.85
N GLU E 211 4.85 -4.39 -21.55
CA GLU E 211 5.75 -3.47 -20.87
C GLU E 211 7.09 -4.16 -20.64
N LEU E 212 8.12 -3.74 -21.38
CA LEU E 212 9.46 -4.26 -21.20
C LEU E 212 10.22 -3.39 -20.21
N VAL E 213 10.72 -4.01 -19.14
CA VAL E 213 11.50 -3.32 -18.11
C VAL E 213 12.80 -4.09 -17.94
N GLY E 214 13.91 -3.37 -18.05
CA GLY E 214 15.23 -3.97 -17.90
C GLY E 214 15.98 -3.37 -16.72
N TYR E 215 16.73 -4.21 -16.02
CA TYR E 215 17.43 -3.81 -14.80
C TYR E 215 18.87 -4.32 -14.88
N THR E 216 19.73 -3.74 -14.05
CA THR E 216 21.14 -4.10 -14.01
C THR E 216 21.53 -4.81 -12.72
N TYR E 217 21.17 -4.25 -11.56
CA TYR E 217 21.50 -4.86 -10.28
C TYR E 217 20.34 -4.65 -9.33
N VAL E 218 20.06 -5.67 -8.50
CA VAL E 218 19.01 -5.59 -7.49
C VAL E 218 19.47 -6.31 -6.23
N PRO E 219 19.12 -5.83 -5.04
CA PRO E 219 19.32 -6.63 -3.83
C PRO E 219 18.60 -7.96 -3.95
N PRO E 220 19.28 -9.08 -3.66
CA PRO E 220 18.69 -10.40 -3.95
C PRO E 220 17.45 -10.75 -3.14
N MET E 221 17.05 -9.93 -2.15
CA MET E 221 15.85 -10.25 -1.38
C MET E 221 14.60 -10.33 -2.23
N LEU E 222 14.59 -9.68 -3.40
CA LEU E 222 13.47 -9.78 -4.32
C LEU E 222 13.69 -10.85 -5.38
N GLU E 223 14.89 -11.42 -5.45
CA GLU E 223 15.22 -12.49 -6.38
C GLU E 223 14.84 -13.84 -5.78
N MET E 224 14.25 -14.70 -6.59
CA MET E 224 13.94 -16.07 -6.18
C MET E 224 14.72 -17.06 -7.04
N THR E 225 15.31 -18.05 -6.40
CA THR E 225 16.07 -19.07 -7.13
C THR E 225 15.08 -20.01 -7.79
N GLU E 226 15.15 -20.13 -9.12
CA GLU E 226 14.25 -20.97 -9.88
C GLU E 226 14.84 -22.33 -10.23
N LYS E 227 16.07 -22.37 -10.72
CA LYS E 227 16.68 -23.60 -11.20
C LYS E 227 18.06 -23.77 -10.61
N GLU E 228 18.37 -25.02 -10.26
CA GLU E 228 19.70 -25.43 -9.81
C GLU E 228 20.14 -26.58 -10.70
N PHE E 229 21.33 -26.45 -11.30
CA PHE E 229 21.83 -27.48 -12.20
C PHE E 229 23.36 -27.50 -12.15
N GLU E 230 23.96 -28.12 -13.16
CA GLU E 230 25.37 -28.51 -13.20
C GLU E 230 25.99 -28.05 -14.51
N VAL E 231 27.31 -27.98 -14.53
CA VAL E 231 28.07 -27.60 -15.72
C VAL E 231 29.19 -28.63 -15.93
N GLU E 232 29.42 -28.99 -17.18
CA GLU E 232 30.42 -29.98 -17.55
C GLU E 232 31.84 -29.50 -17.22
N ILE E 243 28.77 -24.77 -10.82
CA ILE E 243 27.32 -24.79 -10.70
C ILE E 243 26.77 -23.41 -11.04
N VAL E 244 25.64 -23.38 -11.75
CA VAL E 244 24.99 -22.14 -12.17
C VAL E 244 23.56 -22.14 -11.66
N ARG E 245 23.07 -20.95 -11.31
CA ARG E 245 21.71 -20.75 -10.83
C ARG E 245 21.02 -19.70 -11.68
N HIS E 246 19.96 -20.09 -12.37
CA HIS E 246 19.09 -19.16 -13.09
C HIS E 246 17.89 -18.85 -12.21
N LEU E 247 17.71 -17.56 -11.90
CA LEU E 247 16.75 -17.12 -10.90
C LEU E 247 15.87 -16.02 -11.48
N ASN E 248 14.58 -16.08 -11.19
CA ASN E 248 13.60 -15.17 -11.75
C ASN E 248 13.12 -14.18 -10.68
N LEU E 249 12.16 -13.34 -11.06
CA LEU E 249 11.61 -12.30 -10.17
C LEU E 249 10.30 -12.75 -9.54
N ASP E 250 10.22 -12.62 -8.23
CA ASP E 250 9.02 -12.99 -7.46
C ASP E 250 7.90 -12.01 -7.77
N PRO E 251 6.80 -12.43 -8.37
CA PRO E 251 5.70 -11.51 -8.67
C PRO E 251 4.71 -11.33 -7.53
N GLY E 252 4.87 -12.08 -6.44
CA GLY E 252 3.90 -12.03 -5.35
C GLY E 252 3.88 -10.70 -4.63
N ASN E 253 5.00 -9.99 -4.60
CA ASN E 253 5.05 -8.68 -3.94
C ASN E 253 4.68 -7.54 -4.88
N PHE E 254 4.13 -7.86 -6.06
CA PHE E 254 3.61 -6.86 -6.98
C PHE E 254 2.14 -7.11 -7.20
N ASP E 255 1.42 -6.04 -7.52
CA ASP E 255 0.00 -6.09 -7.83
C ASP E 255 -0.21 -5.84 -9.32
N ASP E 256 -1.43 -6.09 -9.77
CA ASP E 256 -1.74 -6.09 -11.20
C ASP E 256 -2.32 -4.77 -11.69
N LYS E 257 -2.64 -3.83 -10.80
CA LYS E 257 -3.25 -2.59 -11.25
C LYS E 257 -2.20 -1.58 -11.71
N ASP E 258 -1.14 -1.42 -10.92
CA ASP E 258 -0.11 -0.44 -11.23
C ASP E 258 0.86 -1.05 -12.24
N PRO E 259 1.52 -0.23 -13.07
CA PRO E 259 2.50 -0.78 -14.00
C PRO E 259 3.67 -1.45 -13.29
N LEU E 260 4.42 -2.26 -14.06
CA LEU E 260 5.53 -3.00 -13.49
C LEU E 260 6.68 -2.05 -13.13
N PHE E 261 7.13 -1.28 -14.12
CA PHE E 261 8.29 -0.41 -13.92
C PHE E 261 8.04 0.60 -12.81
N SER E 262 6.86 1.22 -12.80
CA SER E 262 6.56 2.21 -11.75
C SER E 262 6.47 1.57 -10.37
N GLN E 263 6.00 0.32 -10.29
CA GLN E 263 5.96 -0.35 -8.99
C GLN E 263 7.34 -0.77 -8.53
N LEU E 264 8.23 -1.09 -9.47
CA LEU E 264 9.55 -1.58 -9.08
C LEU E 264 10.34 -0.50 -8.35
N LEU E 265 10.30 0.74 -8.85
CA LEU E 265 11.05 1.80 -8.20
C LEU E 265 10.44 2.21 -6.87
N GLN E 266 9.13 2.00 -6.69
CA GLN E 266 8.49 2.28 -5.41
C GLN E 266 8.79 1.22 -4.36
N VAL E 267 9.24 0.04 -4.78
CA VAL E 267 9.46 -1.08 -3.88
C VAL E 267 10.92 -1.19 -3.47
N VAL E 268 11.85 -0.92 -4.40
CA VAL E 268 13.27 -1.03 -4.07
C VAL E 268 13.64 0.01 -3.03
N LYS E 269 13.20 1.26 -3.23
CA LYS E 269 13.42 2.29 -2.22
C LYS E 269 12.80 1.91 -0.88
N SER E 270 11.64 1.24 -0.93
CA SER E 270 11.01 0.81 0.32
C SER E 270 11.83 -0.28 1.00
N LYS E 271 12.41 -1.19 0.22
CA LYS E 271 13.28 -2.22 0.79
C LYS E 271 14.71 -1.76 0.96
N GLN E 272 15.17 -0.79 0.16
CA GLN E 272 16.54 -0.31 0.30
C GLN E 272 16.73 0.36 1.65
N LYS E 273 15.83 1.29 2.00
CA LYS E 273 15.90 1.94 3.30
C LYS E 273 15.79 0.94 4.45
N GLN E 274 15.08 -0.18 4.24
CA GLN E 274 15.06 -1.22 5.27
C GLN E 274 16.41 -1.87 5.42
N LEU E 275 17.22 -1.85 4.36
CA LEU E 275 18.56 -2.45 4.41
C LEU E 275 19.54 -1.54 5.14
N VAL E 276 19.44 -0.23 4.96
CA VAL E 276 20.38 0.68 5.60
C VAL E 276 20.17 0.72 7.11
N GLU E 277 18.91 0.76 7.55
CA GLU E 277 18.64 0.75 8.99
C GLU E 277 19.12 -0.54 9.66
N GLN E 278 19.05 -1.66 8.96
CA GLN E 278 19.67 -2.88 9.49
C GLN E 278 21.19 -2.76 9.50
N ALA E 279 21.75 -2.00 8.55
CA ALA E 279 23.18 -1.82 8.43
C ALA E 279 23.71 -0.64 9.25
N LYS E 280 22.84 0.19 9.82
CA LYS E 280 23.30 1.33 10.61
C LYS E 280 23.58 0.95 12.06
N GLU E 281 22.63 0.30 12.74
CA GLU E 281 22.81 0.00 14.16
C GLU E 281 23.96 -0.98 14.39
N THR E 282 24.33 -1.79 13.40
CA THR E 282 25.50 -2.65 13.52
C THR E 282 26.80 -1.86 13.40
N GLY E 283 26.76 -0.66 12.87
CA GLY E 283 27.94 0.17 12.78
C GLY E 283 27.86 1.12 11.62
N GLN E 284 28.84 2.03 11.57
CA GLN E 284 29.00 2.96 10.46
C GLN E 284 29.93 2.40 9.38
N ILE E 285 30.13 1.09 9.35
CA ILE E 285 31.00 0.43 8.37
C ILE E 285 30.26 -0.79 7.84
N GLN E 286 29.59 -0.64 6.69
CA GLN E 286 28.96 -1.74 6.00
C GLN E 286 29.22 -1.60 4.50
N ARG E 287 29.04 -2.70 3.78
CA ARG E 287 29.37 -2.73 2.36
C ARG E 287 28.36 -3.56 1.59
N PHE E 288 27.69 -2.92 0.63
CA PHE E 288 26.90 -3.57 -0.40
C PHE E 288 26.49 -2.50 -1.39
N GLY E 289 25.95 -2.94 -2.53
CA GLY E 289 25.43 -1.98 -3.48
C GLY E 289 26.21 -1.88 -4.77
N ASP E 290 25.48 -1.83 -5.88
CA ASP E 290 26.07 -1.62 -7.21
C ASP E 290 25.25 -0.54 -7.92
N ASP E 291 25.53 -0.31 -9.19
CA ASP E 291 24.77 0.68 -9.95
C ASP E 291 23.38 0.14 -10.26
N PHE E 292 22.36 0.91 -9.88
CA PHE E 292 20.96 0.54 -10.11
C PHE E 292 20.44 1.39 -11.25
N THR E 293 20.34 0.79 -12.44
CA THR E 293 19.84 1.46 -13.63
C THR E 293 18.74 0.60 -14.25
N VAL E 294 17.62 1.23 -14.60
CA VAL E 294 16.44 0.54 -15.08
C VAL E 294 15.92 1.23 -16.34
N GLY E 295 15.49 0.43 -17.31
CA GLY E 295 14.95 0.94 -18.56
C GLY E 295 13.55 0.40 -18.80
N ARG E 296 12.71 1.22 -19.41
CA ARG E 296 11.31 0.88 -19.67
C ARG E 296 11.01 0.92 -21.16
N LEU E 297 10.36 -0.11 -21.67
CA LEU E 297 9.94 -0.18 -23.06
C LEU E 297 8.53 -0.72 -23.13
N VAL E 298 7.72 -0.14 -24.02
CA VAL E 298 6.35 -0.59 -24.26
C VAL E 298 6.29 -1.12 -25.68
N ILE E 299 5.75 -2.32 -25.85
CA ILE E 299 5.70 -2.96 -27.16
C ILE E 299 4.75 -2.16 -28.05
N PRO E 300 5.19 -1.69 -29.21
CA PRO E 300 4.35 -0.83 -30.03
C PRO E 300 3.33 -1.61 -30.84
N ASP E 301 2.31 -0.90 -31.28
CA ASP E 301 1.31 -1.44 -32.18
C ASP E 301 1.78 -1.31 -33.63
N GLN E 302 1.03 -1.93 -34.54
CA GLN E 302 1.36 -1.81 -35.95
C GLN E 302 1.19 -0.38 -36.47
N LEU E 303 0.40 0.43 -35.78
CA LEU E 303 0.21 1.82 -36.18
C LEU E 303 1.43 2.66 -35.85
N LEU E 304 1.97 2.50 -34.64
CA LEU E 304 3.13 3.29 -34.24
C LEU E 304 4.34 2.97 -35.12
N ILE E 305 4.49 1.72 -35.55
CA ILE E 305 5.65 1.31 -36.33
C ILE E 305 5.78 2.17 -37.59
N ASN E 306 4.68 2.37 -38.31
CA ASN E 306 4.73 3.15 -39.54
C ASN E 306 5.17 4.58 -39.27
N GLN E 307 4.50 5.28 -38.35
CA GLN E 307 4.90 6.64 -38.03
C GLN E 307 6.30 6.71 -37.42
N LEU E 308 6.78 5.60 -36.85
CA LEU E 308 8.21 5.50 -36.54
C LEU E 308 9.02 5.35 -37.82
N ARG E 309 8.63 4.40 -38.68
CA ARG E 309 9.28 4.28 -39.98
C ARG E 309 9.18 5.59 -40.75
N ILE E 310 8.04 6.28 -40.63
CA ILE E 310 7.89 7.60 -41.23
C ILE E 310 8.89 8.57 -40.63
N HIS E 311 8.98 8.62 -39.30
CA HIS E 311 9.88 9.56 -38.65
C HIS E 311 11.33 9.23 -38.92
N ALA E 312 11.62 7.97 -39.25
CA ALA E 312 12.99 7.59 -39.61
C ALA E 312 13.47 8.37 -40.83
N LEU E 313 12.57 8.60 -41.80
CA LEU E 313 12.96 9.37 -42.97
C LEU E 313 13.22 10.82 -42.61
N SER E 314 12.29 11.45 -41.87
CA SER E 314 12.43 12.86 -41.55
C SER E 314 13.74 13.14 -40.82
N ILE E 315 14.15 12.24 -39.93
CA ILE E 315 15.43 12.38 -39.25
C ILE E 315 16.58 12.02 -40.17
N GLY E 316 16.42 10.97 -40.98
CA GLY E 316 17.52 10.52 -41.83
C GLY E 316 17.84 11.51 -42.94
N VAL E 317 16.83 12.24 -43.41
CA VAL E 317 17.03 13.22 -44.48
C VAL E 317 17.81 14.41 -43.95
N SER E 318 17.75 14.65 -42.64
CA SER E 318 18.28 15.89 -42.07
C SER E 318 19.77 16.02 -42.34
N ASP E 319 20.56 15.03 -41.91
CA ASP E 319 22.02 15.20 -41.97
C ASP E 319 22.47 15.35 -43.41
N GLY E 320 21.72 14.77 -44.35
CA GLY E 320 21.96 15.00 -45.76
C GLY E 320 21.80 16.47 -46.11
N LEU E 321 20.67 17.05 -45.71
CA LEU E 321 20.32 18.40 -46.12
C LEU E 321 21.36 19.41 -45.64
N LEU E 322 22.04 19.12 -44.54
CA LEU E 322 23.03 20.04 -44.00
C LEU E 322 24.44 19.69 -44.45
N SER E 323 24.64 18.45 -44.89
CA SER E 323 25.93 18.00 -45.40
C SER E 323 25.89 17.94 -46.92
N ASN E 347 24.36 27.13 -53.66
CA ASN E 347 22.93 26.78 -53.65
C ASN E 347 22.58 25.90 -52.45
N ILE E 348 22.71 26.47 -51.26
CA ILE E 348 22.38 25.76 -50.02
C ILE E 348 21.03 26.22 -49.47
N GLU E 349 20.55 27.39 -49.89
CA GLU E 349 19.38 28.03 -49.30
C GLU E 349 18.16 27.11 -49.27
N LYS E 350 18.07 26.17 -50.20
CA LYS E 350 16.93 25.26 -50.20
C LYS E 350 16.99 24.30 -49.03
N ALA E 351 18.10 23.56 -48.93
CA ALA E 351 18.19 22.51 -47.93
C ALA E 351 18.19 23.08 -46.52
N THR E 352 18.80 24.25 -46.32
CA THR E 352 18.73 24.90 -45.00
C THR E 352 17.28 25.19 -44.65
N LEU E 353 16.48 25.62 -45.63
CA LEU E 353 15.04 25.76 -45.43
C LEU E 353 14.35 24.42 -45.42
N TYR E 354 14.92 23.40 -46.08
CA TYR E 354 14.37 22.06 -45.96
C TYR E 354 14.75 21.44 -44.62
N LYS E 355 15.98 21.66 -44.16
CA LYS E 355 16.45 21.04 -42.91
C LYS E 355 15.66 21.55 -41.71
N ASN E 356 15.48 22.88 -41.61
CA ASN E 356 14.78 23.42 -40.46
C ASN E 356 13.29 23.08 -40.48
N LEU E 357 12.70 23.00 -41.68
CA LEU E 357 11.29 22.64 -41.78
C LEU E 357 11.02 21.26 -41.21
N ILE E 358 11.94 20.31 -41.43
CA ILE E 358 11.77 18.99 -40.82
C ILE E 358 11.82 19.11 -39.29
N ALA E 359 12.60 20.05 -38.77
CA ALA E 359 12.69 20.25 -37.34
C ALA E 359 11.43 20.88 -36.73
N LYS E 360 10.53 21.41 -37.55
CA LYS E 360 9.31 22.02 -37.04
C LYS E 360 8.10 21.09 -37.06
N TYR E 361 7.96 20.24 -38.09
CA TYR E 361 6.79 19.40 -38.24
C TYR E 361 7.10 17.92 -38.08
N GLN E 362 8.27 17.58 -37.53
CA GLN E 362 8.58 16.16 -37.31
C GLN E 362 7.73 15.57 -36.20
N ASN E 363 7.24 16.40 -35.28
CA ASN E 363 6.44 15.90 -34.17
C ASN E 363 5.08 15.41 -34.62
N ASN E 364 4.50 16.05 -35.65
CA ASN E 364 3.31 15.53 -36.30
C ASN E 364 3.76 14.63 -37.45
N HIS E 365 3.26 13.39 -37.47
CA HIS E 365 3.85 12.39 -38.33
C HIS E 365 3.45 12.55 -39.79
N PHE E 366 2.39 13.30 -40.08
CA PHE E 366 1.93 13.39 -41.46
C PHE E 366 2.62 14.50 -42.25
N ILE E 367 2.60 15.73 -41.72
CA ILE E 367 3.21 16.84 -42.46
C ILE E 367 4.68 16.56 -42.72
N SER E 368 5.40 16.07 -41.71
CA SER E 368 6.79 15.68 -41.89
C SER E 368 6.98 14.73 -43.06
N LEU E 369 5.95 13.93 -43.37
CA LEU E 369 6.02 13.02 -44.51
C LEU E 369 5.80 13.74 -45.85
N ILE E 370 4.76 14.57 -45.94
CA ILE E 370 4.36 15.09 -47.25
C ILE E 370 5.40 16.05 -47.81
N ILE E 371 6.09 16.81 -46.94
CA ILE E 371 7.18 17.66 -47.40
C ILE E 371 8.24 16.84 -48.13
N LEU E 372 8.50 15.62 -47.64
CA LEU E 372 9.43 14.73 -48.33
C LEU E 372 8.92 14.38 -49.71
N SER E 373 7.62 14.12 -49.83
CA SER E 373 7.04 13.82 -51.15
C SER E 373 7.25 14.97 -52.12
N ALA E 374 7.32 16.20 -51.61
CA ALA E 374 7.65 17.35 -52.45
C ALA E 374 9.12 17.38 -52.79
N LEU E 375 9.98 16.95 -51.85
CA LEU E 375 11.42 17.00 -52.07
C LEU E 375 11.83 16.13 -53.27
N VAL E 376 11.17 14.99 -53.45
CA VAL E 376 11.53 14.11 -54.56
C VAL E 376 11.08 14.71 -55.89
N SER E 377 9.95 15.42 -55.90
CA SER E 377 9.43 16.02 -57.13
C SER E 377 10.25 17.22 -57.59
N ASP E 378 11.07 17.80 -56.71
CA ASP E 378 11.82 19.01 -57.04
C ASP E 378 12.90 18.66 -58.07
N SER E 379 12.62 18.99 -59.34
CA SER E 379 13.59 18.80 -60.41
C SER E 379 14.71 19.82 -60.37
N LYS E 380 14.58 20.88 -59.58
CA LYS E 380 15.62 21.89 -59.46
C LYS E 380 16.70 21.52 -58.44
N THR E 381 16.53 20.39 -57.76
CA THR E 381 17.55 19.85 -56.86
C THR E 381 17.95 18.45 -57.31
N PRO E 382 18.50 18.30 -58.53
CA PRO E 382 18.82 16.95 -59.01
C PRO E 382 20.00 16.36 -58.25
N LEU E 383 21.06 17.16 -58.09
CA LEU E 383 22.20 16.71 -57.29
C LEU E 383 21.81 16.61 -55.81
N MET E 384 21.03 17.58 -55.33
CA MET E 384 20.59 17.55 -53.95
C MET E 384 19.68 16.36 -53.66
N THR E 385 18.94 15.88 -54.67
CA THR E 385 18.17 14.66 -54.49
C THR E 385 19.08 13.44 -54.44
N GLN E 386 20.00 13.34 -55.41
CA GLN E 386 20.89 12.18 -55.46
C GLN E 386 21.85 12.14 -54.28
N TYR E 387 22.13 13.30 -53.66
CA TYR E 387 23.07 13.31 -52.56
C TYR E 387 22.49 12.59 -51.35
N LEU E 388 21.17 12.72 -51.14
CA LEU E 388 20.54 12.01 -50.03
C LEU E 388 20.58 10.51 -50.28
N VAL E 389 20.40 10.11 -51.54
CA VAL E 389 20.37 8.70 -51.91
C VAL E 389 21.70 8.03 -51.57
N GLY E 390 22.81 8.76 -51.75
CA GLY E 390 24.10 8.23 -51.33
C GLY E 390 24.23 8.15 -49.83
N TYR E 391 23.70 9.16 -49.13
CA TYR E 391 23.67 9.12 -47.66
C TYR E 391 22.78 8.00 -47.16
N LEU E 392 21.72 7.67 -47.89
CA LEU E 392 20.77 6.65 -47.48
C LEU E 392 21.00 5.30 -48.13
N ASP E 393 22.03 5.16 -48.97
CA ASP E 393 22.35 3.90 -49.65
C ASP E 393 21.15 3.35 -50.41
N PHE E 394 20.47 4.24 -51.13
CA PHE E 394 19.32 3.76 -51.90
C PHE E 394 19.71 3.61 -53.37
N PRO E 395 19.32 2.52 -54.03
CA PRO E 395 19.77 2.33 -55.42
C PRO E 395 19.14 3.31 -56.39
N SER E 396 17.83 3.56 -56.27
CA SER E 396 17.11 4.39 -57.22
C SER E 396 16.32 5.47 -56.50
N LYS E 397 16.30 6.67 -57.10
CA LYS E 397 15.51 7.77 -56.55
C LYS E 397 14.04 7.40 -56.41
N ALA E 398 13.49 6.67 -57.39
CA ALA E 398 12.07 6.36 -57.38
C ALA E 398 11.70 5.44 -56.22
N LEU E 399 12.57 4.48 -55.90
CA LEU E 399 12.30 3.58 -54.78
C LEU E 399 12.12 4.36 -53.48
N LEU E 400 12.82 5.49 -53.32
CA LEU E 400 12.59 6.33 -52.16
C LEU E 400 11.19 6.91 -52.17
N ALA E 401 10.73 7.40 -53.33
CA ALA E 401 9.38 7.94 -53.42
C ALA E 401 8.34 6.86 -53.15
N ASN E 402 8.64 5.61 -53.51
CA ASN E 402 7.76 4.50 -53.14
C ASN E 402 7.77 4.31 -51.63
N LYS E 403 8.95 4.31 -51.03
CA LYS E 403 9.03 4.19 -49.57
C LYS E 403 8.27 5.32 -48.89
N ILE E 404 8.29 6.52 -49.49
CA ILE E 404 7.47 7.62 -49.00
C ILE E 404 5.99 7.29 -49.14
N THR E 405 5.58 6.90 -50.35
CA THR E 405 4.16 6.67 -50.62
C THR E 405 3.62 5.48 -49.82
N GLU E 406 4.42 4.43 -49.68
CA GLU E 406 3.98 3.26 -48.91
C GLU E 406 3.69 3.65 -47.47
N LEU E 407 4.57 4.44 -46.86
CA LEU E 407 4.32 4.91 -45.50
C LEU E 407 3.20 5.94 -45.46
N LEU E 408 2.93 6.62 -46.59
CA LEU E 408 1.88 7.63 -46.62
C LEU E 408 0.51 6.99 -46.45
N LEU E 409 0.22 5.94 -47.20
CA LEU E 409 -1.10 5.34 -47.18
C LEU E 409 -1.40 4.66 -45.85
N LYS E 410 -0.40 4.05 -45.22
CA LYS E 410 -0.68 3.44 -43.92
C LYS E 410 -0.91 4.52 -42.86
N GLU E 411 -0.28 5.68 -43.00
CA GLU E 411 -0.66 6.80 -42.13
C GLU E 411 -2.01 7.36 -42.52
N LEU E 412 -2.44 7.11 -43.76
CA LEU E 412 -3.82 7.42 -44.11
C LEU E 412 -4.76 6.43 -43.44
N GLU E 413 -4.27 5.21 -43.18
CA GLU E 413 -5.01 4.23 -42.39
C GLU E 413 -4.99 4.57 -40.91
N ASN E 414 -4.18 5.54 -40.50
CA ASN E 414 -4.19 6.03 -39.14
C ASN E 414 -5.54 6.67 -38.86
N PRO E 415 -6.24 6.28 -37.80
CA PRO E 415 -7.57 6.84 -37.51
C PRO E 415 -7.60 8.36 -37.41
N ASP E 416 -6.44 9.03 -37.35
CA ASP E 416 -6.41 10.48 -37.24
C ASP E 416 -6.86 11.15 -38.52
N MET E 417 -6.68 10.50 -39.67
CA MET E 417 -6.98 11.14 -40.94
C MET E 417 -8.47 11.22 -41.25
N ARG E 418 -9.28 10.28 -40.76
CA ARG E 418 -10.72 10.39 -41.01
C ARG E 418 -11.30 11.71 -40.53
N GLU E 419 -10.78 12.25 -39.42
CA GLU E 419 -11.24 13.57 -38.98
C GLU E 419 -10.74 14.68 -39.90
N ILE E 420 -9.51 14.57 -40.40
CA ILE E 420 -8.98 15.64 -41.24
C ILE E 420 -9.24 15.38 -42.72
N LEU E 421 -9.35 14.12 -43.12
CA LEU E 421 -9.63 13.72 -44.50
C LEU E 421 -10.99 13.05 -44.53
N GLY E 422 -12.01 13.76 -44.98
CA GLY E 422 -13.33 13.17 -45.09
C GLY E 422 -13.85 13.23 -46.51
N SER E 423 -13.99 12.08 -47.15
CA SER E 423 -14.36 12.01 -48.57
C SER E 423 -13.47 12.95 -49.39
N ARG E 424 -12.20 12.98 -49.02
CA ARG E 424 -11.20 13.94 -49.46
C ARG E 424 -10.01 13.22 -50.10
N LEU E 425 -10.26 12.09 -50.77
CA LEU E 425 -9.24 11.16 -51.24
C LEU E 425 -7.92 11.82 -51.61
N ALA E 426 -6.84 11.30 -51.01
CA ALA E 426 -5.55 11.98 -51.01
C ALA E 426 -4.99 12.18 -52.42
N THR E 427 -5.38 11.33 -53.37
CA THR E 427 -4.77 11.37 -54.71
C THR E 427 -4.81 12.78 -55.29
N ASP E 428 -5.93 13.49 -55.13
CA ASP E 428 -5.97 14.88 -55.56
C ASP E 428 -5.26 15.78 -54.56
N VAL E 429 -5.44 15.50 -53.26
CA VAL E 429 -4.89 16.38 -52.22
C VAL E 429 -3.37 16.40 -52.28
N ILE E 430 -2.73 15.23 -52.47
CA ILE E 430 -1.28 15.17 -52.50
C ILE E 430 -0.73 16.02 -53.65
N GLU E 431 -1.34 15.90 -54.83
CA GLU E 431 -0.89 16.68 -55.99
C GLU E 431 -0.91 18.17 -55.69
N GLU E 432 -1.98 18.66 -55.07
CA GLU E 432 -2.04 20.06 -54.65
C GLU E 432 -0.93 20.38 -53.65
N LEU E 433 -0.83 19.61 -52.58
CA LEU E 433 0.08 19.98 -51.49
C LEU E 433 1.54 20.01 -51.93
N GLU E 434 2.02 18.98 -52.62
CA GLU E 434 3.41 19.00 -53.04
C GLU E 434 3.70 20.11 -54.03
N THR E 435 2.83 20.31 -55.02
CA THR E 435 3.07 21.36 -56.01
C THR E 435 3.03 22.75 -55.39
N LYS E 436 2.20 22.96 -54.36
CA LYS E 436 2.11 24.28 -53.75
C LYS E 436 3.44 24.70 -53.12
N ILE E 437 4.04 23.81 -52.33
CA ILE E 437 5.30 24.16 -51.68
C ILE E 437 6.45 24.19 -52.67
N ILE E 438 6.46 23.27 -53.64
CA ILE E 438 7.50 23.37 -54.68
C ILE E 438 7.28 24.63 -55.52
N ARG E 439 6.02 25.04 -55.71
CA ARG E 439 5.76 26.33 -56.33
C ARG E 439 6.03 27.47 -55.36
N TYR E 440 6.12 27.17 -54.06
CA TYR E 440 6.46 28.18 -53.06
C TYR E 440 7.96 28.46 -53.04
N ILE E 441 8.79 27.49 -53.40
CA ILE E 441 10.24 27.63 -53.32
C ILE E 441 10.87 27.67 -54.71
N HIS E 442 10.05 27.68 -55.77
CA HIS E 442 10.62 27.70 -57.11
C HIS E 442 11.41 28.99 -57.30
N ASN E 443 10.72 30.13 -57.38
CA ASN E 443 11.37 31.42 -57.19
C ASN E 443 11.44 31.86 -55.72
N PRO E 444 10.29 31.99 -55.01
CA PRO E 444 10.27 32.86 -53.82
C PRO E 444 10.53 32.16 -52.49
N ALA E 445 10.61 32.96 -51.42
CA ALA E 445 10.65 32.48 -50.05
C ALA E 445 9.84 33.37 -49.12
N GLY E 446 8.78 33.99 -49.65
CA GLY E 446 8.00 34.94 -48.88
C GLY E 446 6.51 34.63 -48.81
N SER E 447 6.16 33.36 -48.67
CA SER E 447 4.77 32.93 -48.58
C SER E 447 4.62 32.03 -47.37
N ASP E 448 3.63 32.33 -46.52
CA ASP E 448 3.43 31.60 -45.26
C ASP E 448 2.68 30.32 -45.55
N ILE E 449 3.43 29.26 -45.85
CA ILE E 449 2.84 27.96 -46.14
C ILE E 449 2.40 27.26 -44.86
N HIS E 450 2.93 27.68 -43.71
CA HIS E 450 2.66 27.01 -42.45
C HIS E 450 1.17 26.94 -42.15
N SER E 451 0.44 28.04 -42.41
CA SER E 451 -1.00 28.04 -42.21
C SER E 451 -1.69 26.99 -43.06
N THR E 452 -1.25 26.84 -44.32
CA THR E 452 -1.77 25.75 -45.14
C THR E 452 -1.39 24.39 -44.56
N LEU E 453 -0.19 24.29 -43.98
CA LEU E 453 0.23 23.05 -43.35
C LEU E 453 -0.39 22.85 -41.96
N ASN E 454 -0.55 23.93 -41.19
CA ASN E 454 -1.11 23.79 -39.85
C ASN E 454 -2.60 23.44 -39.88
N LEU E 455 -3.24 23.52 -41.06
CA LEU E 455 -4.62 23.08 -41.18
C LEU E 455 -4.74 21.58 -40.94
N TRP E 456 -3.68 20.83 -41.20
CA TRP E 456 -3.66 19.38 -41.17
C TRP E 456 -3.12 18.81 -39.86
N THR E 457 -2.76 19.68 -38.91
CA THR E 457 -2.23 19.20 -37.63
C THR E 457 -3.35 18.85 -36.65
N ALA E 458 -4.43 19.61 -36.66
CA ALA E 458 -5.58 19.37 -35.78
C ALA E 458 -5.18 19.31 -34.31
N ILE F 4 19.22 32.22 -17.55
CA ILE F 4 19.13 31.92 -18.97
C ILE F 4 19.30 30.40 -19.15
N ILE F 5 19.07 29.64 -18.08
CA ILE F 5 19.35 28.20 -18.11
C ILE F 5 18.23 27.44 -18.81
N THR F 6 16.97 27.75 -18.50
CA THR F 6 15.80 27.31 -19.27
C THR F 6 15.48 25.83 -19.45
N GLN F 7 14.94 25.16 -18.43
CA GLN F 7 14.10 23.97 -18.68
C GLN F 7 12.65 24.45 -18.79
N ILE F 8 11.96 24.04 -19.84
CA ILE F 8 10.61 24.53 -20.11
C ILE F 8 9.71 23.42 -20.64
N CYS F 9 8.40 23.56 -20.36
CA CYS F 9 7.36 22.70 -20.92
C CYS F 9 6.46 23.56 -21.81
N ASN F 10 6.62 23.44 -23.13
CA ASN F 10 5.87 24.29 -24.07
C ASN F 10 4.64 23.54 -24.56
N GLY F 11 3.52 23.68 -23.85
CA GLY F 11 2.23 23.24 -24.33
C GLY F 11 2.07 21.76 -24.57
N VAL F 12 2.91 21.23 -25.47
CA VAL F 12 2.73 19.89 -26.00
C VAL F 12 3.03 18.84 -24.93
N LEU F 13 2.37 17.68 -25.06
CA LEU F 13 2.65 16.53 -24.24
C LEU F 13 2.48 15.28 -25.10
N HIS F 14 3.15 14.22 -24.68
CA HIS F 14 3.12 12.95 -25.39
C HIS F 14 1.87 12.15 -25.00
N GLY F 15 1.84 10.88 -25.38
CA GLY F 15 0.70 10.03 -25.08
C GLY F 15 0.42 9.85 -23.60
N GLN F 16 -0.66 10.47 -23.12
CA GLN F 16 -1.21 10.26 -21.79
C GLN F 16 -0.33 10.75 -20.66
N SER F 17 0.88 11.23 -20.97
CA SER F 17 1.80 11.63 -19.92
C SER F 17 2.96 12.42 -20.51
N TYR F 18 3.69 13.10 -19.64
CA TYR F 18 4.92 13.81 -20.03
C TYR F 18 5.78 13.98 -18.79
N GLN F 19 7.00 13.43 -18.83
CA GLN F 19 7.96 13.62 -17.76
C GLN F 19 8.91 14.75 -18.14
N SER F 20 10.04 14.86 -17.46
CA SER F 20 10.84 16.08 -17.53
C SER F 20 12.20 15.85 -18.19
N GLY F 21 12.99 14.92 -17.68
CA GLY F 21 14.34 14.77 -18.18
C GLY F 21 15.34 15.58 -17.39
N SER F 22 15.43 15.30 -16.08
CA SER F 22 16.26 16.02 -15.14
C SER F 22 17.53 16.58 -15.78
N ASN F 23 17.75 17.89 -15.62
CA ASN F 23 18.87 18.58 -16.25
C ASN F 23 20.12 18.50 -15.38
N ASP F 24 21.19 17.92 -15.94
CA ASP F 24 22.47 17.82 -15.24
C ASP F 24 22.85 19.13 -14.58
N LEU F 25 22.68 20.25 -15.30
CA LEU F 25 23.06 21.54 -14.74
C LEU F 25 22.33 21.81 -13.43
N ASP F 26 21.11 21.30 -13.29
CA ASP F 26 20.33 21.45 -12.08
C ASP F 26 20.49 20.27 -11.14
N LYS F 27 21.20 19.22 -11.54
CA LYS F 27 21.49 18.07 -10.70
C LYS F 27 20.22 17.49 -10.09
N GLY F 28 19.22 17.27 -10.93
CA GLY F 28 17.99 16.64 -10.48
C GLY F 28 17.05 17.55 -9.73
N ASN F 29 17.19 18.87 -9.89
CA ASN F 29 16.29 19.83 -9.26
C ASN F 29 15.34 20.47 -10.27
N SER F 30 15.46 20.10 -11.54
CA SER F 30 14.60 20.61 -12.61
C SER F 30 13.68 19.48 -13.03
N GLU F 31 12.43 19.54 -12.57
CA GLU F 31 11.42 18.57 -12.96
C GLU F 31 10.14 19.29 -13.30
N ILE F 32 9.44 18.79 -14.31
CA ILE F 32 8.13 19.27 -14.72
C ILE F 32 7.27 18.06 -15.04
N PHE F 33 5.97 18.29 -15.14
CA PHE F 33 5.05 17.18 -15.41
C PHE F 33 3.75 17.77 -15.91
N ALA F 34 3.07 17.04 -16.79
CA ALA F 34 1.85 17.51 -17.42
C ALA F 34 0.90 16.35 -17.66
N SER F 35 -0.39 16.59 -17.43
CA SER F 35 -1.42 15.58 -17.67
C SER F 35 -2.75 16.29 -17.89
N SER F 36 -3.74 15.52 -18.34
CA SER F 36 -5.07 16.04 -18.58
C SER F 36 -6.02 15.64 -17.46
N LYS F 52 -4.00 14.88 -26.80
CA LYS F 52 -4.11 16.11 -27.57
C LYS F 52 -2.93 17.03 -27.28
N ASP F 53 -3.18 18.07 -26.49
CA ASP F 53 -2.17 19.05 -26.13
C ASP F 53 -2.68 19.86 -24.95
N SER F 54 -1.74 20.37 -24.16
CA SER F 54 -2.06 21.19 -22.99
C SER F 54 -2.00 22.66 -23.38
N ASP F 55 -2.75 23.48 -22.65
CA ASP F 55 -2.79 24.91 -22.89
C ASP F 55 -1.87 25.66 -21.94
N ASP F 56 -1.33 24.98 -20.93
CA ASP F 56 -0.48 25.55 -19.91
C ASP F 56 0.96 25.67 -20.41
N LYS F 57 1.77 26.38 -19.62
CA LYS F 57 3.20 26.53 -19.89
C LYS F 57 3.94 26.72 -18.58
N ILE F 58 5.00 25.95 -18.38
CA ILE F 58 5.83 26.02 -17.19
C ILE F 58 7.28 26.24 -17.62
N VAL F 59 7.98 27.12 -16.92
CA VAL F 59 9.37 27.46 -17.23
C VAL F 59 10.18 27.38 -15.94
N ILE F 60 11.26 26.60 -15.98
CA ILE F 60 12.18 26.49 -14.86
C ILE F 60 13.60 26.70 -15.38
N GLY F 61 14.32 27.63 -14.76
CA GLY F 61 15.67 27.92 -15.20
C GLY F 61 16.43 28.69 -14.15
N TYR F 62 17.60 29.19 -14.55
CA TYR F 62 18.50 29.85 -13.63
C TYR F 62 19.16 31.03 -14.33
N THR F 63 19.32 32.12 -13.57
CA THR F 63 19.88 33.34 -14.10
C THR F 63 21.38 33.17 -14.36
N LYS F 64 21.97 34.19 -14.99
CA LYS F 64 23.42 34.25 -15.09
C LYS F 64 24.05 34.39 -13.71
N ASP F 65 23.32 34.99 -12.76
CA ASP F 65 23.73 35.02 -11.37
C ASP F 65 23.42 33.72 -10.64
N GLY F 66 22.81 32.74 -11.31
CA GLY F 66 22.62 31.44 -10.70
C GLY F 66 21.42 31.37 -9.78
N MET F 67 20.48 32.31 -9.89
CA MET F 67 19.33 32.33 -9.02
C MET F 67 18.19 31.50 -9.60
N ALA F 68 17.45 30.84 -8.72
CA ALA F 68 16.38 29.95 -9.15
C ALA F 68 15.12 30.74 -9.43
N PHE F 69 14.30 30.22 -10.34
CA PHE F 69 13.01 30.82 -10.61
C PHE F 69 12.12 29.77 -11.25
N GLN F 70 10.82 30.02 -11.22
CA GLN F 70 9.87 29.14 -11.87
C GLN F 70 8.66 29.94 -12.31
N ILE F 71 8.26 29.77 -13.57
CA ILE F 71 7.07 30.43 -14.10
C ILE F 71 6.09 29.34 -14.51
N VAL F 72 4.82 29.53 -14.18
CA VAL F 72 3.76 28.59 -14.54
C VAL F 72 2.64 29.41 -15.16
N VAL F 73 2.21 29.00 -16.36
CA VAL F 73 1.23 29.72 -17.16
C VAL F 73 0.12 28.74 -17.53
N ASP F 74 -1.12 29.22 -17.52
CA ASP F 74 -2.26 28.48 -18.06
C ASP F 74 -2.99 29.42 -19.01
N GLY F 75 -3.09 29.03 -20.27
CA GLY F 75 -3.71 29.86 -21.29
C GLY F 75 -5.21 29.70 -21.32
N PHE F 76 -5.83 30.37 -22.28
CA PHE F 76 -7.28 30.35 -22.41
C PHE F 76 -7.75 29.63 -23.67
N TYR F 77 -7.30 30.04 -24.84
CA TYR F 77 -7.84 29.54 -26.10
C TYR F 77 -6.81 28.60 -26.74
N GLY F 78 -7.22 27.36 -26.96
CA GLY F 78 -6.38 26.42 -27.67
C GLY F 78 -6.19 26.73 -29.14
N CYS F 79 -6.93 27.72 -29.67
CA CYS F 79 -6.78 28.08 -31.06
C CYS F 79 -5.53 28.93 -31.26
N GLU F 80 -5.33 29.95 -30.42
CA GLU F 80 -4.14 30.78 -30.54
C GLU F 80 -2.96 30.06 -29.88
N ARG F 81 -2.99 29.95 -28.55
CA ARG F 81 -2.24 28.96 -27.78
C ARG F 81 -0.74 29.02 -28.04
N GLN F 82 -0.30 29.92 -28.89
CA GLN F 82 1.09 30.06 -29.29
C GLN F 82 1.59 31.49 -29.12
N ALA F 83 0.76 32.48 -29.42
CA ALA F 83 1.10 33.84 -29.04
C ALA F 83 1.19 33.97 -27.52
N VAL F 84 0.49 33.10 -26.79
CA VAL F 84 0.70 32.99 -25.35
C VAL F 84 2.12 32.55 -25.05
N PHE F 85 2.60 31.51 -25.76
CA PHE F 85 3.94 30.98 -25.51
C PHE F 85 5.03 31.86 -26.07
N SER F 86 4.92 32.25 -27.35
CA SER F 86 5.92 33.11 -27.97
C SER F 86 6.07 34.45 -27.26
N PHE F 87 5.06 34.85 -26.49
CA PHE F 87 5.20 36.06 -25.67
C PHE F 87 6.16 35.81 -24.51
N ILE F 88 6.13 34.60 -23.95
CA ILE F 88 6.93 34.28 -22.77
C ILE F 88 8.43 34.28 -23.11
N ASP F 89 8.80 33.59 -24.20
CA ASP F 89 10.21 33.42 -24.54
C ASP F 89 10.84 34.72 -25.02
N ASN F 90 10.05 35.62 -25.61
CA ASN F 90 10.58 36.84 -26.22
C ASN F 90 10.45 38.06 -25.33
N TYR F 91 9.44 38.13 -24.46
CA TYR F 91 9.18 39.35 -23.72
C TYR F 91 9.20 39.19 -22.20
N VAL F 92 8.65 38.11 -21.65
CA VAL F 92 8.62 38.02 -20.19
C VAL F 92 9.99 37.56 -19.66
N LEU F 93 10.66 36.65 -20.36
CA LEU F 93 11.91 36.10 -19.84
C LEU F 93 13.00 37.15 -19.65
N PRO F 94 13.24 38.08 -20.57
CA PRO F 94 14.30 39.08 -20.32
C PRO F 94 14.01 39.99 -19.13
N LEU F 95 12.81 39.92 -18.55
CA LEU F 95 12.49 40.67 -17.34
C LEU F 95 12.89 39.94 -16.08
N ILE F 96 13.17 38.64 -16.16
CA ILE F 96 13.46 37.86 -14.97
C ILE F 96 14.83 38.23 -14.38
N ASP F 97 15.85 38.36 -15.24
CA ASP F 97 17.19 38.66 -14.76
C ASP F 97 17.24 40.04 -14.10
N ASN F 98 16.63 41.04 -14.76
CA ASN F 98 16.56 42.38 -14.17
C ASN F 98 15.70 42.41 -12.91
N PHE F 99 14.86 41.40 -12.70
CA PHE F 99 13.98 41.38 -11.53
C PHE F 99 14.76 41.05 -10.26
N SER F 100 15.57 39.98 -10.28
CA SER F 100 16.29 39.58 -9.09
C SER F 100 17.23 40.68 -8.60
N LEU F 101 17.78 41.47 -9.52
CA LEU F 101 18.61 42.59 -9.11
C LEU F 101 17.78 43.66 -8.40
N ASP F 102 16.64 44.03 -8.99
CA ASP F 102 15.77 45.02 -8.37
C ASP F 102 15.27 44.56 -7.01
N LEU F 103 15.15 43.24 -6.82
CA LEU F 103 14.85 42.72 -5.48
C LEU F 103 16.04 42.90 -4.53
N THR F 104 17.26 42.71 -5.04
CA THR F 104 18.45 42.90 -4.22
C THR F 104 18.76 44.38 -4.02
N ARG F 105 18.67 45.17 -5.10
CA ARG F 105 18.99 46.59 -4.99
C ARG F 105 17.91 47.34 -4.21
N TYR F 106 16.64 47.16 -4.59
CA TYR F 106 15.56 47.89 -3.94
C TYR F 106 15.00 47.05 -2.80
N PRO F 107 14.80 47.63 -1.62
CA PRO F 107 14.42 46.81 -0.46
C PRO F 107 12.96 46.41 -0.44
N ASP F 108 12.07 47.31 -0.88
CA ASP F 108 10.64 47.06 -0.81
C ASP F 108 10.25 46.02 -1.85
N SER F 109 9.97 44.80 -1.38
CA SER F 109 9.54 43.74 -2.29
C SER F 109 8.23 44.08 -2.97
N LYS F 110 7.33 44.78 -2.27
CA LYS F 110 6.01 45.07 -2.82
C LYS F 110 6.08 46.04 -3.98
N LYS F 111 6.97 47.03 -3.92
CA LYS F 111 6.98 48.10 -4.92
C LYS F 111 7.34 47.59 -6.30
N VAL F 112 8.49 46.92 -6.43
CA VAL F 112 8.96 46.52 -7.75
C VAL F 112 8.06 45.41 -8.33
N THR F 113 7.56 44.53 -7.46
CA THR F 113 6.67 43.46 -7.94
C THR F 113 5.43 44.03 -8.61
N GLU F 114 4.81 45.04 -7.98
CA GLU F 114 3.69 45.73 -8.62
C GLU F 114 4.14 46.42 -9.90
N SER F 115 5.31 47.06 -9.87
CA SER F 115 5.83 47.72 -11.06
C SER F 115 6.07 46.71 -12.18
N LEU F 116 6.57 45.52 -11.84
CA LEU F 116 6.77 44.48 -12.85
C LEU F 116 5.44 44.04 -13.44
N ILE F 117 4.44 43.80 -12.59
CA ILE F 117 3.12 43.40 -13.08
C ILE F 117 2.54 44.47 -13.99
N HIS F 118 2.71 45.74 -13.61
CA HIS F 118 2.35 46.82 -14.52
C HIS F 118 3.18 46.72 -15.80
N THR F 119 4.50 46.52 -15.64
CA THR F 119 5.38 46.37 -16.79
C THR F 119 5.07 45.12 -17.60
N ILE F 120 4.62 44.04 -16.95
CA ILE F 120 4.24 42.85 -17.71
C ILE F 120 2.98 43.12 -18.53
N TYR F 121 1.99 43.79 -17.93
CA TYR F 121 0.77 44.15 -18.66
C TYR F 121 1.09 45.16 -19.76
N SER F 122 1.91 46.16 -19.45
CA SER F 122 2.25 47.18 -20.44
C SER F 122 2.93 46.57 -21.65
N LEU F 123 3.74 45.53 -21.44
CA LEU F 123 4.39 44.88 -22.58
C LEU F 123 3.40 44.00 -23.34
N ARG F 124 2.54 43.26 -22.63
CA ARG F 124 1.59 42.38 -23.31
C ARG F 124 0.52 43.15 -24.08
N SER F 125 0.32 44.43 -23.77
CA SER F 125 -0.74 45.19 -24.44
C SER F 125 -0.33 45.58 -25.86
N LYS F 126 0.76 46.33 -25.98
CA LYS F 126 1.22 46.89 -27.24
C LYS F 126 2.15 45.96 -28.02
N HIS F 127 2.35 44.73 -27.55
CA HIS F 127 3.21 43.78 -28.25
C HIS F 127 2.52 42.47 -28.60
N ALA F 128 1.60 41.98 -27.77
CA ALA F 128 0.84 40.78 -28.06
C ALA F 128 -0.46 40.79 -27.26
N PRO F 129 -1.40 41.66 -27.61
CA PRO F 129 -2.64 41.75 -26.83
C PRO F 129 -3.55 40.55 -27.00
N LEU F 130 -3.28 39.69 -27.98
CA LEU F 130 -4.12 38.53 -28.21
C LEU F 130 -3.95 37.47 -27.13
N ALA F 131 -2.88 37.55 -26.34
CA ALA F 131 -2.59 36.52 -25.35
C ALA F 131 -3.48 36.74 -24.13
N GLU F 132 -4.23 35.71 -23.76
CA GLU F 132 -5.06 35.71 -22.56
C GLU F 132 -4.75 34.44 -21.79
N PHE F 133 -4.24 34.59 -20.56
CA PHE F 133 -3.75 33.44 -19.81
C PHE F 133 -3.81 33.74 -18.32
N THR F 134 -3.53 32.70 -17.53
CA THR F 134 -3.36 32.82 -16.09
C THR F 134 -1.91 32.43 -15.81
N MET F 135 -1.17 33.30 -15.13
CA MET F 135 0.26 33.07 -14.93
C MET F 135 0.63 33.14 -13.46
N SER F 136 1.69 32.41 -13.11
CA SER F 136 2.27 32.48 -11.79
C SER F 136 3.76 32.25 -11.93
N LEU F 137 4.54 32.93 -11.08
CA LEU F 137 5.98 32.82 -11.15
C LEU F 137 6.58 33.13 -9.79
N CYS F 138 7.74 32.55 -9.54
CA CYS F 138 8.54 32.84 -8.37
C CYS F 138 10.00 32.93 -8.81
N VAL F 139 10.76 33.79 -8.12
CA VAL F 139 12.16 33.98 -8.45
C VAL F 139 12.92 34.13 -7.14
N THR F 140 14.15 33.61 -7.10
CA THR F 140 15.00 33.73 -5.94
C THR F 140 15.89 34.95 -6.07
N TYR F 141 16.27 35.53 -4.94
CA TYR F 141 17.19 36.65 -4.94
C TYR F 141 18.02 36.62 -3.66
N GLN F 142 19.20 37.23 -3.74
CA GLN F 142 20.22 37.16 -2.69
C GLN F 142 20.49 38.56 -2.16
N LYS F 143 19.90 38.89 -1.01
CA LYS F 143 20.18 40.14 -0.33
C LYS F 143 21.25 39.99 0.74
N ASP F 144 21.16 38.95 1.55
CA ASP F 144 22.15 38.59 2.57
C ASP F 144 22.72 37.22 2.23
N GLU F 145 23.50 36.66 3.16
CA GLU F 145 24.00 35.30 2.98
C GLU F 145 22.86 34.31 2.71
N GLN F 146 21.70 34.54 3.32
CA GLN F 146 20.57 33.64 3.15
C GLN F 146 19.75 34.02 1.92
N LEU F 147 18.98 33.05 1.45
CA LEU F 147 18.21 33.19 0.22
C LEU F 147 16.77 33.58 0.49
N PHE F 148 16.23 34.44 -0.38
CA PHE F 148 14.83 34.87 -0.34
C PHE F 148 14.21 34.57 -1.70
N CYS F 149 12.91 34.23 -1.69
CA CYS F 149 12.17 33.97 -2.92
C CYS F 149 10.92 34.82 -2.95
N ALA F 150 10.60 35.35 -4.13
CA ALA F 150 9.48 36.27 -4.29
C ALA F 150 8.87 36.13 -5.68
N GLY F 151 7.55 36.23 -5.73
CA GLY F 151 6.80 36.18 -6.97
C GLY F 151 5.40 36.71 -6.73
N PHE F 152 4.52 36.52 -7.71
CA PHE F 152 3.17 37.02 -7.50
C PHE F 152 2.03 36.08 -7.90
N GLY F 153 2.09 35.39 -9.03
CA GLY F 153 1.03 34.40 -9.21
C GLY F 153 -0.42 34.82 -9.47
N ILE F 154 -0.79 35.14 -10.72
CA ILE F 154 -2.14 35.63 -10.99
C ILE F 154 -2.88 34.57 -11.82
N GLY F 155 -3.94 34.00 -11.23
CA GLY F 155 -4.85 33.07 -11.89
C GLY F 155 -5.12 31.87 -11.01
N ASP F 156 -5.51 30.77 -11.66
CA ASP F 156 -5.92 29.54 -10.98
C ASP F 156 -4.73 28.67 -10.54
N THR F 157 -3.54 29.24 -10.50
CA THR F 157 -2.33 28.52 -10.16
C THR F 157 -2.03 28.66 -8.65
N GLY F 158 -0.90 28.10 -8.22
CA GLY F 158 -0.51 28.13 -6.82
C GLY F 158 0.87 27.56 -6.56
N ILE F 159 1.55 28.08 -5.54
CA ILE F 159 2.89 27.65 -5.16
C ILE F 159 2.89 27.23 -3.70
N ALA F 160 3.66 26.17 -3.39
CA ALA F 160 3.81 25.68 -2.03
C ALA F 160 5.30 25.49 -1.75
N ILE F 161 5.64 25.35 -0.46
CA ILE F 161 7.03 25.24 -0.03
C ILE F 161 7.16 24.18 1.06
N LYS F 162 8.31 23.52 1.09
CA LYS F 162 8.65 22.52 2.10
C LYS F 162 9.98 22.90 2.75
N ARG F 163 9.97 23.08 4.07
CA ARG F 163 11.16 23.57 4.78
C ARG F 163 12.05 22.44 5.32
N ASN F 164 12.32 21.44 4.48
CA ASN F 164 13.22 20.32 4.74
C ASN F 164 12.80 19.40 5.89
N GLU F 165 11.79 19.80 6.66
CA GLU F 165 11.28 18.98 7.75
C GLU F 165 9.81 18.65 7.60
N GLY F 166 9.14 19.24 6.62
CA GLY F 166 7.74 19.04 6.37
C GLY F 166 6.88 20.08 7.04
N THR F 167 6.57 21.13 6.29
CA THR F 167 5.61 22.17 6.65
C THR F 167 5.13 22.70 5.31
N ILE F 168 3.83 22.68 5.09
CA ILE F 168 3.27 23.08 3.81
C ILE F 168 2.72 24.49 3.98
N GLU F 169 3.58 25.47 3.71
CA GLU F 169 3.14 26.85 3.64
C GLU F 169 2.65 27.08 2.22
N GLN F 170 1.56 27.81 2.09
CA GLN F 170 0.98 28.05 0.78
C GLN F 170 1.45 29.43 0.35
N LEU F 171 2.25 29.46 -0.72
CA LEU F 171 2.59 30.70 -1.40
C LEU F 171 1.38 31.07 -2.23
N VAL F 172 1.54 31.93 -3.24
CA VAL F 172 0.40 32.55 -3.93
C VAL F 172 -0.72 31.54 -4.13
N CYS F 173 -1.93 31.91 -3.70
CA CYS F 173 -3.04 30.99 -3.59
C CYS F 173 -3.99 31.12 -4.77
N HIS F 174 -4.96 30.22 -4.82
CA HIS F 174 -5.96 30.21 -5.88
C HIS F 174 -7.06 31.20 -5.51
N THR F 175 -7.05 32.35 -6.16
CA THR F 175 -8.06 33.37 -5.92
C THR F 175 -9.29 33.07 -6.76
N GLU F 176 -10.45 33.04 -6.12
CA GLU F 176 -11.71 32.77 -6.81
C GLU F 176 -12.64 33.96 -6.59
N VAL F 177 -12.93 34.68 -7.68
CA VAL F 177 -13.85 35.81 -7.64
C VAL F 177 -15.21 35.28 -8.10
N ASP F 178 -16.04 34.93 -7.11
CA ASP F 178 -17.43 34.52 -7.32
C ASP F 178 -17.60 33.43 -8.38
N GLY F 179 -16.61 32.54 -8.49
CA GLY F 179 -16.69 31.47 -9.47
C GLY F 179 -16.01 31.73 -10.79
N PHE F 180 -15.21 32.79 -10.90
CA PHE F 180 -14.48 33.12 -12.11
C PHE F 180 -12.99 33.19 -11.80
N LYS F 181 -12.16 32.72 -12.72
CA LYS F 181 -10.72 32.70 -12.52
C LYS F 181 -10.13 33.95 -13.18
N ASP F 182 -9.89 34.98 -12.36
CA ASP F 182 -9.25 36.20 -12.82
C ASP F 182 -7.89 35.89 -13.43
N ALA F 183 -7.60 36.51 -14.58
CA ALA F 183 -6.44 36.13 -15.38
C ALA F 183 -5.83 37.36 -16.01
N PHE F 184 -4.85 37.13 -16.90
CA PHE F 184 -4.18 38.20 -17.63
C PHE F 184 -4.90 38.53 -18.93
N ASP F 185 -6.20 38.76 -18.86
CA ASP F 185 -6.97 39.15 -20.03
C ASP F 185 -7.13 40.67 -20.05
N ASN F 186 -7.54 41.19 -21.21
CA ASN F 186 -7.79 42.62 -21.30
C ASN F 186 -8.95 43.03 -20.40
N TYR F 187 -9.86 42.08 -20.12
CA TYR F 187 -11.00 42.39 -19.26
C TYR F 187 -10.52 42.79 -17.87
N SER F 188 -9.49 42.13 -17.35
CA SER F 188 -8.91 42.53 -16.08
C SER F 188 -7.88 43.65 -16.22
N SER F 189 -7.52 44.03 -17.45
CA SER F 189 -6.45 44.99 -17.68
C SER F 189 -6.85 46.42 -17.29
N ALA F 190 -8.08 46.62 -16.83
CA ALA F 190 -8.55 47.91 -16.35
C ALA F 190 -8.69 47.97 -14.84
N ASN F 191 -8.81 46.81 -14.19
CA ASN F 191 -8.90 46.72 -12.73
C ASN F 191 -7.54 46.40 -12.12
N ILE F 192 -6.45 46.91 -12.72
CA ILE F 192 -5.09 46.48 -12.36
C ILE F 192 -4.87 46.57 -10.86
N ASP F 193 -5.01 47.78 -10.31
CA ASP F 193 -4.81 47.95 -8.88
C ASP F 193 -5.82 47.13 -8.10
N LEU F 194 -7.02 46.96 -8.64
CA LEU F 194 -8.02 46.13 -7.97
C LEU F 194 -7.66 44.66 -8.08
N VAL F 195 -7.13 44.25 -9.24
CA VAL F 195 -6.68 42.87 -9.39
C VAL F 195 -5.53 42.60 -8.44
N ILE F 196 -4.66 43.59 -8.21
CA ILE F 196 -3.50 43.39 -7.36
C ILE F 196 -3.91 43.34 -5.89
N GLU F 197 -4.77 44.26 -5.46
CA GLU F 197 -5.14 44.32 -4.04
C GLU F 197 -5.89 43.06 -3.60
N ARG F 198 -6.58 42.39 -4.52
CA ARG F 198 -7.34 41.19 -4.19
C ARG F 198 -6.59 39.90 -4.53
N ASN F 199 -5.52 39.98 -5.32
CA ASN F 199 -4.73 38.81 -5.64
C ASN F 199 -3.50 38.77 -4.74
N SER F 200 -2.75 37.68 -4.86
CA SER F 200 -1.71 37.33 -3.91
C SER F 200 -0.36 37.78 -4.44
N VAL F 201 0.40 38.52 -3.63
CA VAL F 201 1.80 38.80 -3.88
C VAL F 201 2.56 38.41 -2.64
N PHE F 202 3.83 38.02 -2.80
CA PHE F 202 4.58 37.50 -1.67
C PHE F 202 6.06 37.82 -1.80
N ASN F 203 6.78 37.59 -0.71
CA ASN F 203 8.24 37.63 -0.65
C ASN F 203 8.65 36.89 0.61
N THR F 204 9.37 35.78 0.45
CA THR F 204 9.64 34.92 1.60
C THR F 204 11.06 34.38 1.57
N LYS F 205 11.60 34.15 2.76
CA LYS F 205 12.91 33.54 2.92
C LYS F 205 12.88 32.05 2.59
N VAL F 206 13.95 31.58 1.97
CA VAL F 206 14.05 30.19 1.54
C VAL F 206 15.41 29.65 1.95
N MET F 207 15.45 28.38 2.29
CA MET F 207 16.65 27.66 2.67
C MET F 207 17.00 26.61 1.63
N PRO F 208 18.27 26.21 1.52
CA PRO F 208 18.62 25.16 0.55
C PRO F 208 17.85 23.89 0.85
N GLY F 209 17.44 23.19 -0.21
CA GLY F 209 16.61 22.01 -0.08
C GLY F 209 15.12 22.27 -0.11
N ASP F 210 14.68 23.54 -0.05
CA ASP F 210 13.26 23.83 -0.13
C ASP F 210 12.71 23.47 -1.50
N GLU F 211 11.51 22.90 -1.51
CA GLU F 211 10.91 22.35 -2.72
C GLU F 211 9.82 23.30 -3.21
N LEU F 212 10.07 23.98 -4.33
CA LEU F 212 9.08 24.86 -4.94
C LEU F 212 8.25 24.06 -5.93
N VAL F 213 6.93 24.06 -5.75
CA VAL F 213 6.01 23.31 -6.60
C VAL F 213 4.93 24.24 -7.11
N GLY F 214 4.73 24.25 -8.42
CA GLY F 214 3.67 25.04 -9.03
C GLY F 214 2.69 24.15 -9.76
N TYR F 215 1.42 24.47 -9.65
CA TYR F 215 0.34 23.66 -10.24
C TYR F 215 -0.64 24.59 -10.92
N THR F 216 -1.46 24.02 -11.82
CA THR F 216 -2.46 24.76 -12.57
C THR F 216 -3.89 24.41 -12.20
N TYR F 217 -4.23 23.13 -12.09
CA TYR F 217 -5.58 22.72 -11.76
C TYR F 217 -5.56 21.56 -10.78
N VAL F 218 -6.52 21.56 -9.86
CA VAL F 218 -6.70 20.49 -8.89
C VAL F 218 -8.19 20.29 -8.65
N PRO F 219 -8.65 19.05 -8.48
CA PRO F 219 -10.03 18.82 -8.02
C PRO F 219 -10.27 19.48 -6.67
N PRO F 220 -11.38 20.20 -6.50
CA PRO F 220 -11.57 21.01 -5.30
C PRO F 220 -11.66 20.23 -3.99
N MET F 221 -11.76 18.89 -4.02
CA MET F 221 -11.80 18.13 -2.77
C MET F 221 -10.51 18.28 -1.99
N LEU F 222 -9.41 18.63 -2.65
CA LEU F 222 -8.14 18.87 -2.00
C LEU F 222 -7.92 20.34 -1.67
N GLU F 223 -8.76 21.23 -2.20
CA GLU F 223 -8.62 22.65 -1.94
C GLU F 223 -9.37 23.00 -0.66
N MET F 224 -8.71 23.76 0.22
CA MET F 224 -9.32 24.29 1.42
C MET F 224 -9.23 25.80 1.42
N THR F 225 -10.34 26.46 1.75
CA THR F 225 -10.39 27.91 1.77
C THR F 225 -9.74 28.46 3.03
N GLU F 226 -8.77 29.35 2.85
CA GLU F 226 -8.07 29.99 3.97
C GLU F 226 -8.68 31.34 4.33
N LYS F 227 -8.93 32.18 3.34
CA LYS F 227 -9.45 33.52 3.57
C LYS F 227 -10.67 33.76 2.68
N GLU F 228 -11.68 34.38 3.27
CA GLU F 228 -12.86 34.84 2.56
C GLU F 228 -13.05 36.32 2.88
N PHE F 229 -13.13 37.14 1.83
CA PHE F 229 -13.38 38.56 2.00
C PHE F 229 -14.15 39.03 0.77
N GLU F 230 -14.28 40.35 0.61
CA GLU F 230 -15.24 40.92 -0.31
C GLU F 230 -14.61 42.03 -1.14
N VAL F 231 -15.25 42.30 -2.28
CA VAL F 231 -14.85 43.36 -3.20
C VAL F 231 -16.10 44.15 -3.58
N GLU F 232 -16.08 45.45 -3.32
CA GLU F 232 -17.19 46.34 -3.69
C GLU F 232 -16.83 47.13 -4.94
N ILE F 243 -17.38 39.34 -3.29
CA ILE F 243 -16.74 38.41 -2.37
C ILE F 243 -15.50 37.81 -3.01
N VAL F 244 -14.46 37.57 -2.21
CA VAL F 244 -13.21 37.00 -2.68
C VAL F 244 -12.92 35.75 -1.87
N ARG F 245 -12.34 34.75 -2.53
CA ARG F 245 -11.97 33.50 -1.89
C ARG F 245 -10.50 33.22 -2.16
N HIS F 246 -9.69 33.19 -1.10
CA HIS F 246 -8.32 32.74 -1.19
C HIS F 246 -8.30 31.28 -0.76
N LEU F 247 -7.81 30.41 -1.64
CA LEU F 247 -7.96 28.97 -1.47
C LEU F 247 -6.59 28.33 -1.60
N ASN F 248 -6.26 27.46 -0.64
CA ASN F 248 -4.96 26.83 -0.54
C ASN F 248 -5.04 25.34 -0.86
N LEU F 249 -3.92 24.65 -0.68
CA LEU F 249 -3.85 23.21 -0.85
C LEU F 249 -3.94 22.55 0.52
N ASP F 250 -4.85 21.60 0.66
CA ASP F 250 -5.05 20.93 1.95
C ASP F 250 -3.82 20.09 2.28
N PRO F 251 -3.06 20.43 3.33
CA PRO F 251 -1.88 19.63 3.67
C PRO F 251 -2.16 18.45 4.58
N GLY F 252 -3.39 18.32 5.09
CA GLY F 252 -3.68 17.26 6.04
C GLY F 252 -3.59 15.87 5.43
N ASN F 253 -3.89 15.75 4.14
CA ASN F 253 -3.78 14.48 3.44
C ASN F 253 -2.40 14.27 2.84
N PHE F 254 -1.44 15.10 3.24
CA PHE F 254 -0.04 14.97 2.85
C PHE F 254 0.80 14.75 4.10
N ASP F 255 1.94 14.10 3.92
CA ASP F 255 2.86 13.86 5.02
C ASP F 255 4.06 14.79 4.87
N ASP F 256 4.84 14.87 5.94
CA ASP F 256 5.93 15.81 6.05
C ASP F 256 7.29 15.20 5.72
N LYS F 257 7.35 13.88 5.54
CA LYS F 257 8.59 13.15 5.29
C LYS F 257 8.93 13.08 3.80
N ASP F 258 7.94 12.77 2.97
CA ASP F 258 8.18 12.58 1.56
C ASP F 258 8.20 13.93 0.84
N PRO F 259 8.88 14.01 -0.32
CA PRO F 259 8.87 15.27 -1.08
C PRO F 259 7.45 15.61 -1.50
N LEU F 260 7.24 16.89 -1.81
CA LEU F 260 5.88 17.33 -2.15
C LEU F 260 5.49 16.85 -3.54
N PHE F 261 6.31 17.15 -4.54
CA PHE F 261 5.99 16.78 -5.92
C PHE F 261 5.81 15.28 -6.08
N SER F 262 6.74 14.50 -5.51
CA SER F 262 6.66 13.04 -5.66
C SER F 262 5.45 12.48 -4.93
N GLN F 263 5.09 13.06 -3.78
CA GLN F 263 3.90 12.63 -3.07
C GLN F 263 2.61 13.13 -3.73
N LEU F 264 2.68 14.30 -4.37
CA LEU F 264 1.49 14.89 -4.98
C LEU F 264 0.94 13.99 -6.08
N LEU F 265 1.81 13.41 -6.89
CA LEU F 265 1.38 12.54 -7.97
C LEU F 265 0.78 11.24 -7.45
N GLN F 266 1.04 10.87 -6.19
CA GLN F 266 0.49 9.64 -5.63
C GLN F 266 -0.99 9.73 -5.33
N VAL F 267 -1.55 10.94 -5.23
CA VAL F 267 -2.95 11.10 -4.85
C VAL F 267 -3.86 11.34 -6.05
N VAL F 268 -3.38 12.08 -7.06
CA VAL F 268 -4.22 12.39 -8.22
C VAL F 268 -4.54 11.13 -9.02
N LYS F 269 -3.53 10.31 -9.30
CA LYS F 269 -3.78 9.03 -9.98
C LYS F 269 -4.69 8.15 -9.14
N SER F 270 -4.53 8.21 -7.82
CA SER F 270 -5.45 7.50 -6.92
C SER F 270 -6.82 8.15 -6.91
N LYS F 271 -6.88 9.46 -7.13
CA LYS F 271 -8.14 10.18 -7.14
C LYS F 271 -8.90 9.98 -8.46
N GLN F 272 -8.17 9.71 -9.54
CA GLN F 272 -8.79 9.49 -10.85
C GLN F 272 -9.68 8.26 -10.82
N LYS F 273 -9.14 7.13 -10.35
CA LYS F 273 -9.92 5.89 -10.30
C LYS F 273 -11.18 6.05 -9.46
N GLN F 274 -11.12 6.82 -8.37
CA GLN F 274 -12.32 7.06 -7.58
C GLN F 274 -13.29 8.00 -8.28
N LEU F 275 -12.78 8.86 -9.16
CA LEU F 275 -13.68 9.74 -9.91
C LEU F 275 -14.36 8.98 -11.05
N VAL F 276 -13.62 8.12 -11.75
CA VAL F 276 -14.23 7.35 -12.82
C VAL F 276 -15.18 6.30 -12.24
N GLU F 277 -14.80 5.68 -11.11
CA GLU F 277 -15.72 4.78 -10.41
C GLU F 277 -16.97 5.53 -9.94
N GLN F 278 -16.81 6.81 -9.58
CA GLN F 278 -17.97 7.65 -9.29
C GLN F 278 -18.77 7.92 -10.55
N ALA F 279 -18.10 7.94 -11.70
CA ALA F 279 -18.75 8.19 -12.99
C ALA F 279 -19.33 6.92 -13.60
N LYS F 280 -19.05 5.76 -13.02
CA LYS F 280 -19.56 4.49 -13.53
C LYS F 280 -20.97 4.23 -13.01
N GLN F 286 -20.68 12.02 -20.10
CA GLN F 286 -20.30 12.87 -18.99
C GLN F 286 -19.19 13.83 -19.44
N ARG F 287 -18.94 14.88 -18.65
CA ARG F 287 -18.02 15.93 -19.04
C ARG F 287 -17.21 16.36 -17.83
N PHE F 288 -15.88 16.20 -17.93
CA PHE F 288 -14.95 16.75 -16.94
C PHE F 288 -13.55 16.62 -17.50
N GLY F 289 -12.61 17.24 -16.78
CA GLY F 289 -11.19 17.14 -17.09
C GLY F 289 -10.63 18.46 -17.57
N ASP F 290 -9.48 18.85 -17.03
CA ASP F 290 -8.78 20.05 -17.48
C ASP F 290 -7.31 19.71 -17.66
N ASP F 291 -6.52 20.71 -18.05
CA ASP F 291 -5.09 20.52 -18.20
C ASP F 291 -4.43 20.56 -16.82
N PHE F 292 -3.74 19.48 -16.46
CA PHE F 292 -3.05 19.36 -15.18
C PHE F 292 -1.55 19.47 -15.47
N THR F 293 -0.95 20.61 -15.15
CA THR F 293 0.47 20.81 -15.33
C THR F 293 1.09 21.26 -14.02
N VAL F 294 2.17 20.59 -13.62
CA VAL F 294 2.81 20.82 -12.33
C VAL F 294 4.31 20.92 -12.55
N GLY F 295 4.95 21.84 -11.85
CA GLY F 295 6.39 22.02 -11.92
C GLY F 295 7.01 21.92 -10.55
N ARG F 296 8.21 21.33 -10.49
CA ARG F 296 8.93 21.14 -9.24
C ARG F 296 10.29 21.81 -9.33
N LEU F 297 10.63 22.58 -8.29
CA LEU F 297 11.94 23.22 -8.21
C LEU F 297 12.44 23.07 -6.79
N VAL F 298 13.72 22.77 -6.66
CA VAL F 298 14.37 22.62 -5.35
C VAL F 298 15.38 23.75 -5.21
N ILE F 299 15.35 24.42 -4.07
CA ILE F 299 16.23 25.58 -3.86
C ILE F 299 17.68 25.11 -3.87
N PRO F 300 18.54 25.69 -4.71
CA PRO F 300 19.91 25.17 -4.82
C PRO F 300 20.78 25.63 -3.65
N ASP F 301 21.90 24.93 -3.48
CA ASP F 301 22.86 25.31 -2.47
C ASP F 301 23.79 26.39 -3.01
N GLN F 302 24.58 26.98 -2.11
CA GLN F 302 25.56 27.98 -2.53
C GLN F 302 26.64 27.38 -3.41
N LEU F 303 26.84 26.07 -3.34
CA LEU F 303 27.84 25.42 -4.15
C LEU F 303 27.38 25.28 -5.60
N LEU F 304 26.12 24.86 -5.79
CA LEU F 304 25.57 24.68 -7.12
C LEU F 304 25.52 26.00 -7.88
N ILE F 305 25.31 27.12 -7.16
CA ILE F 305 25.15 28.43 -7.80
C ILE F 305 26.35 28.74 -8.69
N ASN F 306 27.57 28.51 -8.18
CA ASN F 306 28.76 28.80 -8.97
C ASN F 306 28.79 27.96 -10.24
N GLN F 307 28.67 26.64 -10.10
CA GLN F 307 28.68 25.77 -11.27
C GLN F 307 27.52 26.09 -12.20
N LEU F 308 26.45 26.70 -11.69
CA LEU F 308 25.45 27.31 -12.55
C LEU F 308 25.97 28.61 -13.16
N ARG F 309 26.48 29.52 -12.31
CA ARG F 309 27.10 30.74 -12.79
C ARG F 309 28.26 30.46 -13.74
N ILE F 310 29.00 29.36 -13.50
CA ILE F 310 30.08 28.98 -14.41
C ILE F 310 29.53 28.73 -15.81
N HIS F 311 28.46 27.94 -15.89
CA HIS F 311 27.89 27.56 -17.18
C HIS F 311 27.25 28.73 -17.92
N ALA F 312 26.85 29.78 -17.22
CA ALA F 312 26.28 30.94 -17.91
C ALA F 312 27.29 31.53 -18.88
N LEU F 313 28.56 31.62 -18.48
CA LEU F 313 29.59 32.14 -19.37
C LEU F 313 29.85 31.19 -20.52
N SER F 314 30.03 29.90 -20.23
CA SER F 314 30.32 28.92 -21.28
C SER F 314 29.25 28.95 -22.36
N ILE F 315 28.01 29.26 -22.00
CA ILE F 315 26.95 29.39 -22.99
C ILE F 315 27.16 30.65 -23.82
N GLY F 316 27.52 31.75 -23.18
CA GLY F 316 27.69 33.02 -23.87
C GLY F 316 28.91 33.08 -24.77
N VAL F 317 29.97 32.34 -24.42
CA VAL F 317 31.24 32.49 -25.15
C VAL F 317 31.17 31.84 -26.53
N SER F 318 30.38 30.78 -26.68
CA SER F 318 30.42 30.00 -27.92
C SER F 318 29.84 30.78 -29.10
N ASP F 319 28.57 31.16 -28.98
CA ASP F 319 27.74 31.62 -30.09
C ASP F 319 28.18 32.96 -30.70
N GLY F 320 28.92 33.78 -29.97
CA GLY F 320 29.18 35.14 -30.42
C GLY F 320 29.84 35.44 -31.75
N LEU F 321 31.08 35.02 -31.96
CA LEU F 321 31.88 35.47 -33.12
C LEU F 321 31.84 34.50 -34.29
N LEU F 322 30.68 33.94 -34.61
CA LEU F 322 30.61 32.91 -35.64
C LEU F 322 30.26 33.47 -37.01
N SER F 323 29.65 34.66 -37.09
CA SER F 323 29.29 35.28 -38.36
C SER F 323 30.18 36.46 -38.74
N TYR F 324 30.26 37.47 -37.87
CA TYR F 324 30.73 38.80 -38.29
C TYR F 324 32.19 38.83 -38.72
N ILE F 325 32.98 37.79 -38.42
CA ILE F 325 34.35 37.75 -38.94
C ILE F 325 34.34 37.60 -40.46
N LYS F 326 33.25 37.10 -41.04
CA LYS F 326 33.13 37.00 -42.49
C LYS F 326 32.89 38.36 -43.11
N ASN F 327 31.82 39.03 -42.70
CA ASN F 327 31.44 40.32 -43.27
C ASN F 327 32.24 41.47 -42.68
N ASN F 347 40.43 34.51 -40.11
CA ASN F 347 41.01 34.14 -38.82
C ASN F 347 39.93 33.67 -37.85
N ILE F 348 39.30 32.54 -38.19
CA ILE F 348 38.24 31.96 -37.37
C ILE F 348 38.74 30.75 -36.58
N GLU F 349 39.86 30.14 -37.00
CA GLU F 349 40.29 28.85 -36.48
C GLU F 349 40.38 28.82 -34.96
N LYS F 350 40.61 29.97 -34.32
CA LYS F 350 40.71 29.99 -32.87
C LYS F 350 39.34 29.78 -32.23
N ALA F 351 38.36 30.62 -32.59
CA ALA F 351 37.08 30.61 -31.88
C ALA F 351 36.30 29.33 -32.12
N THR F 352 36.36 28.77 -33.33
CA THR F 352 35.71 27.49 -33.58
C THR F 352 36.29 26.40 -32.70
N LEU F 353 37.61 26.41 -32.51
CA LEU F 353 38.23 25.50 -31.56
C LEU F 353 37.94 25.93 -30.13
N TYR F 354 37.68 27.22 -29.91
CA TYR F 354 37.26 27.66 -28.60
C TYR F 354 35.81 27.27 -28.32
N LYS F 355 34.95 27.34 -29.34
CA LYS F 355 33.56 26.97 -29.14
C LYS F 355 33.40 25.48 -28.86
N ASN F 356 34.07 24.63 -29.66
CA ASN F 356 33.84 23.19 -29.56
C ASN F 356 34.45 22.58 -28.30
N LEU F 357 35.66 23.00 -27.89
CA LEU F 357 36.22 22.43 -26.67
C LEU F 357 35.34 22.81 -25.48
N ILE F 358 34.79 24.02 -25.50
CA ILE F 358 33.84 24.42 -24.48
C ILE F 358 32.64 23.50 -24.53
N ALA F 359 32.23 23.08 -25.72
CA ALA F 359 31.18 22.09 -25.87
C ALA F 359 31.63 20.69 -25.48
N LYS F 360 32.94 20.49 -25.33
CA LYS F 360 33.52 19.20 -24.95
C LYS F 360 33.78 19.07 -23.45
N TYR F 361 34.25 20.13 -22.80
CA TYR F 361 34.63 20.07 -21.40
C TYR F 361 33.76 20.93 -20.50
N GLN F 362 32.60 21.35 -20.99
CA GLN F 362 31.67 22.08 -20.14
C GLN F 362 31.09 21.17 -19.08
N ASN F 363 31.11 19.85 -19.32
CA ASN F 363 30.53 18.90 -18.38
C ASN F 363 31.29 18.90 -17.06
N ASN F 364 32.60 19.12 -17.11
CA ASN F 364 33.37 19.37 -15.90
C ASN F 364 33.42 20.88 -15.67
N HIS F 365 33.02 21.29 -14.47
CA HIS F 365 32.76 22.70 -14.20
C HIS F 365 34.02 23.53 -13.99
N PHE F 366 35.18 22.88 -13.77
CA PHE F 366 36.38 23.63 -13.42
C PHE F 366 37.12 24.14 -14.65
N ILE F 367 37.43 23.26 -15.59
CA ILE F 367 38.20 23.65 -16.77
C ILE F 367 37.51 24.76 -17.54
N SER F 368 36.19 24.68 -17.67
CA SER F 368 35.43 25.71 -18.37
C SER F 368 35.80 27.12 -17.95
N LEU F 369 36.29 27.29 -16.71
CA LEU F 369 36.78 28.58 -16.28
C LEU F 369 38.14 28.90 -16.87
N ILE F 370 39.08 27.96 -16.77
CA ILE F 370 40.47 28.25 -17.13
C ILE F 370 40.62 28.48 -18.63
N ILE F 371 39.83 27.77 -19.44
CA ILE F 371 39.84 28.02 -20.88
C ILE F 371 39.50 29.48 -21.17
N LEU F 372 38.51 30.03 -20.47
CA LEU F 372 38.18 31.43 -20.61
C LEU F 372 39.29 32.32 -20.06
N SER F 373 39.85 31.95 -18.90
CA SER F 373 40.95 32.72 -18.33
C SER F 373 42.15 32.78 -19.25
N ALA F 374 42.32 31.75 -20.09
CA ALA F 374 43.38 31.80 -21.09
C ALA F 374 43.00 32.72 -22.24
N LEU F 375 41.72 32.72 -22.63
CA LEU F 375 41.29 33.57 -23.73
C LEU F 375 41.46 35.05 -23.39
N VAL F 376 41.18 35.43 -22.14
CA VAL F 376 41.37 36.83 -21.77
C VAL F 376 42.86 37.12 -21.65
N SER F 377 43.64 36.12 -21.23
CA SER F 377 45.08 36.30 -21.12
C SER F 377 45.75 36.32 -22.50
N ASP F 378 45.05 35.83 -23.53
CA ASP F 378 45.62 35.79 -24.87
C ASP F 378 45.68 37.23 -25.39
N SER F 379 46.87 37.83 -25.30
CA SER F 379 47.09 39.16 -25.84
C SER F 379 47.19 39.18 -27.37
N LYS F 380 47.35 38.01 -27.99
CA LYS F 380 47.46 37.91 -29.44
C LYS F 380 46.11 37.81 -30.14
N THR F 381 45.01 37.70 -29.38
CA THR F 381 43.65 37.73 -29.93
C THR F 381 42.86 38.86 -29.28
N PRO F 382 43.26 40.11 -29.50
CA PRO F 382 42.56 41.21 -28.82
C PRO F 382 41.15 41.46 -29.34
N LEU F 383 40.96 41.45 -30.66
CA LEU F 383 39.63 41.70 -31.21
C LEU F 383 38.65 40.59 -30.80
N MET F 384 39.12 39.34 -30.79
CA MET F 384 38.25 38.25 -30.35
C MET F 384 37.84 38.43 -28.90
N THR F 385 38.72 39.02 -28.09
CA THR F 385 38.34 39.42 -26.74
C THR F 385 37.46 40.67 -26.79
N GLN F 386 37.86 41.65 -27.61
CA GLN F 386 37.11 42.89 -27.72
C GLN F 386 35.72 42.65 -28.29
N TYR F 387 35.55 41.58 -29.07
CA TYR F 387 34.24 41.28 -29.62
C TYR F 387 33.30 40.71 -28.56
N LEU F 388 33.81 39.89 -27.65
CA LEU F 388 32.95 39.21 -26.69
C LEU F 388 32.32 40.18 -25.70
N VAL F 389 33.06 41.21 -25.26
CA VAL F 389 32.55 42.11 -24.25
C VAL F 389 31.28 42.79 -24.73
N GLY F 390 31.20 43.09 -26.03
CA GLY F 390 29.96 43.62 -26.58
C GLY F 390 28.86 42.57 -26.59
N TYR F 391 29.20 41.33 -26.95
CA TYR F 391 28.24 40.24 -26.86
C TYR F 391 27.87 39.93 -25.42
N LEU F 392 28.80 40.13 -24.48
CA LEU F 392 28.58 39.86 -23.07
C LEU F 392 28.17 41.10 -22.30
N ASP F 393 28.05 42.25 -22.97
CA ASP F 393 27.67 43.52 -22.36
C ASP F 393 28.57 43.84 -21.16
N PHE F 394 29.87 43.59 -21.33
CA PHE F 394 30.80 43.90 -20.26
C PHE F 394 31.61 45.13 -20.60
N PRO F 395 31.73 46.08 -19.66
CA PRO F 395 32.41 47.35 -20.00
C PRO F 395 33.91 47.18 -20.18
N SER F 396 34.56 46.40 -19.31
CA SER F 396 36.00 46.28 -19.28
C SER F 396 36.40 44.80 -19.37
N LYS F 397 37.49 44.55 -20.11
CA LYS F 397 38.04 43.19 -20.18
C LYS F 397 38.35 42.66 -18.78
N ALA F 398 38.84 43.53 -17.90
CA ALA F 398 39.26 43.08 -16.58
C ALA F 398 38.08 42.55 -15.78
N LEU F 399 36.91 43.19 -15.90
CA LEU F 399 35.72 42.67 -15.23
C LEU F 399 35.40 41.26 -15.68
N LEU F 400 35.65 40.94 -16.95
CA LEU F 400 35.47 39.56 -17.41
C LEU F 400 36.48 38.64 -16.75
N ALA F 401 37.75 39.04 -16.73
CA ALA F 401 38.76 38.22 -16.07
C ALA F 401 38.52 38.17 -14.56
N ASN F 402 38.00 39.27 -13.99
CA ASN F 402 37.65 39.29 -12.58
C ASN F 402 36.48 38.37 -12.28
N LYS F 403 35.42 38.45 -13.08
CA LYS F 403 34.26 37.58 -12.87
C LYS F 403 34.66 36.11 -12.97
N ILE F 404 35.63 35.80 -13.83
CA ILE F 404 36.18 34.44 -13.90
C ILE F 404 36.83 34.07 -12.58
N THR F 405 37.73 34.93 -12.09
CA THR F 405 38.48 34.61 -10.88
C THR F 405 37.59 34.52 -9.66
N GLU F 406 36.61 35.42 -9.53
CA GLU F 406 35.73 35.42 -8.38
C GLU F 406 34.96 34.10 -8.29
N LEU F 407 34.41 33.65 -9.42
CA LEU F 407 33.72 32.37 -9.44
C LEU F 407 34.69 31.20 -9.34
N LEU F 408 35.94 31.39 -9.73
CA LEU F 408 36.92 30.31 -9.67
C LEU F 408 37.22 29.95 -8.22
N LEU F 409 37.48 30.95 -7.38
CA LEU F 409 37.87 30.69 -6.00
C LEU F 409 36.73 30.04 -5.22
N LYS F 410 35.48 30.46 -5.48
CA LYS F 410 34.36 29.82 -4.80
C LYS F 410 34.17 28.39 -5.29
N GLU F 411 34.50 28.12 -6.55
CA GLU F 411 34.53 26.74 -7.02
C GLU F 411 35.75 26.00 -6.49
N LEU F 412 36.80 26.73 -6.12
CA LEU F 412 37.94 26.09 -5.45
C LEU F 412 37.56 25.66 -4.04
N GLU F 413 36.62 26.38 -3.43
CA GLU F 413 36.09 25.98 -2.13
C GLU F 413 35.14 24.80 -2.20
N ASN F 414 34.77 24.37 -3.40
CA ASN F 414 33.94 23.17 -3.56
C ASN F 414 34.71 21.98 -3.01
N PRO F 415 34.17 21.24 -2.05
CA PRO F 415 34.93 20.11 -1.47
C PRO F 415 35.30 19.03 -2.48
N ASP F 416 34.68 18.97 -3.65
CA ASP F 416 35.02 17.92 -4.62
C ASP F 416 36.35 18.19 -5.30
N MET F 417 36.68 19.47 -5.52
CA MET F 417 37.93 19.82 -6.18
C MET F 417 39.12 19.72 -5.24
N ARG F 418 38.88 19.86 -3.94
CA ARG F 418 39.94 19.70 -2.95
C ARG F 418 40.64 18.35 -3.05
N GLU F 419 39.93 17.30 -3.47
CA GLU F 419 40.59 16.02 -3.68
C GLU F 419 41.58 16.07 -4.83
N ILE F 420 41.31 16.87 -5.86
CA ILE F 420 42.20 16.91 -7.01
C ILE F 420 43.31 17.94 -6.81
N LEU F 421 43.08 18.94 -5.97
CA LEU F 421 44.08 19.97 -5.66
C LEU F 421 44.43 19.82 -4.18
N GLY F 422 45.58 19.20 -3.90
CA GLY F 422 46.05 18.99 -2.54
C GLY F 422 47.42 19.60 -2.30
N SER F 423 47.48 20.61 -1.42
CA SER F 423 48.70 21.39 -1.21
C SER F 423 49.23 21.90 -2.54
N ARG F 424 48.30 22.29 -3.40
CA ARG F 424 48.54 22.58 -4.80
C ARG F 424 48.04 23.99 -5.10
N LEU F 425 48.40 24.96 -4.26
CA LEU F 425 47.87 26.32 -4.32
C LEU F 425 47.64 26.78 -5.75
N ALA F 426 46.37 27.10 -6.04
CA ALA F 426 45.92 27.29 -7.42
C ALA F 426 46.63 28.44 -8.12
N THR F 427 47.14 29.42 -7.36
CA THR F 427 47.71 30.62 -7.97
C THR F 427 48.77 30.28 -9.03
N ASP F 428 49.63 29.32 -8.73
CA ASP F 428 50.60 28.90 -9.74
C ASP F 428 49.95 27.98 -10.77
N VAL F 429 49.08 27.07 -10.33
CA VAL F 429 48.53 26.04 -11.23
C VAL F 429 47.77 26.67 -12.39
N ILE F 430 46.95 27.69 -12.10
CA ILE F 430 46.19 28.35 -13.16
C ILE F 430 47.12 28.99 -14.17
N GLU F 431 48.14 29.70 -13.70
CA GLU F 431 49.11 30.35 -14.59
C GLU F 431 49.75 29.34 -15.53
N GLU F 432 50.16 28.19 -15.01
CA GLU F 432 50.64 27.12 -15.87
C GLU F 432 49.57 26.69 -16.86
N LEU F 433 48.36 26.42 -16.35
CA LEU F 433 47.31 25.88 -17.21
C LEU F 433 46.92 26.85 -18.31
N GLU F 434 46.71 28.13 -17.99
CA GLU F 434 46.33 29.08 -19.04
C GLU F 434 47.46 29.23 -20.06
N THR F 435 48.70 29.37 -19.61
CA THR F 435 49.81 29.50 -20.56
C THR F 435 50.00 28.24 -21.39
N LYS F 436 49.73 27.07 -20.81
CA LYS F 436 49.86 25.83 -21.58
C LYS F 436 48.84 25.77 -22.72
N ILE F 437 47.58 26.10 -22.44
CA ILE F 437 46.54 26.02 -23.46
C ILE F 437 46.75 27.07 -24.55
N ILE F 438 47.16 28.28 -24.17
CA ILE F 438 47.48 29.26 -25.22
C ILE F 438 48.72 28.81 -25.98
N ARG F 439 49.68 28.19 -25.29
CA ARG F 439 50.83 27.58 -25.95
C ARG F 439 50.49 26.23 -26.59
N TYR F 440 49.22 25.83 -26.55
CA TYR F 440 48.79 24.61 -27.22
C TYR F 440 48.55 24.82 -28.70
N ILE F 441 48.08 26.02 -29.07
CA ILE F 441 47.62 26.28 -30.43
C ILE F 441 48.49 27.31 -31.15
N HIS F 442 49.34 28.06 -30.44
CA HIS F 442 49.87 29.32 -30.94
C HIS F 442 50.50 29.18 -32.32
N ASN F 443 51.63 28.48 -32.42
CA ASN F 443 52.11 28.08 -33.74
C ASN F 443 51.44 26.78 -34.21
N PRO F 444 51.52 25.67 -33.46
CA PRO F 444 51.04 24.39 -33.99
C PRO F 444 49.63 24.01 -33.60
N ALA F 445 49.08 22.99 -34.26
CA ALA F 445 47.93 22.25 -33.78
C ALA F 445 48.32 20.81 -33.45
N GLY F 446 49.55 20.63 -32.97
CA GLY F 446 50.11 19.31 -32.76
C GLY F 446 50.34 18.95 -31.31
N SER F 447 49.37 19.26 -30.45
CA SER F 447 49.42 18.90 -29.04
C SER F 447 48.12 18.21 -28.64
N ASP F 448 48.24 17.18 -27.80
CA ASP F 448 47.09 16.49 -27.23
C ASP F 448 46.94 16.99 -25.80
N ILE F 449 46.23 18.12 -25.66
CA ILE F 449 46.03 18.70 -24.33
C ILE F 449 44.92 18.00 -23.57
N HIS F 450 44.01 17.31 -24.26
CA HIS F 450 42.90 16.68 -23.57
C HIS F 450 43.39 15.70 -22.51
N SER F 451 44.38 14.87 -22.85
CA SER F 451 44.99 14.01 -21.85
C SER F 451 45.64 14.83 -20.74
N THR F 452 46.33 15.92 -21.11
CA THR F 452 46.82 16.85 -20.11
C THR F 452 45.67 17.48 -19.34
N LEU F 453 44.54 17.70 -20.03
CA LEU F 453 43.33 18.21 -19.39
C LEU F 453 42.59 17.10 -18.64
N ASN F 454 42.71 15.85 -19.11
CA ASN F 454 42.03 14.72 -18.49
C ASN F 454 42.53 14.42 -17.09
N LEU F 455 43.61 15.06 -16.65
CA LEU F 455 44.01 14.91 -15.25
C LEU F 455 42.93 15.41 -14.32
N TRP F 456 42.15 16.39 -14.78
CA TRP F 456 41.16 17.07 -13.96
C TRP F 456 39.74 16.59 -14.21
N THR F 457 39.53 15.72 -15.21
CA THR F 457 38.22 15.10 -15.43
C THR F 457 38.10 13.76 -14.72
N ALA F 458 39.21 13.02 -14.60
CA ALA F 458 39.20 11.73 -13.91
C ALA F 458 39.05 11.97 -12.41
N ASP F 459 37.86 12.42 -12.01
CA ASP F 459 37.62 12.88 -10.64
C ASP F 459 36.50 12.10 -9.98
MG MG G . -7.83 47.81 34.07
MG MG H . -40.96 -44.16 -36.37
MG MG I . 25.56 28.35 56.67
MG MG J . -7.96 23.42 -25.38
#